data_5YU4
#
_entry.id   5YU4
#
_cell.length_a   271.077
_cell.length_b   64.755
_cell.length_c   106.861
_cell.angle_alpha   90.00
_cell.angle_beta   104.14
_cell.angle_gamma   90.00
#
_symmetry.space_group_name_H-M   'C 1 2 1'
#
loop_
_entity.id
_entity.type
_entity.pdbx_description
1 polymer 'Lysine cyclodeaminase'
2 non-polymer 'SODIUM ION'
3 non-polymer NICOTINAMIDE-ADENINE-DINUCLEOTIDE
4 non-polymer '2,4-DIAMINOBUTYRIC ACID'
5 water water
#
_entity_poly.entity_id   1
_entity_poly.type   'polypeptide(L)'
_entity_poly.pdbx_seq_one_letter_code
;METWVLGRRDVAEVVAAVGRDELMRRIIDRLTGGLAEIGRGERHLSPLRGGLERSEPVPGIWEWMPHREPGDHITLKTVG
YSPANPARFGLPTILGTVARYDDTTGALTALMDGVLLTALRTGAASAVASRLLARPDSHTLGLIGTGAQAVTQLHALSLV
LPLQRALVWDTDPAHRESFARRAAFTGVSVEIAEPARIAAEADVISTATSVAVGQGPVLPDTGVREHLHINAVGADLVGK
TELPLGLLERAFVTADHPEQALREGECQQLSADRLGPQLAHLCADPAAAAGRQDTLSVFDSTGFAFEDALAMEVFLEAAA
ERDLGIRVGIEHHPGDALDPYALQ
;
_entity_poly.pdbx_strand_id   A,B,C,D
#
loop_
_chem_comp.id
_chem_comp.type
_chem_comp.name
_chem_comp.formula
NA non-polymer 'SODIUM ION' 'Na 1'
NAD non-polymer NICOTINAMIDE-ADENINE-DINUCLEOTIDE 'C21 H27 N7 O14 P2'
#
# COMPACT_ATOMS: atom_id res chain seq x y z
N MET A 1 -19.91 23.31 12.56
CA MET A 1 -19.08 23.08 11.39
C MET A 1 -17.66 22.72 11.80
N GLU A 2 -17.11 21.67 11.20
CA GLU A 2 -15.74 21.25 11.41
C GLU A 2 -15.08 21.01 10.06
N THR A 3 -13.75 21.01 10.06
CA THR A 3 -12.99 20.78 8.85
C THR A 3 -12.88 19.28 8.58
N TRP A 4 -13.14 18.90 7.35
CA TRP A 4 -12.92 17.52 6.89
C TRP A 4 -11.45 17.33 6.54
N VAL A 5 -10.74 16.55 7.34
CA VAL A 5 -9.33 16.28 7.14
C VAL A 5 -9.19 14.86 6.58
N LEU A 6 -8.55 14.75 5.41
CA LEU A 6 -8.16 13.46 4.83
C LEU A 6 -6.69 13.22 5.18
N GLY A 7 -6.43 12.31 6.11
CA GLY A 7 -5.05 11.98 6.40
C GLY A 7 -4.39 11.22 5.27
N ARG A 8 -3.06 11.11 5.35
CA ARG A 8 -2.29 10.33 4.38
C ARG A 8 -2.85 8.91 4.24
N ARG A 9 -3.30 8.33 5.36
CA ARG A 9 -3.92 7.00 5.32
C ARG A 9 -5.20 7.01 4.49
N ASP A 10 -6.03 8.06 4.63
CA ASP A 10 -7.26 8.13 3.86
C ASP A 10 -6.96 8.26 2.36
N VAL A 11 -5.96 9.08 2.02
CA VAL A 11 -5.58 9.22 0.63
C VAL A 11 -5.05 7.90 0.08
N ALA A 12 -4.21 7.21 0.85
CA ALA A 12 -3.72 5.89 0.44
C ALA A 12 -4.86 4.90 0.25
N GLU A 13 -5.89 4.97 1.10
CA GLU A 13 -7.00 4.02 0.95
C GLU A 13 -7.84 4.32 -0.28
N VAL A 14 -7.96 5.59 -0.67
CA VAL A 14 -8.63 5.91 -1.94
C VAL A 14 -7.89 5.27 -3.11
N VAL A 15 -6.56 5.41 -3.14
CA VAL A 15 -5.85 4.89 -4.31
C VAL A 15 -5.81 3.37 -4.26
N ALA A 16 -5.68 2.79 -3.05
CA ALA A 16 -5.74 1.33 -2.92
C ALA A 16 -7.08 0.77 -3.40
N ALA A 17 -8.19 1.38 -2.97
CA ALA A 17 -9.51 0.83 -3.32
C ALA A 17 -9.81 1.03 -4.80
N VAL A 18 -9.55 2.23 -5.31
CA VAL A 18 -9.89 2.58 -6.69
C VAL A 18 -8.88 2.00 -7.67
N GLY A 19 -7.60 1.96 -7.29
CA GLY A 19 -6.54 1.50 -8.18
C GLY A 19 -5.83 2.65 -8.88
N ARG A 20 -4.52 2.53 -9.06
CA ARG A 20 -3.74 3.60 -9.67
C ARG A 20 -4.22 3.93 -11.08
N ASP A 21 -4.51 2.91 -11.89
CA ASP A 21 -4.92 3.15 -13.27
C ASP A 21 -6.21 3.93 -13.33
N GLU A 22 -7.23 3.47 -12.61
CA GLU A 22 -8.55 4.09 -12.70
C GLU A 22 -8.55 5.49 -12.08
N LEU A 23 -7.82 5.67 -10.97
CA LEU A 23 -7.71 7.00 -10.36
C LEU A 23 -7.07 8.00 -11.32
N MET A 24 -5.97 7.59 -11.98
CA MET A 24 -5.31 8.47 -12.94
C MET A 24 -6.20 8.79 -14.13
N ARG A 25 -6.95 7.79 -14.62
CA ARG A 25 -7.91 8.02 -15.68
C ARG A 25 -8.95 9.05 -15.27
N ARG A 26 -9.50 8.94 -14.06
CA ARG A 26 -10.47 9.92 -13.61
C ARG A 26 -9.88 11.32 -13.63
N ILE A 27 -8.64 11.45 -13.19
CA ILE A 27 -8.02 12.78 -13.15
C ILE A 27 -7.73 13.27 -14.56
N ILE A 28 -7.27 12.38 -15.44
CA ILE A 28 -7.11 12.76 -16.84
C ILE A 28 -8.43 13.29 -17.41
N ASP A 29 -9.53 12.56 -17.15
CA ASP A 29 -10.83 12.94 -17.71
C ASP A 29 -11.32 14.27 -17.12
N ARG A 30 -11.23 14.44 -15.80
CA ARG A 30 -11.66 15.70 -15.20
C ARG A 30 -10.81 16.88 -15.66
N LEU A 31 -9.51 16.67 -15.81
CA LEU A 31 -8.61 17.70 -16.31
C LEU A 31 -8.98 18.10 -17.75
N THR A 32 -9.22 17.10 -18.59
CA THR A 32 -9.59 17.36 -19.98
C THR A 32 -10.88 18.16 -20.06
N GLY A 33 -11.90 17.75 -19.31
CA GLY A 33 -13.14 18.50 -19.30
C GLY A 33 -12.97 19.90 -18.75
N GLY A 34 -12.22 20.02 -17.65
CA GLY A 34 -12.01 21.35 -17.06
C GLY A 34 -11.24 22.28 -17.98
N LEU A 35 -10.21 21.76 -18.67
CA LEU A 35 -9.44 22.58 -19.61
C LEU A 35 -10.30 23.05 -20.77
N ALA A 36 -11.16 22.18 -21.30
CA ALA A 36 -12.06 22.57 -22.37
C ALA A 36 -13.01 23.68 -21.90
N GLU A 37 -13.52 23.56 -20.68
CA GLU A 37 -14.40 24.60 -20.15
C GLU A 37 -13.70 25.96 -20.10
N ILE A 38 -12.43 25.98 -19.66
CA ILE A 38 -11.66 27.22 -19.71
C ILE A 38 -11.55 27.70 -21.16
N GLY A 39 -11.17 26.79 -22.07
CA GLY A 39 -11.02 27.17 -23.46
C GLY A 39 -12.27 27.78 -24.06
N ARG A 40 -13.44 27.37 -23.57
CA ARG A 40 -14.72 27.92 -24.01
C ARG A 40 -15.10 29.17 -23.25
N GLY A 41 -14.21 29.70 -22.41
CA GLY A 41 -14.55 30.85 -21.60
C GLY A 41 -15.63 30.63 -20.58
N GLU A 42 -15.95 29.37 -20.24
CA GLU A 42 -16.86 29.08 -19.15
C GLU A 42 -16.17 29.14 -17.79
N ARG A 43 -14.85 29.02 -17.78
CA ARG A 43 -14.02 29.09 -16.59
C ARG A 43 -12.77 29.86 -16.96
N HIS A 44 -11.95 30.17 -15.95
CA HIS A 44 -10.80 31.03 -16.17
C HIS A 44 -9.56 30.44 -15.52
N LEU A 45 -8.41 30.70 -16.15
CA LEU A 45 -7.14 30.28 -15.57
C LEU A 45 -7.04 30.80 -14.15
N SER A 46 -6.35 30.03 -13.30
CA SER A 46 -6.07 30.50 -11.96
C SER A 46 -5.16 31.73 -12.02
N PRO A 47 -5.23 32.61 -11.02
CA PRO A 47 -4.26 33.71 -10.98
C PRO A 47 -2.85 33.16 -10.85
N LEU A 48 -1.88 34.02 -11.19
CA LEU A 48 -0.48 33.70 -11.01
C LEU A 48 -0.20 33.28 -9.58
N ARG A 49 0.50 32.16 -9.41
CA ARG A 49 0.91 31.79 -8.07
C ARG A 49 2.02 32.71 -7.60
N GLY A 50 2.35 32.60 -6.31
CA GLY A 50 3.48 33.32 -5.76
C GLY A 50 4.32 32.37 -4.93
N GLY A 51 5.49 32.84 -4.53
CA GLY A 51 6.33 31.98 -3.72
C GLY A 51 7.40 32.75 -2.98
N LEU A 52 8.09 32.02 -2.11
CA LEU A 52 9.25 32.50 -1.38
C LEU A 52 10.45 31.64 -1.76
N GLU A 53 11.49 32.28 -2.26
CA GLU A 53 12.73 31.56 -2.55
C GLU A 53 13.46 31.19 -1.25
N ARG A 54 14.10 30.03 -1.27
CA ARG A 54 14.88 29.53 -0.15
C ARG A 54 16.20 29.03 -0.72
N SER A 55 17.31 29.49 -0.16
CA SER A 55 18.60 29.17 -0.75
C SER A 55 19.30 28.00 -0.08
N GLU A 56 18.92 27.61 1.13
CA GLU A 56 19.61 26.52 1.77
C GLU A 56 18.71 25.31 1.96
N PRO A 57 19.25 24.08 1.90
CA PRO A 57 20.67 23.75 1.66
C PRO A 57 21.06 23.88 0.19
N VAL A 58 20.07 23.82 -0.70
CA VAL A 58 20.25 24.17 -2.11
C VAL A 58 19.06 25.03 -2.49
N PRO A 59 19.18 25.82 -3.57
CA PRO A 59 18.09 26.74 -3.91
C PRO A 59 16.78 26.01 -4.17
N GLY A 60 15.72 26.48 -3.51
CA GLY A 60 14.38 25.96 -3.69
C GLY A 60 13.36 27.06 -3.53
N ILE A 61 12.07 26.72 -3.52
CA ILE A 61 11.01 27.71 -3.43
C ILE A 61 9.81 27.07 -2.75
N TRP A 62 9.03 27.91 -2.05
CA TRP A 62 7.78 27.47 -1.43
C TRP A 62 6.67 28.38 -1.95
N GLU A 63 5.58 27.79 -2.44
CA GLU A 63 4.60 28.53 -3.23
C GLU A 63 3.17 28.30 -2.74
N TRP A 64 2.33 29.29 -3.00
CA TRP A 64 0.90 29.24 -2.71
C TRP A 64 0.15 29.43 -4.02
N MET A 65 -0.92 28.65 -4.19
CA MET A 65 -1.62 28.56 -5.48
C MET A 65 -3.13 28.53 -5.21
N PRO A 66 -3.81 29.67 -5.30
CA PRO A 66 -5.26 29.69 -5.10
C PRO A 66 -6.03 29.55 -6.40
N HIS A 67 -7.24 28.97 -6.28
CA HIS A 67 -8.21 28.98 -7.36
C HIS A 67 -9.62 29.07 -6.79
N ARG A 68 -10.39 30.03 -7.29
CA ARG A 68 -11.73 30.30 -6.78
C ARG A 68 -12.79 29.80 -7.76
N GLU A 69 -13.81 29.13 -7.24
CA GLU A 69 -15.06 28.89 -7.97
C GLU A 69 -16.12 29.79 -7.38
N PRO A 70 -16.48 30.89 -8.03
CA PRO A 70 -17.32 31.91 -7.40
C PRO A 70 -18.63 31.33 -6.86
N GLY A 71 -18.92 31.65 -5.61
CA GLY A 71 -20.11 31.18 -4.95
C GLY A 71 -20.02 29.78 -4.37
N ASP A 72 -18.94 29.05 -4.67
CA ASP A 72 -18.81 27.68 -4.20
C ASP A 72 -17.68 27.52 -3.20
N HIS A 73 -16.44 27.52 -3.66
CA HIS A 73 -15.32 27.31 -2.75
C HIS A 73 -14.04 27.89 -3.35
N ILE A 74 -13.04 27.98 -2.49
CA ILE A 74 -11.71 28.42 -2.89
C ILE A 74 -10.75 27.28 -2.54
N THR A 75 -9.88 26.95 -3.48
CA THR A 75 -8.84 25.95 -3.27
C THR A 75 -7.51 26.65 -3.11
N LEU A 76 -6.76 26.28 -2.09
CA LEU A 76 -5.39 26.76 -1.95
C LEU A 76 -4.45 25.59 -1.81
N LYS A 77 -3.51 25.47 -2.74
CA LYS A 77 -2.41 24.53 -2.58
C LYS A 77 -1.17 25.28 -2.12
N THR A 78 -0.56 24.77 -1.06
CA THR A 78 0.72 25.23 -0.57
C THR A 78 1.70 24.09 -0.85
N VAL A 79 2.84 24.42 -1.45
CA VAL A 79 3.71 23.37 -1.93
C VAL A 79 5.15 23.87 -1.95
N GLY A 80 6.06 23.03 -1.46
CA GLY A 80 7.47 23.34 -1.45
C GLY A 80 8.23 22.54 -2.49
N TYR A 81 9.25 23.17 -3.07
CA TYR A 81 10.22 22.51 -3.93
C TYR A 81 11.54 22.59 -3.20
N SER A 82 12.06 21.46 -2.76
CA SER A 82 13.27 21.40 -1.94
C SER A 82 14.13 20.25 -2.46
N PRO A 83 14.90 20.49 -3.52
CA PRO A 83 15.51 19.37 -4.26
C PRO A 83 16.57 18.61 -3.48
N ALA A 84 16.98 19.07 -2.30
CA ALA A 84 17.86 18.26 -1.46
C ALA A 84 17.09 17.33 -0.54
N ASN A 85 15.76 17.45 -0.50
CA ASN A 85 14.96 16.62 0.40
C ASN A 85 15.26 15.13 0.29
N PRO A 86 15.28 14.51 -0.91
CA PRO A 86 15.48 13.05 -0.96
C PRO A 86 16.80 12.59 -0.34
N ALA A 87 17.92 13.17 -0.76
CA ALA A 87 19.22 12.71 -0.30
C ALA A 87 19.48 13.12 1.15
N ARG A 88 19.03 14.32 1.56
CA ARG A 88 19.36 14.79 2.90
C ARG A 88 18.42 14.25 3.97
N PHE A 89 17.13 14.18 3.68
CA PHE A 89 16.13 13.86 4.69
C PHE A 89 15.24 12.68 4.32
N GLY A 90 15.42 12.07 3.15
CA GLY A 90 14.48 11.02 2.80
C GLY A 90 13.05 11.50 2.65
N LEU A 91 12.87 12.79 2.34
CA LEU A 91 11.58 13.38 2.07
C LEU A 91 11.45 13.66 0.57
N PRO A 92 10.23 13.68 0.04
CA PRO A 92 10.09 14.08 -1.37
C PRO A 92 10.52 15.52 -1.58
N THR A 93 11.10 15.78 -2.76
CA THR A 93 11.40 17.14 -3.17
C THR A 93 10.14 18.01 -3.13
N ILE A 94 9.03 17.48 -3.67
CA ILE A 94 7.76 18.19 -3.73
C ILE A 94 6.95 17.77 -2.52
N LEU A 95 6.67 18.73 -1.63
CA LEU A 95 5.97 18.48 -0.39
C LEU A 95 4.87 19.51 -0.27
N GLY A 96 3.63 19.07 -0.15
CA GLY A 96 2.55 20.05 -0.14
C GLY A 96 1.24 19.51 0.38
N THR A 97 0.28 20.42 0.49
CA THR A 97 -1.05 20.12 1.01
C THR A 97 -2.05 20.99 0.26
N VAL A 98 -3.31 20.56 0.25
CA VAL A 98 -4.36 21.27 -0.48
C VAL A 98 -5.54 21.47 0.46
N ALA A 99 -6.00 22.71 0.55
CA ALA A 99 -7.11 23.08 1.42
C ALA A 99 -8.27 23.62 0.61
N ARG A 100 -9.48 23.45 1.12
CA ARG A 100 -10.67 24.01 0.51
C ARG A 100 -11.35 24.92 1.51
N TYR A 101 -11.85 26.06 1.03
CA TYR A 101 -12.50 27.06 1.87
C TYR A 101 -13.87 27.38 1.28
N ASP A 102 -14.88 27.46 2.13
CA ASP A 102 -16.21 27.85 1.66
C ASP A 102 -16.16 29.29 1.14
N ASP A 103 -16.66 29.53 -0.06
CA ASP A 103 -16.61 30.86 -0.64
C ASP A 103 -17.58 31.82 0.01
N THR A 104 -18.66 31.32 0.61
CA THR A 104 -19.67 32.20 1.20
C THR A 104 -19.22 32.70 2.58
N THR A 105 -18.71 31.80 3.43
CA THR A 105 -18.35 32.17 4.78
C THR A 105 -16.85 32.33 4.99
N GLY A 106 -16.03 31.73 4.13
CA GLY A 106 -14.60 31.71 4.34
C GLY A 106 -14.09 30.54 5.15
N ALA A 107 -14.98 29.69 5.66
CA ALA A 107 -14.57 28.62 6.56
C ALA A 107 -13.74 27.58 5.82
N LEU A 108 -12.72 27.07 6.53
CA LEU A 108 -11.94 25.92 6.07
C LEU A 108 -12.76 24.65 6.18
N THR A 109 -13.16 24.09 5.03
CA THR A 109 -14.03 22.92 5.00
C THR A 109 -13.29 21.61 4.74
N ALA A 110 -12.13 21.63 4.09
CA ALA A 110 -11.42 20.38 3.78
C ALA A 110 -9.93 20.62 3.65
N LEU A 111 -9.16 19.60 4.04
CA LEU A 111 -7.70 19.63 4.01
C LEU A 111 -7.19 18.24 3.72
N MET A 112 -6.23 18.12 2.78
CA MET A 112 -5.67 16.81 2.41
C MET A 112 -4.23 16.94 1.90
N ASP A 113 -3.55 15.79 1.86
CA ASP A 113 -2.21 15.69 1.30
C ASP A 113 -2.16 16.30 -0.11
N GLY A 114 -1.05 16.99 -0.40
CA GLY A 114 -0.81 17.51 -1.74
C GLY A 114 0.25 16.74 -2.52
N VAL A 115 0.99 15.84 -1.83
CA VAL A 115 2.10 15.14 -2.47
C VAL A 115 1.62 14.21 -3.58
N LEU A 116 0.76 13.24 -3.23
CA LEU A 116 0.27 12.30 -4.25
C LEU A 116 -0.58 13.03 -5.30
N LEU A 117 -1.48 13.89 -4.85
CA LEU A 117 -2.33 14.64 -5.77
C LEU A 117 -1.51 15.40 -6.81
N THR A 118 -0.41 16.03 -6.39
CA THR A 118 0.42 16.79 -7.33
C THR A 118 1.00 15.88 -8.41
N ALA A 119 1.57 14.75 -8.00
CA ALA A 119 2.14 13.82 -8.97
C ALA A 119 1.08 13.31 -9.94
N LEU A 120 -0.15 13.08 -9.45
CA LEU A 120 -1.20 12.54 -10.31
C LEU A 120 -1.65 13.56 -11.36
N ARG A 121 -1.97 14.80 -10.94
CA ARG A 121 -2.46 15.76 -11.91
C ARG A 121 -1.35 16.25 -12.82
N THR A 122 -0.10 16.17 -12.38
CA THR A 122 1.00 16.57 -13.25
C THR A 122 1.24 15.54 -14.34
N GLY A 123 1.22 14.26 -13.98
CA GLY A 123 1.20 13.21 -14.99
C GLY A 123 -0.01 13.34 -15.90
N ALA A 124 -1.18 13.60 -15.31
CA ALA A 124 -2.40 13.69 -16.09
C ALA A 124 -2.34 14.82 -17.11
N ALA A 125 -1.79 15.98 -16.71
CA ALA A 125 -1.72 17.11 -17.63
C ALA A 125 -0.85 16.77 -18.84
N SER A 126 0.31 16.16 -18.60
CA SER A 126 1.13 15.67 -19.71
C SER A 126 0.35 14.71 -20.61
N ALA A 127 -0.53 13.88 -20.01
CA ALA A 127 -1.30 12.93 -20.81
C ALA A 127 -2.32 13.64 -21.68
N VAL A 128 -2.98 14.67 -21.14
CA VAL A 128 -3.93 15.45 -21.93
C VAL A 128 -3.22 16.07 -23.12
N ALA A 129 -2.07 16.68 -22.87
CA ALA A 129 -1.31 17.35 -23.92
C ALA A 129 -0.77 16.36 -24.94
N SER A 130 -0.20 15.24 -24.46
CA SER A 130 0.43 14.29 -25.38
C SER A 130 -0.60 13.56 -26.23
N ARG A 131 -1.80 13.37 -25.69
CA ARG A 131 -2.89 12.84 -26.50
C ARG A 131 -3.16 13.75 -27.70
N LEU A 132 -3.09 15.06 -27.48
CA LEU A 132 -3.36 16.00 -28.56
C LEU A 132 -2.17 16.11 -29.52
N LEU A 133 -0.96 16.00 -29.01
CA LEU A 133 0.22 16.41 -29.76
C LEU A 133 1.23 15.31 -30.03
N ALA A 134 1.14 14.15 -29.36
CA ALA A 134 2.03 13.06 -29.72
C ALA A 134 1.34 12.17 -30.75
N ARG A 135 2.15 11.51 -31.57
CA ARG A 135 1.61 10.52 -32.51
C ARG A 135 0.82 9.46 -31.76
N PRO A 136 -0.39 9.12 -32.21
CA PRO A 136 -1.18 8.12 -31.48
C PRO A 136 -0.50 6.76 -31.42
N ASP A 137 0.41 6.46 -32.33
CA ASP A 137 1.13 5.20 -32.28
C ASP A 137 2.51 5.36 -31.64
N SER A 138 2.72 6.41 -30.85
CA SER A 138 4.00 6.57 -30.14
C SER A 138 4.30 5.33 -29.32
N HIS A 139 5.54 4.84 -29.41
CA HIS A 139 5.91 3.61 -28.73
C HIS A 139 7.08 3.77 -27.78
N THR A 140 7.94 4.78 -27.98
CA THR A 140 9.12 4.95 -27.16
C THR A 140 8.99 6.27 -26.41
N LEU A 141 9.00 6.19 -25.09
CA LEU A 141 9.00 7.37 -24.22
C LEU A 141 10.41 7.62 -23.73
N GLY A 142 10.81 8.88 -23.72
CA GLY A 142 12.06 9.29 -23.12
C GLY A 142 11.76 10.07 -21.85
N LEU A 143 12.61 9.88 -20.83
CA LEU A 143 12.46 10.57 -19.56
C LEU A 143 13.82 11.11 -19.17
N ILE A 144 13.90 12.42 -18.94
CA ILE A 144 15.09 13.06 -18.40
C ILE A 144 14.72 13.58 -17.01
N GLY A 145 15.42 13.09 -16.00
CA GLY A 145 14.93 13.17 -14.64
C GLY A 145 14.09 11.96 -14.31
N THR A 146 14.58 11.09 -13.42
CA THR A 146 13.82 9.91 -13.03
C THR A 146 13.55 9.96 -11.53
N GLY A 147 13.01 11.08 -11.04
CA GLY A 147 12.57 11.23 -9.68
C GLY A 147 11.10 10.90 -9.51
N ALA A 148 10.43 11.65 -8.63
CA ALA A 148 9.02 11.37 -8.31
C ALA A 148 8.12 11.60 -9.51
N GLN A 149 8.23 12.78 -10.18
CA GLN A 149 7.29 13.07 -11.26
C GLN A 149 7.46 12.12 -12.43
N ALA A 150 8.69 11.66 -12.68
CA ALA A 150 8.90 10.74 -13.79
C ALA A 150 8.03 9.50 -13.64
N VAL A 151 7.76 9.09 -12.40
CA VAL A 151 6.89 7.93 -12.16
C VAL A 151 5.49 8.18 -12.72
N THR A 152 4.88 9.31 -12.37
CA THR A 152 3.52 9.54 -12.87
C THR A 152 3.51 10.03 -14.32
N GLN A 153 4.61 10.60 -14.82
CA GLN A 153 4.70 10.88 -16.25
C GLN A 153 4.62 9.59 -17.05
N LEU A 154 5.46 8.61 -16.72
CA LEU A 154 5.41 7.32 -17.38
C LEU A 154 4.03 6.69 -17.24
N HIS A 155 3.50 6.66 -16.01
CA HIS A 155 2.24 5.99 -15.77
C HIS A 155 1.11 6.63 -16.56
N ALA A 156 0.97 7.95 -16.47
CA ALA A 156 -0.12 8.62 -17.19
C ALA A 156 0.05 8.46 -18.70
N LEU A 157 1.27 8.65 -19.20
CA LEU A 157 1.45 8.52 -20.65
C LEU A 157 1.16 7.10 -21.11
N SER A 158 1.49 6.10 -20.29
CA SER A 158 1.23 4.72 -20.67
C SER A 158 -0.25 4.41 -20.78
N LEU A 159 -1.13 5.22 -20.15
CA LEU A 159 -2.58 5.01 -20.24
C LEU A 159 -3.21 5.66 -21.47
N VAL A 160 -2.51 6.56 -22.15
CA VAL A 160 -3.07 7.25 -23.31
C VAL A 160 -2.28 6.98 -24.59
N LEU A 161 -1.10 6.39 -24.52
CA LEU A 161 -0.27 6.04 -25.67
C LEU A 161 0.18 4.59 -25.58
N PRO A 162 0.29 3.88 -26.71
CA PRO A 162 0.73 2.48 -26.69
C PRO A 162 2.22 2.31 -26.41
N LEU A 163 2.69 2.88 -25.30
CA LEU A 163 4.11 2.82 -24.98
C LEU A 163 4.58 1.38 -24.84
N GLN A 164 5.77 1.11 -25.38
CA GLN A 164 6.40 -0.20 -25.28
C GLN A 164 7.73 -0.15 -24.52
N ARG A 165 8.36 1.01 -24.42
CA ARG A 165 9.60 1.09 -23.67
C ARG A 165 9.85 2.55 -23.31
N ALA A 166 10.67 2.73 -22.29
CA ALA A 166 11.06 4.04 -21.80
C ALA A 166 12.58 4.08 -21.76
N LEU A 167 13.16 5.07 -22.44
CA LEU A 167 14.59 5.37 -22.35
C LEU A 167 14.77 6.51 -21.36
N VAL A 168 15.61 6.32 -20.35
CA VAL A 168 15.57 7.19 -19.18
C VAL A 168 16.98 7.61 -18.77
N TRP A 169 17.10 8.85 -18.33
CA TRP A 169 18.37 9.34 -17.85
C TRP A 169 18.15 10.17 -16.59
N ASP A 170 19.13 10.12 -15.72
CA ASP A 170 19.20 11.00 -14.56
C ASP A 170 20.68 11.28 -14.32
N THR A 171 20.99 12.46 -13.80
CA THR A 171 22.38 12.76 -13.48
C THR A 171 22.86 12.02 -12.24
N ASP A 172 21.93 11.54 -11.42
CA ASP A 172 22.26 10.73 -10.27
C ASP A 172 22.21 9.26 -10.70
N PRO A 173 23.35 8.53 -10.69
CA PRO A 173 23.31 7.12 -11.10
C PRO A 173 22.33 6.28 -10.29
N ALA A 174 22.24 6.50 -8.98
CA ALA A 174 21.33 5.72 -8.17
C ALA A 174 19.87 6.00 -8.54
N HIS A 175 19.55 7.25 -8.88
CA HIS A 175 18.15 7.59 -9.18
C HIS A 175 17.71 6.97 -10.50
N ARG A 176 18.60 6.89 -11.49
CA ARG A 176 18.20 6.27 -12.74
C ARG A 176 18.22 4.75 -12.65
N GLU A 177 19.09 4.19 -11.79
CA GLU A 177 19.13 2.74 -11.65
C GLU A 177 17.91 2.21 -10.90
N SER A 178 17.32 3.02 -10.03
CA SER A 178 16.14 2.59 -9.30
C SER A 178 14.84 2.77 -10.05
N PHE A 179 14.87 3.43 -11.22
CA PHE A 179 13.61 3.81 -11.84
C PHE A 179 12.83 2.60 -12.35
N ALA A 180 13.55 1.59 -12.84
CA ALA A 180 12.86 0.41 -13.38
C ALA A 180 11.97 -0.24 -12.33
N ARG A 181 12.46 -0.38 -11.09
CA ARG A 181 11.66 -0.95 -10.01
C ARG A 181 10.40 -0.12 -9.76
N ARG A 182 10.58 1.19 -9.64
CA ARG A 182 9.45 2.08 -9.40
C ARG A 182 8.45 2.08 -10.56
N ALA A 183 8.89 1.76 -11.77
CA ALA A 183 8.05 1.77 -12.96
C ALA A 183 7.44 0.41 -13.31
N ALA A 184 7.83 -0.65 -12.60
CA ALA A 184 7.54 -2.01 -13.05
C ALA A 184 6.05 -2.25 -13.25
N PHE A 185 5.20 -1.66 -12.38
CA PHE A 185 3.77 -1.97 -12.43
C PHE A 185 3.14 -1.56 -13.75
N THR A 186 3.71 -0.58 -14.45
CA THR A 186 3.15 -0.12 -15.70
C THR A 186 3.35 -1.12 -16.83
N GLY A 187 4.26 -2.08 -16.66
CA GLY A 187 4.57 -2.99 -17.74
C GLY A 187 5.34 -2.37 -18.91
N VAL A 188 5.85 -1.16 -18.76
CA VAL A 188 6.66 -0.52 -19.80
C VAL A 188 8.12 -0.82 -19.48
N SER A 189 8.80 -1.54 -20.38
CA SER A 189 10.18 -1.87 -20.11
C SER A 189 11.00 -0.58 -20.06
N VAL A 190 11.99 -0.56 -19.18
CA VAL A 190 12.80 0.63 -18.92
C VAL A 190 14.23 0.33 -19.29
N GLU A 191 14.85 1.24 -20.04
CA GLU A 191 16.26 1.11 -20.38
C GLU A 191 16.96 2.44 -20.14
N ILE A 192 18.09 2.41 -19.45
CA ILE A 192 18.88 3.61 -19.22
C ILE A 192 19.59 4.00 -20.53
N ALA A 193 19.42 5.25 -20.93
CA ALA A 193 20.01 5.73 -22.17
C ALA A 193 20.36 7.20 -22.01
N GLU A 194 21.51 7.60 -22.57
CA GLU A 194 22.00 8.96 -22.43
C GLU A 194 21.11 9.95 -23.18
N PRO A 195 21.12 11.23 -22.77
CA PRO A 195 20.18 12.20 -23.36
C PRO A 195 20.23 12.27 -24.88
N ALA A 196 21.43 12.17 -25.48
CA ALA A 196 21.56 12.21 -26.93
C ALA A 196 20.82 11.04 -27.58
N ARG A 197 20.91 9.85 -26.98
CA ARG A 197 20.19 8.71 -27.53
C ARG A 197 18.68 8.87 -27.33
N ILE A 198 18.27 9.42 -26.18
CA ILE A 198 16.85 9.69 -25.94
C ILE A 198 16.32 10.67 -26.98
N ALA A 199 17.03 11.78 -27.18
CA ALA A 199 16.64 12.74 -28.22
C ALA A 199 16.44 12.05 -29.56
N ALA A 200 17.35 11.15 -29.94
CA ALA A 200 17.28 10.53 -31.27
C ALA A 200 16.13 9.54 -31.37
N GLU A 201 15.86 8.78 -30.29
CA GLU A 201 15.01 7.60 -30.44
C GLU A 201 13.59 7.76 -29.87
N ALA A 202 13.31 8.80 -29.09
CA ALA A 202 12.01 8.88 -28.43
C ALA A 202 10.93 9.45 -29.36
N ASP A 203 9.73 8.89 -29.25
CA ASP A 203 8.57 9.50 -29.89
C ASP A 203 7.95 10.60 -29.02
N VAL A 204 8.13 10.50 -27.71
CA VAL A 204 7.62 11.48 -26.75
C VAL A 204 8.59 11.51 -25.58
N ILE A 205 8.84 12.71 -25.06
CA ILE A 205 9.76 12.91 -23.94
C ILE A 205 9.05 13.72 -22.86
N SER A 206 9.32 13.41 -21.60
CA SER A 206 9.03 14.29 -20.48
C SER A 206 10.35 14.63 -19.80
N THR A 207 10.60 15.93 -19.60
CA THR A 207 11.72 16.39 -18.78
C THR A 207 11.14 16.85 -17.45
N ALA A 208 11.70 16.34 -16.35
CA ALA A 208 11.20 16.61 -15.01
C ALA A 208 12.38 16.46 -14.06
N THR A 209 13.25 17.46 -14.08
CA THR A 209 14.50 17.48 -13.34
C THR A 209 14.46 18.55 -12.25
N SER A 210 15.30 18.36 -11.26
CA SER A 210 15.63 19.45 -10.33
C SER A 210 16.89 20.19 -10.77
N VAL A 211 17.08 20.41 -12.08
CA VAL A 211 18.25 21.14 -12.56
C VAL A 211 18.24 22.55 -11.99
N ALA A 212 19.42 23.03 -11.60
CA ALA A 212 19.53 24.37 -11.04
C ALA A 212 19.29 25.45 -12.10
N VAL A 213 18.94 26.65 -11.63
CA VAL A 213 18.85 27.83 -12.48
C VAL A 213 20.13 27.96 -13.31
N GLY A 214 19.97 28.08 -14.63
CA GLY A 214 21.07 28.37 -15.51
C GLY A 214 21.93 27.19 -15.92
N GLN A 215 21.58 25.97 -15.50
CA GLN A 215 22.35 24.78 -15.84
C GLN A 215 21.66 23.90 -16.87
N GLY A 216 20.61 24.40 -17.55
CA GLY A 216 20.06 23.71 -18.69
C GLY A 216 20.97 23.90 -19.90
N PRO A 217 20.67 23.22 -21.02
CA PRO A 217 19.55 22.29 -21.15
C PRO A 217 19.89 20.90 -20.58
N VAL A 218 18.84 20.13 -20.25
CA VAL A 218 19.03 18.75 -19.83
C VAL A 218 18.87 17.78 -20.97
N LEU A 219 18.39 18.24 -22.11
CA LEU A 219 18.26 17.49 -23.35
C LEU A 219 19.08 18.24 -24.40
N PRO A 220 20.04 17.62 -25.09
CA PRO A 220 20.91 18.38 -25.99
C PRO A 220 20.21 18.78 -27.28
N ASP A 221 20.66 19.92 -27.82
CA ASP A 221 20.21 20.40 -29.13
C ASP A 221 20.82 19.53 -30.21
N THR A 222 20.12 18.46 -30.58
CA THR A 222 20.63 17.53 -31.58
C THR A 222 19.44 16.98 -32.37
N GLY A 223 19.71 15.95 -33.17
CA GLY A 223 18.66 15.31 -33.95
C GLY A 223 17.57 14.74 -33.07
N VAL A 224 16.31 15.01 -33.45
CA VAL A 224 15.15 14.43 -32.80
C VAL A 224 14.25 13.94 -33.93
N ARG A 225 13.33 13.05 -33.59
CA ARG A 225 12.39 12.61 -34.60
C ARG A 225 11.46 13.74 -34.96
N GLU A 226 11.01 13.72 -36.20
CA GLU A 226 10.26 14.85 -36.75
C GLU A 226 8.94 15.07 -36.02
N HIS A 227 8.35 14.02 -35.48
CA HIS A 227 7.05 14.05 -34.80
C HIS A 227 7.18 14.16 -33.29
N LEU A 228 8.38 14.38 -32.76
CA LEU A 228 8.61 14.39 -31.32
C LEU A 228 7.65 15.35 -30.60
N HIS A 229 7.05 14.86 -29.52
CA HIS A 229 6.37 15.73 -28.56
C HIS A 229 7.08 15.70 -27.22
N ILE A 230 7.35 16.88 -26.67
CA ILE A 230 8.05 17.01 -25.40
C ILE A 230 7.10 17.63 -24.38
N ASN A 231 6.92 16.97 -23.24
CA ASN A 231 6.31 17.60 -22.08
C ASN A 231 7.44 18.18 -21.23
N ALA A 232 7.52 19.51 -21.18
CA ALA A 232 8.52 20.18 -20.35
C ALA A 232 7.88 20.46 -18.99
N VAL A 233 8.28 19.68 -17.99
CA VAL A 233 7.57 19.63 -16.71
C VAL A 233 8.35 20.30 -15.58
N GLY A 234 9.68 20.22 -15.60
CA GLY A 234 10.52 20.89 -14.62
C GLY A 234 10.19 22.37 -14.54
N ALA A 235 9.96 22.85 -13.33
CA ALA A 235 9.48 24.20 -13.06
C ALA A 235 9.53 24.49 -11.57
N ASP A 236 10.23 25.56 -11.20
CA ASP A 236 10.30 26.00 -9.82
C ASP A 236 10.71 27.47 -9.75
N LEU A 237 12.00 27.71 -9.99
CA LEU A 237 12.60 29.02 -9.84
C LEU A 237 12.60 29.75 -11.17
N VAL A 238 12.35 31.07 -11.11
CA VAL A 238 12.63 31.91 -12.27
C VAL A 238 14.06 31.66 -12.70
N GLY A 239 14.28 31.48 -14.00
CA GLY A 239 15.60 31.21 -14.52
C GLY A 239 15.89 29.74 -14.74
N LYS A 240 15.00 28.84 -14.31
CA LYS A 240 15.20 27.41 -14.49
C LYS A 240 14.57 26.98 -15.81
N THR A 241 15.38 26.41 -16.69
CA THR A 241 14.87 25.88 -17.95
C THR A 241 15.48 24.51 -18.20
N GLU A 242 14.86 23.75 -19.11
CA GLU A 242 15.32 22.40 -19.38
C GLU A 242 15.65 22.13 -20.84
N LEU A 243 15.06 22.87 -21.78
CA LEU A 243 15.18 22.59 -23.20
C LEU A 243 16.11 23.58 -23.88
N PRO A 244 16.85 23.15 -24.92
CA PRO A 244 17.73 24.08 -25.63
C PRO A 244 16.90 25.06 -26.44
N LEU A 245 17.40 26.29 -26.55
CA LEU A 245 16.65 27.33 -27.26
C LEU A 245 16.40 26.93 -28.71
N GLY A 246 17.39 26.32 -29.37
CA GLY A 246 17.25 26.01 -30.77
C GLY A 246 16.10 25.06 -31.04
N LEU A 247 15.94 24.05 -30.19
CA LEU A 247 14.82 23.13 -30.31
C LEU A 247 13.50 23.84 -30.03
N LEU A 248 13.46 24.67 -28.99
CA LEU A 248 12.24 25.42 -28.66
C LEU A 248 11.79 26.30 -29.82
N GLU A 249 12.73 27.01 -30.45
CA GLU A 249 12.41 27.89 -31.57
C GLU A 249 11.87 27.14 -32.77
N ARG A 250 12.18 25.86 -32.91
CA ARG A 250 11.60 25.06 -33.99
C ARG A 250 10.26 24.43 -33.61
N ALA A 251 9.80 24.58 -32.37
CA ALA A 251 8.67 23.82 -31.84
C ALA A 251 7.36 24.58 -31.95
N PHE A 252 6.28 23.81 -32.07
CA PHE A 252 4.95 24.30 -31.73
C PHE A 252 4.79 24.20 -30.22
N VAL A 253 4.70 25.35 -29.54
CA VAL A 253 4.79 25.43 -28.08
C VAL A 253 3.42 25.81 -27.55
N THR A 254 2.84 24.95 -26.70
CA THR A 254 1.59 25.24 -26.02
C THR A 254 1.84 25.24 -24.51
N ALA A 255 1.43 26.31 -23.85
CA ALA A 255 1.64 26.41 -22.42
C ALA A 255 0.34 26.09 -21.68
N ASP A 256 0.46 25.57 -20.45
CA ASP A 256 -0.74 25.37 -19.68
C ASP A 256 -1.29 26.70 -19.18
N HIS A 257 -0.40 27.65 -18.90
CA HIS A 257 -0.76 28.94 -18.29
C HIS A 257 0.22 29.96 -18.88
N PRO A 258 -0.16 30.66 -19.94
CA PRO A 258 0.85 31.45 -20.69
C PRO A 258 1.60 32.45 -19.83
N GLU A 259 0.89 33.23 -19.00
CA GLU A 259 1.57 34.20 -18.17
C GLU A 259 2.52 33.52 -17.20
N GLN A 260 2.11 32.39 -16.63
CA GLN A 260 2.99 31.67 -15.72
C GLN A 260 4.17 31.07 -16.46
N ALA A 261 3.93 30.53 -17.66
CA ALA A 261 5.00 29.90 -18.42
C ALA A 261 6.04 30.92 -18.86
N LEU A 262 5.60 32.15 -19.20
CA LEU A 262 6.56 33.17 -19.59
C LEU A 262 7.49 33.54 -18.44
N ARG A 263 7.01 33.39 -17.20
CA ARG A 263 7.78 33.69 -16.00
C ARG A 263 8.62 32.50 -15.53
N GLU A 264 8.07 31.28 -15.60
CA GLU A 264 8.65 30.14 -14.91
C GLU A 264 8.81 28.90 -15.78
N GLY A 265 8.21 28.85 -16.97
CA GLY A 265 8.30 27.69 -17.83
C GLY A 265 9.41 27.83 -18.86
N GLU A 266 9.36 26.94 -19.87
CA GLU A 266 10.29 27.09 -20.99
C GLU A 266 10.06 28.41 -21.71
N CYS A 267 8.83 28.94 -21.66
CA CYS A 267 8.52 30.18 -22.37
C CYS A 267 9.32 31.38 -21.85
N GLN A 268 10.05 31.24 -20.73
CA GLN A 268 11.04 32.26 -20.36
C GLN A 268 12.02 32.55 -21.49
N GLN A 269 12.32 31.55 -22.31
CA GLN A 269 13.28 31.66 -23.39
C GLN A 269 12.71 32.26 -24.66
N LEU A 270 11.40 32.46 -24.72
CA LEU A 270 10.69 32.75 -25.95
C LEU A 270 10.05 34.13 -25.91
N SER A 271 9.95 34.74 -27.07
CA SER A 271 9.16 35.96 -27.19
C SER A 271 7.68 35.62 -27.08
N ALA A 272 6.93 36.47 -26.38
CA ALA A 272 5.53 36.16 -26.10
C ALA A 272 4.72 35.99 -27.38
N ASP A 273 5.13 36.61 -28.49
CA ASP A 273 4.38 36.50 -29.73
C ASP A 273 4.68 35.21 -30.49
N ARG A 274 5.57 34.34 -29.98
CA ARG A 274 5.82 33.04 -30.60
C ARG A 274 5.05 31.89 -29.92
N LEU A 275 4.22 32.18 -28.92
CA LEU A 275 3.47 31.13 -28.22
C LEU A 275 2.34 30.58 -29.08
N GLY A 276 2.19 29.26 -29.11
CA GLY A 276 1.01 28.65 -29.66
C GLY A 276 -0.17 28.87 -28.74
N PRO A 277 -1.38 28.50 -29.16
CA PRO A 277 -2.53 28.60 -28.25
C PRO A 277 -2.33 27.71 -27.03
N GLN A 278 -2.82 28.19 -25.89
CA GLN A 278 -2.66 27.47 -24.64
C GLN A 278 -3.43 26.15 -24.65
N LEU A 279 -3.05 25.27 -23.71
CA LEU A 279 -3.59 23.91 -23.71
C LEU A 279 -5.11 23.93 -23.65
N ALA A 280 -5.69 24.80 -22.82
CA ALA A 280 -7.14 24.88 -22.71
C ALA A 280 -7.78 25.15 -24.06
N HIS A 281 -7.15 26.01 -24.87
CA HIS A 281 -7.68 26.26 -26.21
C HIS A 281 -7.57 25.02 -27.08
N LEU A 282 -6.48 24.25 -26.93
CA LEU A 282 -6.40 23.00 -27.67
C LEU A 282 -7.52 22.04 -27.28
N CYS A 283 -7.90 22.04 -26.00
CA CYS A 283 -8.92 21.09 -25.56
C CYS A 283 -10.31 21.49 -26.03
N ALA A 284 -10.60 22.79 -26.06
CA ALA A 284 -11.92 23.24 -26.51
C ALA A 284 -12.05 23.20 -28.03
N ASP A 285 -11.00 23.52 -28.75
CA ASP A 285 -11.07 23.69 -30.21
C ASP A 285 -9.83 23.02 -30.82
N PRO A 286 -9.95 21.77 -31.26
CA PRO A 286 -8.78 21.02 -31.77
C PRO A 286 -8.24 21.51 -33.12
N ALA A 287 -8.88 22.50 -33.77
CA ALA A 287 -8.30 23.07 -34.98
C ALA A 287 -6.88 23.57 -34.73
N ALA A 288 -6.61 24.06 -33.51
CA ALA A 288 -5.31 24.61 -33.19
C ALA A 288 -4.21 23.54 -33.18
N ALA A 289 -4.53 22.31 -32.75
CA ALA A 289 -3.57 21.23 -32.72
C ALA A 289 -3.55 20.36 -33.98
N ALA A 290 -4.45 20.59 -34.93
CA ALA A 290 -4.59 19.69 -36.07
C ALA A 290 -3.33 19.74 -36.93
N GLY A 291 -2.70 18.57 -37.10
CA GLY A 291 -1.46 18.48 -37.84
C GLY A 291 -0.19 18.65 -37.00
N ARG A 292 -0.31 19.08 -35.75
CA ARG A 292 0.91 19.30 -34.96
C ARG A 292 1.50 18.01 -34.39
N GLN A 293 0.80 16.88 -34.50
CA GLN A 293 1.36 15.62 -34.04
C GLN A 293 2.57 15.21 -34.88
N ASP A 294 2.59 15.61 -36.16
CA ASP A 294 3.64 15.18 -37.08
C ASP A 294 4.86 16.09 -37.10
N THR A 295 4.85 17.19 -36.36
CA THR A 295 6.03 18.05 -36.25
C THR A 295 6.38 18.23 -34.79
N LEU A 296 7.52 18.85 -34.53
CA LEU A 296 8.01 18.98 -33.16
C LEU A 296 7.05 19.84 -32.34
N SER A 297 6.68 19.34 -31.16
CA SER A 297 5.81 20.09 -30.27
C SER A 297 6.35 20.00 -28.84
N VAL A 298 6.05 21.05 -28.07
CA VAL A 298 6.45 21.15 -26.66
C VAL A 298 5.23 21.62 -25.88
N PHE A 299 4.88 20.86 -24.83
CA PHE A 299 3.90 21.27 -23.83
C PHE A 299 4.70 21.87 -22.68
N ASP A 300 4.58 23.19 -22.50
CA ASP A 300 5.28 23.88 -21.42
C ASP A 300 4.40 23.80 -20.16
N SER A 301 4.77 22.92 -19.24
CA SER A 301 3.95 22.61 -18.07
C SER A 301 4.56 23.30 -16.85
N THR A 302 3.76 24.14 -16.19
CA THR A 302 4.12 24.74 -14.92
C THR A 302 3.21 24.32 -13.78
N GLY A 303 2.00 23.84 -14.08
CA GLY A 303 1.02 23.48 -13.07
C GLY A 303 0.30 24.70 -12.54
N PHE A 304 -1.01 24.60 -12.39
CA PHE A 304 -1.74 25.73 -11.82
C PHE A 304 -2.90 25.20 -10.99
N ALA A 305 -3.42 26.08 -10.14
CA ALA A 305 -4.23 25.65 -9.01
C ALA A 305 -5.53 24.97 -9.45
N PHE A 306 -6.11 25.39 -10.57
CA PHE A 306 -7.31 24.71 -11.07
C PHE A 306 -7.11 23.20 -11.19
N GLU A 307 -5.89 22.79 -11.60
CA GLU A 307 -5.61 21.36 -11.75
C GLU A 307 -5.66 20.67 -10.40
N ASP A 308 -5.15 21.34 -9.37
CA ASP A 308 -5.22 20.81 -8.01
C ASP A 308 -6.65 20.75 -7.50
N ALA A 309 -7.44 21.80 -7.77
CA ALA A 309 -8.85 21.80 -7.37
C ALA A 309 -9.58 20.62 -8.00
N LEU A 310 -9.30 20.34 -9.28
CA LEU A 310 -9.99 19.25 -9.95
C LEU A 310 -9.57 17.90 -9.38
N ALA A 311 -8.27 17.71 -9.16
CA ALA A 311 -7.81 16.45 -8.61
C ALA A 311 -8.31 16.27 -7.17
N MET A 312 -8.38 17.36 -6.41
CA MET A 312 -8.95 17.27 -5.07
C MET A 312 -10.40 16.84 -5.12
N GLU A 313 -11.16 17.36 -6.09
CA GLU A 313 -12.56 16.98 -6.22
C GLU A 313 -12.70 15.48 -6.50
N VAL A 314 -11.84 14.92 -7.35
CA VAL A 314 -11.86 13.48 -7.56
C VAL A 314 -11.62 12.74 -6.25
N PHE A 315 -10.64 13.20 -5.47
CA PHE A 315 -10.36 12.56 -4.18
C PHE A 315 -11.54 12.68 -3.22
N LEU A 316 -12.19 13.85 -3.18
CA LEU A 316 -13.26 14.06 -2.20
C LEU A 316 -14.52 13.29 -2.58
N GLU A 317 -14.77 13.13 -3.88
CA GLU A 317 -15.89 12.29 -4.30
C GLU A 317 -15.70 10.86 -3.81
N ALA A 318 -14.50 10.32 -4.00
CA ALA A 318 -14.24 8.96 -3.53
C ALA A 318 -14.24 8.89 -2.02
N ALA A 319 -13.66 9.89 -1.35
CA ALA A 319 -13.62 9.90 0.10
C ALA A 319 -15.03 10.04 0.69
N ALA A 320 -15.86 10.90 0.11
CA ALA A 320 -17.21 11.08 0.63
C ALA A 320 -18.02 9.80 0.46
N GLU A 321 -17.89 9.16 -0.70
CA GLU A 321 -18.60 7.91 -0.96
C GLU A 321 -18.19 6.82 0.02
N ARG A 322 -16.94 6.83 0.48
CA ARG A 322 -16.45 5.83 1.40
C ARG A 322 -16.43 6.31 2.85
N ASP A 323 -16.95 7.51 3.12
CA ASP A 323 -16.99 8.07 4.47
C ASP A 323 -15.59 8.07 5.11
N LEU A 324 -14.58 8.42 4.33
CA LEU A 324 -13.22 8.44 4.85
C LEU A 324 -12.89 9.80 5.47
N GLY A 325 -11.86 9.81 6.31
CA GLY A 325 -11.39 11.04 6.90
C GLY A 325 -12.01 11.33 8.26
N ILE A 326 -11.53 12.40 8.87
CA ILE A 326 -11.92 12.80 10.21
C ILE A 326 -12.42 14.23 10.18
N ARG A 327 -13.20 14.59 11.19
CA ARG A 327 -13.68 15.95 11.37
C ARG A 327 -12.96 16.56 12.56
N VAL A 328 -12.31 17.70 12.35
CA VAL A 328 -11.60 18.42 13.40
C VAL A 328 -12.12 19.85 13.48
N GLY A 329 -12.50 20.26 14.69
CA GLY A 329 -12.86 21.64 14.93
C GLY A 329 -11.60 22.46 15.07
N ILE A 330 -11.14 23.06 13.97
CA ILE A 330 -9.93 23.85 14.01
C ILE A 330 -10.24 25.32 14.21
N GLU A 331 -11.07 25.88 13.34
CA GLU A 331 -11.50 27.26 13.48
C GLU A 331 -12.31 27.43 14.75
N HIS A 332 -12.08 28.54 15.42
CA HIS A 332 -12.80 28.88 16.63
C HIS A 332 -14.06 29.66 16.21
N HIS A 333 -15.22 29.06 16.46
CA HIS A 333 -16.52 29.63 16.11
C HIS A 333 -17.21 30.03 17.41
N PRO A 334 -16.96 31.23 17.93
CA PRO A 334 -17.53 31.60 19.25
C PRO A 334 -19.05 31.62 19.22
N GLY A 335 -19.65 31.17 20.34
CA GLY A 335 -21.09 31.24 20.48
C GLY A 335 -21.64 32.62 20.17
N ASP A 336 -20.93 33.65 20.61
CA ASP A 336 -21.19 35.04 20.24
C ASP A 336 -20.21 35.41 19.11
N ALA A 337 -20.72 35.61 17.90
CA ALA A 337 -19.85 35.88 16.75
C ALA A 337 -19.06 37.17 16.88
N LEU A 338 -19.42 38.06 17.82
CA LEU A 338 -18.76 39.33 18.02
C LEU A 338 -17.85 39.31 19.25
N ASP A 339 -17.58 38.14 19.81
CA ASP A 339 -16.79 38.02 21.02
C ASP A 339 -15.71 36.97 20.77
N PRO A 340 -14.52 37.40 20.36
CA PRO A 340 -13.44 36.42 20.12
C PRO A 340 -13.10 35.59 21.32
N TYR A 341 -13.38 36.09 22.53
CA TYR A 341 -13.08 35.40 23.78
C TYR A 341 -14.19 34.45 24.26
N ALA A 342 -15.37 34.43 23.62
CA ALA A 342 -16.40 33.46 23.98
C ALA A 342 -15.96 32.10 23.44
N LEU A 343 -15.01 31.49 24.13
CA LEU A 343 -14.37 30.28 23.64
C LEU A 343 -15.27 29.06 23.71
N GLN A 344 -16.56 29.26 24.03
CA GLN A 344 -17.68 28.38 23.70
C GLN A 344 -17.32 26.99 23.14
N MET B 1 7.02 11.92 11.55
CA MET B 1 6.72 13.34 11.38
C MET B 1 5.25 13.57 11.05
N GLU B 2 4.48 14.05 12.03
CA GLU B 2 3.08 14.36 11.83
C GLU B 2 2.82 15.83 12.12
N THR B 3 1.69 16.31 11.61
CA THR B 3 1.32 17.71 11.80
C THR B 3 0.68 17.91 13.16
N TRP B 4 1.15 18.91 13.90
CA TRP B 4 0.57 19.28 15.18
C TRP B 4 -0.64 20.19 14.94
N VAL B 5 -1.84 19.74 15.34
CA VAL B 5 -3.06 20.51 15.13
C VAL B 5 -3.60 20.95 16.48
N LEU B 6 -3.80 22.25 16.64
CA LEU B 6 -4.48 22.81 17.79
C LEU B 6 -5.94 23.04 17.42
N GLY B 7 -6.84 22.35 18.11
CA GLY B 7 -8.25 22.58 17.87
C GLY B 7 -8.78 23.83 18.56
N ARG B 8 -10.03 24.16 18.23
CA ARG B 8 -10.74 25.23 18.94
C ARG B 8 -10.71 25.02 20.45
N ARG B 9 -10.82 23.77 20.90
CA ARG B 9 -10.82 23.51 22.33
C ARG B 9 -9.44 23.63 22.95
N ASP B 10 -8.38 23.39 22.18
CA ASP B 10 -7.03 23.61 22.71
C ASP B 10 -6.74 25.10 22.85
N VAL B 11 -7.17 25.89 21.88
CA VAL B 11 -7.01 27.34 21.95
C VAL B 11 -7.74 27.90 23.17
N ALA B 12 -8.95 27.37 23.44
CA ALA B 12 -9.69 27.78 24.64
C ALA B 12 -8.93 27.39 25.91
N GLU B 13 -8.35 26.19 25.94
CA GLU B 13 -7.55 25.79 27.10
C GLU B 13 -6.36 26.72 27.31
N VAL B 14 -5.71 27.13 26.22
CA VAL B 14 -4.57 28.04 26.35
C VAL B 14 -5.01 29.33 27.03
N VAL B 15 -6.12 29.91 26.57
CA VAL B 15 -6.61 31.15 27.17
C VAL B 15 -6.97 30.94 28.63
N ALA B 16 -7.71 29.86 28.93
CA ALA B 16 -8.15 29.64 30.29
C ALA B 16 -6.96 29.41 31.22
N ALA B 17 -5.94 28.70 30.74
CA ALA B 17 -4.79 28.39 31.58
C ALA B 17 -3.84 29.58 31.72
N VAL B 18 -3.65 30.35 30.65
CA VAL B 18 -2.72 31.48 30.73
C VAL B 18 -3.41 32.72 31.32
N GLY B 19 -4.69 32.91 31.03
CA GLY B 19 -5.39 34.14 31.38
C GLY B 19 -5.35 35.14 30.24
N ARG B 20 -6.41 35.95 30.13
CA ARG B 20 -6.51 36.85 28.99
C ARG B 20 -5.45 37.95 29.06
N ASP B 21 -5.28 38.58 30.23
CA ASP B 21 -4.31 39.67 30.34
C ASP B 21 -2.91 39.16 30.05
N GLU B 22 -2.53 38.02 30.64
CA GLU B 22 -1.20 37.49 30.43
C GLU B 22 -0.97 37.13 28.96
N LEU B 23 -1.96 36.48 28.34
CA LEU B 23 -1.83 36.09 26.94
C LEU B 23 -1.69 37.33 26.05
N MET B 24 -2.54 38.34 26.26
CA MET B 24 -2.42 39.58 25.51
C MET B 24 -1.07 40.25 25.73
N ARG B 25 -0.59 40.27 26.96
CA ARG B 25 0.70 40.91 27.24
C ARG B 25 1.85 40.15 26.59
N ARG B 26 1.77 38.83 26.51
CA ARG B 26 2.82 38.09 25.83
C ARG B 26 2.85 38.43 24.34
N ILE B 27 1.69 38.64 23.74
CA ILE B 27 1.64 38.94 22.31
C ILE B 27 2.09 40.39 22.06
N ILE B 28 1.69 41.32 22.93
CA ILE B 28 2.21 42.68 22.86
C ILE B 28 3.74 42.69 22.95
N ASP B 29 4.29 42.00 23.96
CA ASP B 29 5.74 41.97 24.15
C ASP B 29 6.44 41.41 22.91
N ARG B 30 5.95 40.26 22.39
CA ARG B 30 6.58 39.62 21.25
C ARG B 30 6.52 40.50 20.02
N LEU B 31 5.38 41.16 19.80
CA LEU B 31 5.22 42.05 18.64
C LEU B 31 6.10 43.28 18.76
N THR B 32 6.26 43.82 19.96
CA THR B 32 7.11 45.00 20.12
C THR B 32 8.57 44.68 19.77
N GLY B 33 9.08 43.56 20.29
CA GLY B 33 10.44 43.15 19.97
C GLY B 33 10.60 42.79 18.51
N GLY B 34 9.66 42.02 17.96
CA GLY B 34 9.72 41.69 16.55
C GLY B 34 9.72 42.91 15.64
N LEU B 35 8.83 43.87 15.92
CA LEU B 35 8.78 45.08 15.10
C LEU B 35 10.08 45.87 15.21
N ALA B 36 10.68 45.92 16.40
CA ALA B 36 11.94 46.61 16.56
C ALA B 36 13.04 45.94 15.74
N GLU B 37 13.04 44.60 15.72
CA GLU B 37 14.01 43.87 14.90
C GLU B 37 13.87 44.23 13.43
N ILE B 38 12.63 44.39 12.94
CA ILE B 38 12.43 44.93 11.60
C ILE B 38 12.98 46.35 11.52
N GLY B 39 12.67 47.18 12.53
CA GLY B 39 13.15 48.54 12.55
C GLY B 39 14.66 48.66 12.45
N ARG B 40 15.38 47.67 12.99
CA ARG B 40 16.84 47.68 13.01
C ARG B 40 17.45 46.89 11.86
N GLY B 41 16.64 46.44 10.91
CA GLY B 41 17.19 45.72 9.78
C GLY B 41 17.58 44.29 10.05
N GLU B 42 17.24 43.76 11.22
CA GLU B 42 17.51 42.36 11.54
C GLU B 42 16.44 41.44 10.99
N ARG B 43 15.26 41.94 10.69
CA ARG B 43 14.20 41.19 10.04
C ARG B 43 13.55 42.06 8.98
N HIS B 44 12.66 41.48 8.21
CA HIS B 44 12.06 42.19 7.09
C HIS B 44 10.54 42.08 7.11
N LEU B 45 9.89 43.10 6.58
CA LEU B 45 8.44 43.07 6.41
C LEU B 45 8.05 41.86 5.57
N SER B 46 6.92 41.26 5.93
CA SER B 46 6.34 40.21 5.12
C SER B 46 6.06 40.72 3.72
N PRO B 47 5.99 39.84 2.73
CA PRO B 47 5.55 40.26 1.40
C PRO B 47 4.09 40.69 1.43
N LEU B 48 3.71 41.44 0.40
CA LEU B 48 2.32 41.79 0.13
C LEU B 48 1.40 40.58 0.24
N ARG B 49 0.35 40.70 1.04
CA ARG B 49 -0.66 39.64 1.03
C ARG B 49 -1.44 39.67 -0.28
N GLY B 50 -2.03 38.53 -0.62
CA GLY B 50 -2.85 38.46 -1.81
C GLY B 50 -4.29 38.20 -1.42
N GLY B 51 -5.23 38.43 -2.33
CA GLY B 51 -6.63 38.32 -1.96
C GLY B 51 -7.53 38.10 -3.16
N LEU B 52 -8.71 37.55 -2.87
CA LEU B 52 -9.78 37.34 -3.85
C LEU B 52 -11.04 38.00 -3.33
N GLU B 53 -11.56 38.96 -4.08
CA GLU B 53 -12.81 39.60 -3.72
C GLU B 53 -13.98 38.67 -4.00
N ARG B 54 -14.99 38.76 -3.14
CA ARG B 54 -16.23 38.02 -3.32
C ARG B 54 -17.38 39.00 -3.14
N SER B 55 -18.42 38.88 -3.95
CA SER B 55 -19.48 39.88 -3.95
C SER B 55 -20.74 39.44 -3.22
N GLU B 56 -20.90 38.15 -2.95
CA GLU B 56 -22.11 37.62 -2.34
C GLU B 56 -21.81 37.00 -0.98
N PRO B 57 -22.69 37.18 0.01
CA PRO B 57 -23.99 37.88 -0.07
C PRO B 57 -23.84 39.39 0.04
N VAL B 58 -22.71 39.82 0.59
CA VAL B 58 -22.26 41.21 0.54
C VAL B 58 -20.76 41.20 0.21
N PRO B 59 -20.24 42.33 -0.25
CA PRO B 59 -18.82 42.34 -0.66
C PRO B 59 -17.87 41.99 0.49
N GLY B 60 -16.97 41.06 0.21
CA GLY B 60 -15.94 40.64 1.14
C GLY B 60 -14.70 40.22 0.38
N ILE B 61 -13.72 39.64 1.08
CA ILE B 61 -12.47 39.24 0.47
C ILE B 61 -11.88 38.09 1.27
N TRP B 62 -11.18 37.20 0.58
CA TRP B 62 -10.45 36.11 1.22
C TRP B 62 -8.98 36.24 0.84
N GLU B 63 -8.10 36.13 1.84
CA GLU B 63 -6.71 36.55 1.67
C GLU B 63 -5.77 35.47 2.17
N TRP B 64 -4.57 35.47 1.60
CA TRP B 64 -3.48 34.64 2.08
C TRP B 64 -2.33 35.55 2.48
N MET B 65 -1.66 35.20 3.57
CA MET B 65 -0.69 36.08 4.22
C MET B 65 0.50 35.23 4.62
N PRO B 66 1.53 35.17 3.78
CA PRO B 66 2.73 34.41 4.11
C PRO B 66 3.81 35.25 4.76
N HIS B 67 4.60 34.57 5.61
CA HIS B 67 5.77 35.16 6.22
C HIS B 67 6.84 34.09 6.41
N ARG B 68 8.09 34.44 6.11
CA ARG B 68 9.20 33.50 6.15
C ARG B 68 10.20 33.89 7.23
N GLU B 69 10.49 32.96 8.15
CA GLU B 69 11.65 33.08 9.02
C GLU B 69 12.74 32.16 8.46
N PRO B 70 13.74 32.70 7.75
CA PRO B 70 14.67 31.84 7.01
C PRO B 70 15.41 30.84 7.89
N GLY B 71 15.43 29.59 7.44
CA GLY B 71 16.05 28.50 8.17
C GLY B 71 15.20 27.91 9.28
N ASP B 72 14.10 28.57 9.65
CA ASP B 72 13.21 28.05 10.68
C ASP B 72 11.90 27.60 10.06
N HIS B 73 10.99 28.53 9.80
CA HIS B 73 9.68 28.12 9.37
C HIS B 73 9.02 29.21 8.54
N ILE B 74 8.01 28.77 7.79
CA ILE B 74 7.16 29.65 7.01
C ILE B 74 5.78 29.60 7.63
N THR B 75 5.19 30.78 7.82
CA THR B 75 3.85 30.91 8.36
C THR B 75 2.92 31.36 7.25
N LEU B 76 1.71 30.80 7.21
CA LEU B 76 0.71 31.28 6.27
C LEU B 76 -0.62 31.36 6.99
N LYS B 77 -1.20 32.56 7.02
CA LYS B 77 -2.56 32.72 7.51
C LYS B 77 -3.49 32.84 6.31
N THR B 78 -4.54 32.03 6.32
CA THR B 78 -5.62 32.13 5.33
C THR B 78 -6.82 32.68 6.07
N VAL B 79 -7.35 33.82 5.62
CA VAL B 79 -8.34 34.53 6.41
C VAL B 79 -9.42 35.12 5.51
N GLY B 80 -10.67 34.95 5.90
CA GLY B 80 -11.79 35.54 5.19
C GLY B 80 -12.34 36.75 5.94
N TYR B 81 -12.79 37.74 5.16
CA TYR B 81 -13.58 38.86 5.65
C TYR B 81 -14.95 38.72 4.99
N SER B 82 -15.97 38.38 5.77
CA SER B 82 -17.30 38.13 5.24
C SER B 82 -18.27 38.82 6.18
N PRO B 83 -18.55 40.11 5.93
CA PRO B 83 -19.23 40.92 6.97
C PRO B 83 -20.68 40.54 7.22
N ALA B 84 -21.29 39.70 6.39
CA ALA B 84 -22.63 39.16 6.66
C ALA B 84 -22.59 37.87 7.50
N ASN B 85 -21.41 37.37 7.86
CA ASN B 85 -21.36 36.13 8.64
C ASN B 85 -22.09 36.21 9.97
N PRO B 86 -21.94 37.27 10.79
CA PRO B 86 -22.66 37.25 12.09
C PRO B 86 -24.15 37.17 11.93
N ALA B 87 -24.76 38.08 11.17
CA ALA B 87 -26.21 38.12 11.08
C ALA B 87 -26.76 36.93 10.31
N ARG B 88 -26.12 36.55 9.20
CA ARG B 88 -26.71 35.51 8.36
C ARG B 88 -26.39 34.10 8.86
N PHE B 89 -25.22 33.89 9.47
CA PHE B 89 -24.77 32.54 9.78
C PHE B 89 -24.36 32.35 11.23
N GLY B 90 -24.34 33.41 12.04
CA GLY B 90 -23.83 33.28 13.39
C GLY B 90 -22.37 32.93 13.47
N LEU B 91 -21.61 33.23 12.41
CA LEU B 91 -20.16 33.05 12.35
C LEU B 91 -19.47 34.40 12.45
N PRO B 92 -18.21 34.43 12.88
CA PRO B 92 -17.48 35.70 12.91
C PRO B 92 -17.25 36.20 11.49
N THR B 93 -17.20 37.54 11.36
CA THR B 93 -16.85 38.15 10.09
C THR B 93 -15.46 37.71 9.63
N ILE B 94 -14.52 37.68 10.56
CA ILE B 94 -13.15 37.29 10.27
C ILE B 94 -13.01 35.81 10.62
N LEU B 95 -12.77 34.98 9.62
CA LEU B 95 -12.64 33.54 9.80
C LEU B 95 -11.33 33.09 9.17
N GLY B 96 -10.48 32.42 9.95
CA GLY B 96 -9.21 32.03 9.37
C GLY B 96 -8.45 31.01 10.19
N THR B 97 -7.31 30.60 9.63
CA THR B 97 -6.45 29.56 10.17
C THR B 97 -5.01 29.91 9.85
N VAL B 98 -4.09 29.43 10.68
CA VAL B 98 -2.67 29.74 10.55
C VAL B 98 -1.89 28.44 10.47
N ALA B 99 -1.10 28.29 9.41
CA ALA B 99 -0.33 27.08 9.19
C ALA B 99 1.15 27.39 9.30
N ARG B 100 1.91 26.39 9.73
CA ARG B 100 3.36 26.54 9.86
C ARG B 100 4.04 25.41 9.10
N TYR B 101 5.02 25.78 8.27
CA TYR B 101 5.75 24.85 7.45
C TYR B 101 7.23 24.95 7.79
N ASP B 102 7.90 23.81 7.92
CA ASP B 102 9.34 23.83 8.08
C ASP B 102 10.00 24.48 6.87
N ASP B 103 10.88 25.45 7.12
CA ASP B 103 11.50 26.18 6.01
C ASP B 103 12.55 25.36 5.28
N THR B 104 13.19 24.41 5.96
CA THR B 104 14.21 23.60 5.30
C THR B 104 13.58 22.63 4.30
N THR B 105 12.56 21.90 4.73
CA THR B 105 11.99 20.83 3.94
C THR B 105 10.68 21.18 3.26
N GLY B 106 9.95 22.18 3.77
CA GLY B 106 8.61 22.47 3.31
C GLY B 106 7.50 21.77 4.06
N ALA B 107 7.83 20.87 5.00
CA ALA B 107 6.82 20.04 5.67
C ALA B 107 5.85 20.87 6.51
N LEU B 108 4.56 20.52 6.45
CA LEU B 108 3.55 21.15 7.29
C LEU B 108 3.70 20.66 8.73
N THR B 109 4.10 21.55 9.64
CA THR B 109 4.39 21.13 11.01
C THR B 109 3.29 21.50 12.01
N ALA B 110 2.51 22.55 11.76
CA ALA B 110 1.52 22.96 12.73
C ALA B 110 0.37 23.67 12.02
N LEU B 111 -0.81 23.56 12.62
CA LEU B 111 -2.02 24.18 12.11
C LEU B 111 -2.90 24.56 13.29
N MET B 112 -3.39 25.79 13.31
CA MET B 112 -4.24 26.24 14.41
C MET B 112 -5.28 27.22 13.92
N ASP B 113 -6.28 27.44 14.77
CA ASP B 113 -7.27 28.48 14.56
C ASP B 113 -6.60 29.85 14.36
N GLY B 114 -7.21 30.67 13.51
CA GLY B 114 -6.75 32.04 13.34
C GLY B 114 -7.72 33.11 13.80
N VAL B 115 -8.92 32.70 14.26
CA VAL B 115 -9.94 33.67 14.66
C VAL B 115 -9.49 34.44 15.89
N LEU B 116 -9.21 33.72 16.98
CA LEU B 116 -8.79 34.38 18.21
C LEU B 116 -7.40 35.01 18.06
N LEU B 117 -6.45 34.25 17.50
CA LEU B 117 -5.13 34.77 17.23
C LEU B 117 -5.18 36.11 16.49
N THR B 118 -6.05 36.22 15.46
CA THR B 118 -6.13 37.47 14.73
C THR B 118 -6.60 38.61 15.63
N ALA B 119 -7.63 38.38 16.44
CA ALA B 119 -8.12 39.44 17.30
C ALA B 119 -7.05 39.85 18.31
N LEU B 120 -6.34 38.87 18.88
CA LEU B 120 -5.28 39.17 19.84
C LEU B 120 -4.19 40.04 19.23
N ARG B 121 -3.60 39.63 18.08
CA ARG B 121 -2.47 40.41 17.60
C ARG B 121 -2.91 41.73 17.00
N THR B 122 -4.16 41.84 16.55
CA THR B 122 -4.63 43.12 16.02
C THR B 122 -4.81 44.14 17.15
N GLY B 123 -5.33 43.68 18.28
CA GLY B 123 -5.37 44.55 19.44
C GLY B 123 -3.98 44.87 19.94
N ALA B 124 -3.10 43.87 19.96
CA ALA B 124 -1.73 44.08 20.43
C ALA B 124 -1.00 45.11 19.58
N ALA B 125 -1.25 45.09 18.26
CA ALA B 125 -0.59 46.04 17.37
C ALA B 125 -1.03 47.47 17.66
N SER B 126 -2.33 47.66 17.90
CA SER B 126 -2.82 48.98 18.29
C SER B 126 -2.22 49.42 19.62
N ALA B 127 -2.09 48.49 20.57
CA ALA B 127 -1.44 48.80 21.84
C ALA B 127 0.00 49.24 21.63
N VAL B 128 0.74 48.55 20.76
CA VAL B 128 2.12 48.94 20.51
C VAL B 128 2.18 50.36 19.95
N ALA B 129 1.36 50.62 18.93
CA ALA B 129 1.38 51.93 18.30
C ALA B 129 0.93 53.02 19.26
N SER B 130 -0.07 52.72 20.09
CA SER B 130 -0.67 53.77 20.91
C SER B 130 0.19 54.10 22.12
N ARG B 131 0.87 53.10 22.67
CA ARG B 131 1.93 53.37 23.64
C ARG B 131 2.95 54.35 23.07
N LEU B 132 3.25 54.23 21.77
CA LEU B 132 4.22 55.14 21.16
C LEU B 132 3.63 56.53 20.87
N LEU B 133 2.38 56.60 20.40
CA LEU B 133 1.88 57.82 19.78
C LEU B 133 0.74 58.51 20.55
N ALA B 134 0.21 57.89 21.60
CA ALA B 134 -0.82 58.54 22.38
C ALA B 134 -0.20 59.11 23.64
N ARG B 135 -0.87 60.11 24.21
CA ARG B 135 -0.43 60.68 25.48
C ARG B 135 -0.43 59.58 26.55
N PRO B 136 0.65 59.43 27.32
CA PRO B 136 0.69 58.39 28.36
C PRO B 136 -0.42 58.50 29.40
N ASP B 137 -1.10 59.64 29.48
CA ASP B 137 -2.18 59.82 30.45
C ASP B 137 -3.56 59.79 29.80
N SER B 138 -3.65 59.26 28.58
CA SER B 138 -4.94 59.05 27.90
C SER B 138 -5.89 58.28 28.82
N HIS B 139 -7.07 58.85 29.07
CA HIS B 139 -8.07 58.20 29.90
C HIS B 139 -9.34 57.78 29.16
N THR B 140 -9.60 58.36 27.99
CA THR B 140 -10.84 58.09 27.25
C THR B 140 -10.50 57.47 25.91
N LEU B 141 -10.91 56.23 25.72
CA LEU B 141 -10.81 55.54 24.44
C LEU B 141 -12.14 55.66 23.70
N GLY B 142 -12.08 56.00 22.42
CA GLY B 142 -13.24 55.93 21.56
C GLY B 142 -13.15 54.70 20.66
N LEU B 143 -14.31 54.07 20.40
CA LEU B 143 -14.40 52.93 19.50
C LEU B 143 -15.52 53.17 18.50
N ILE B 144 -15.18 53.23 17.21
CA ILE B 144 -16.19 53.19 16.15
C ILE B 144 -16.19 51.79 15.57
N GLY B 145 -17.35 51.14 15.64
CA GLY B 145 -17.47 49.73 15.32
C GLY B 145 -17.26 48.95 16.59
N THR B 146 -18.30 48.21 17.03
CA THR B 146 -18.16 47.44 18.26
C THR B 146 -18.43 45.97 17.98
N GLY B 147 -17.77 45.42 16.96
CA GLY B 147 -17.84 44.00 16.70
C GLY B 147 -16.70 43.26 17.36
N ALA B 148 -16.14 42.27 16.64
CA ALA B 148 -15.12 41.40 17.23
C ALA B 148 -13.83 42.15 17.56
N GLN B 149 -13.31 42.93 16.60
CA GLN B 149 -12.03 43.59 16.83
C GLN B 149 -12.09 44.59 17.99
N ALA B 150 -13.23 45.26 18.16
CA ALA B 150 -13.33 46.26 19.22
C ALA B 150 -13.05 45.65 20.59
N VAL B 151 -13.43 44.40 20.79
CA VAL B 151 -13.21 43.73 22.07
C VAL B 151 -11.72 43.71 22.40
N THR B 152 -10.87 43.29 21.45
CA THR B 152 -9.44 43.23 21.73
C THR B 152 -8.77 44.60 21.59
N GLN B 153 -9.35 45.51 20.79
CA GLN B 153 -8.88 46.90 20.80
C GLN B 153 -8.94 47.45 22.22
N LEU B 154 -10.10 47.35 22.87
CA LEU B 154 -10.22 47.87 24.24
C LEU B 154 -9.35 47.08 25.21
N HIS B 155 -9.34 45.75 25.09
CA HIS B 155 -8.55 44.94 26.02
C HIS B 155 -7.07 45.32 25.96
N ALA B 156 -6.52 45.34 24.75
CA ALA B 156 -5.08 45.59 24.61
C ALA B 156 -4.72 47.01 25.03
N LEU B 157 -5.52 48.00 24.61
CA LEU B 157 -5.22 49.39 24.97
C LEU B 157 -5.39 49.62 26.46
N SER B 158 -6.27 48.87 27.12
CA SER B 158 -6.39 49.03 28.56
C SER B 158 -5.18 48.48 29.31
N LEU B 159 -4.33 47.70 28.64
CA LEU B 159 -3.14 47.19 29.29
C LEU B 159 -1.96 48.14 29.21
N VAL B 160 -1.97 49.09 28.27
CA VAL B 160 -0.85 49.99 28.08
C VAL B 160 -1.19 51.45 28.38
N LEU B 161 -2.47 51.78 28.56
CA LEU B 161 -2.91 53.14 28.86
C LEU B 161 -3.84 53.14 30.06
N PRO B 162 -3.84 54.23 30.85
CA PRO B 162 -4.71 54.33 32.04
C PRO B 162 -6.16 54.67 31.68
N LEU B 163 -6.79 53.81 30.90
CA LEU B 163 -8.15 54.05 30.42
C LEU B 163 -9.15 54.03 31.57
N GLN B 164 -9.95 55.09 31.66
CA GLN B 164 -11.07 55.18 32.60
C GLN B 164 -12.42 55.02 31.92
N ARG B 165 -12.47 55.13 30.59
CA ARG B 165 -13.73 55.34 29.91
C ARG B 165 -13.57 54.88 28.47
N ALA B 166 -14.57 54.19 27.94
CA ALA B 166 -14.63 53.90 26.50
C ALA B 166 -15.96 54.40 25.95
N LEU B 167 -15.89 55.33 25.01
CA LEU B 167 -17.06 55.84 24.31
C LEU B 167 -17.17 55.12 22.99
N VAL B 168 -18.29 54.40 22.77
CA VAL B 168 -18.36 53.48 21.64
C VAL B 168 -19.60 53.74 20.80
N TRP B 169 -19.47 53.51 19.50
CA TRP B 169 -20.57 53.61 18.56
C TRP B 169 -20.52 52.44 17.59
N ASP B 170 -21.70 52.03 17.15
CA ASP B 170 -21.87 51.05 16.09
C ASP B 170 -23.16 51.40 15.37
N THR B 171 -23.19 51.17 14.07
CA THR B 171 -24.42 51.46 13.32
C THR B 171 -25.54 50.47 13.63
N ASP B 172 -25.21 49.31 14.20
CA ASP B 172 -26.21 48.30 14.55
C ASP B 172 -26.51 48.41 16.04
N PRO B 173 -27.73 48.77 16.45
CA PRO B 173 -28.00 49.01 17.89
C PRO B 173 -27.77 47.80 18.77
N ALA B 174 -28.08 46.59 18.29
CA ALA B 174 -27.81 45.41 19.10
C ALA B 174 -26.32 45.22 19.32
N HIS B 175 -25.50 45.56 18.32
CA HIS B 175 -24.05 45.41 18.48
C HIS B 175 -23.50 46.41 19.48
N ARG B 176 -23.99 47.65 19.47
CA ARG B 176 -23.44 48.56 20.47
C ARG B 176 -24.01 48.29 21.86
N GLU B 177 -25.24 47.79 21.97
CA GLU B 177 -25.79 47.46 23.29
C GLU B 177 -25.08 46.28 23.92
N SER B 178 -24.66 45.30 23.12
CA SER B 178 -24.00 44.13 23.69
C SER B 178 -22.55 44.37 24.05
N PHE B 179 -21.95 45.47 23.57
CA PHE B 179 -20.50 45.60 23.72
C PHE B 179 -20.07 45.67 25.18
N ALA B 180 -20.85 46.36 26.03
CA ALA B 180 -20.44 46.50 27.43
C ALA B 180 -20.29 45.14 28.10
N ARG B 181 -21.17 44.20 27.78
CA ARG B 181 -21.06 42.85 28.34
C ARG B 181 -19.82 42.13 27.84
N ARG B 182 -19.56 42.21 26.53
CA ARG B 182 -18.35 41.60 25.99
C ARG B 182 -17.09 42.26 26.54
N ALA B 183 -17.18 43.51 26.98
CA ALA B 183 -16.01 44.25 27.45
C ALA B 183 -15.85 44.24 28.97
N ALA B 184 -16.78 43.63 29.70
CA ALA B 184 -16.82 43.76 31.16
C ALA B 184 -15.54 43.27 31.82
N PHE B 185 -14.92 42.23 31.28
CA PHE B 185 -13.71 41.68 31.91
C PHE B 185 -12.56 42.69 31.93
N THR B 186 -12.58 43.70 31.05
CA THR B 186 -11.52 44.70 31.05
C THR B 186 -11.64 45.67 32.22
N GLY B 187 -12.83 45.81 32.80
CA GLY B 187 -13.05 46.74 33.88
C GLY B 187 -13.29 48.17 33.44
N VAL B 188 -13.14 48.48 32.15
CA VAL B 188 -13.26 49.85 31.67
C VAL B 188 -14.73 50.16 31.42
N SER B 189 -15.23 51.23 32.04
CA SER B 189 -16.63 51.62 31.87
C SER B 189 -16.91 52.02 30.44
N VAL B 190 -17.92 51.38 29.84
CA VAL B 190 -18.32 51.63 28.45
C VAL B 190 -19.52 52.58 28.43
N GLU B 191 -19.49 53.56 27.52
CA GLU B 191 -20.62 54.45 27.22
C GLU B 191 -20.91 54.43 25.73
N ILE B 192 -22.18 54.34 25.38
CA ILE B 192 -22.55 54.55 23.98
C ILE B 192 -22.51 56.05 23.69
N ALA B 193 -21.91 56.41 22.56
CA ALA B 193 -21.73 57.81 22.20
C ALA B 193 -21.67 57.89 20.68
N GLU B 194 -22.31 58.91 20.13
CA GLU B 194 -22.32 59.09 18.69
C GLU B 194 -20.95 59.55 18.19
N PRO B 195 -20.65 59.35 16.90
CA PRO B 195 -19.30 59.65 16.42
C PRO B 195 -18.81 61.06 16.71
N ALA B 196 -19.67 62.08 16.57
CA ALA B 196 -19.21 63.44 16.85
C ALA B 196 -18.80 63.62 18.30
N ARG B 197 -19.50 62.97 19.23
CA ARG B 197 -19.08 63.07 20.64
C ARG B 197 -17.77 62.31 20.87
N ILE B 198 -17.59 61.17 20.21
CA ILE B 198 -16.36 60.41 20.33
C ILE B 198 -15.17 61.23 19.81
N ALA B 199 -15.36 61.87 18.65
CA ALA B 199 -14.32 62.73 18.10
C ALA B 199 -13.95 63.87 19.06
N ALA B 200 -14.94 64.43 19.75
CA ALA B 200 -14.67 65.58 20.61
C ALA B 200 -14.00 65.20 21.92
N GLU B 201 -14.25 64.00 22.44
CA GLU B 201 -13.84 63.70 23.80
C GLU B 201 -12.74 62.66 23.92
N ALA B 202 -12.49 61.87 22.88
CA ALA B 202 -11.53 60.77 23.00
C ALA B 202 -10.09 61.26 23.00
N ASP B 203 -9.27 60.63 23.84
CA ASP B 203 -7.80 60.74 23.77
C ASP B 203 -7.22 59.82 22.72
N VAL B 204 -7.78 58.62 22.58
CA VAL B 204 -7.39 57.59 21.62
C VAL B 204 -8.66 57.02 21.02
N ILE B 205 -8.62 56.72 19.72
CA ILE B 205 -9.73 56.10 19.03
C ILE B 205 -9.20 54.92 18.21
N SER B 206 -9.95 53.82 18.19
CA SER B 206 -9.77 52.78 17.19
C SER B 206 -11.04 52.71 16.33
N THR B 207 -10.87 52.81 15.01
CA THR B 207 -11.97 52.52 14.10
C THR B 207 -11.77 51.10 13.57
N ALA B 208 -12.82 50.29 13.66
CA ALA B 208 -12.73 48.88 13.28
C ALA B 208 -14.12 48.44 12.85
N THR B 209 -14.55 48.94 11.71
CA THR B 209 -15.90 48.72 11.20
C THR B 209 -15.86 47.82 9.97
N SER B 210 -17.03 47.26 9.66
CA SER B 210 -17.26 46.62 8.37
C SER B 210 -17.93 47.55 7.37
N VAL B 211 -17.63 48.85 7.43
CA VAL B 211 -18.20 49.79 6.47
C VAL B 211 -17.89 49.34 5.04
N ALA B 212 -18.85 49.55 4.14
CA ALA B 212 -18.69 49.18 2.75
C ALA B 212 -17.74 50.14 2.02
N VAL B 213 -17.20 49.65 0.89
CA VAL B 213 -16.34 50.47 0.04
C VAL B 213 -17.03 51.78 -0.30
N GLY B 214 -16.30 52.89 -0.13
CA GLY B 214 -16.83 54.19 -0.49
C GLY B 214 -17.93 54.74 0.41
N GLN B 215 -18.22 54.09 1.54
CA GLN B 215 -19.25 54.56 2.45
C GLN B 215 -18.69 55.25 3.68
N GLY B 216 -17.38 55.52 3.72
CA GLY B 216 -16.79 56.28 4.80
C GLY B 216 -17.01 57.77 4.64
N PRO B 217 -16.54 58.54 5.64
CA PRO B 217 -15.87 58.10 6.87
C PRO B 217 -16.86 57.65 7.94
N VAL B 218 -16.34 56.90 8.92
CA VAL B 218 -17.14 56.47 10.06
C VAL B 218 -17.00 57.41 11.24
N LEU B 219 -16.12 58.38 11.16
CA LEU B 219 -15.89 59.37 12.21
C LEU B 219 -15.89 60.71 11.50
N PRO B 220 -16.61 61.70 12.01
CA PRO B 220 -16.69 62.99 11.31
C PRO B 220 -15.43 63.81 11.47
N ASP B 221 -15.11 64.58 10.42
CA ASP B 221 -14.03 65.55 10.45
C ASP B 221 -14.52 66.77 11.21
N THR B 222 -14.46 66.69 12.53
CA THR B 222 -14.97 67.77 13.36
C THR B 222 -13.94 68.03 14.44
N GLY B 223 -14.37 68.63 15.55
CA GLY B 223 -13.45 69.00 16.59
C GLY B 223 -12.84 67.78 17.23
N VAL B 224 -11.53 67.64 17.12
CA VAL B 224 -10.82 66.57 17.81
C VAL B 224 -9.84 67.21 18.79
N ARG B 225 -9.53 66.48 19.85
CA ARG B 225 -8.51 66.96 20.75
C ARG B 225 -7.18 67.01 20.01
N GLU B 226 -6.32 67.94 20.42
CA GLU B 226 -5.08 68.20 19.70
C GLU B 226 -4.16 67.00 19.69
N HIS B 227 -4.19 66.19 20.75
CA HIS B 227 -3.27 65.07 20.93
C HIS B 227 -3.86 63.74 20.47
N LEU B 228 -5.02 63.77 19.81
CA LEU B 228 -5.71 62.54 19.48
C LEU B 228 -4.83 61.59 18.68
N HIS B 229 -4.74 60.34 19.13
CA HIS B 229 -4.16 59.25 18.33
C HIS B 229 -5.26 58.33 17.85
N ILE B 230 -5.23 57.97 16.56
CA ILE B 230 -6.23 57.08 15.97
C ILE B 230 -5.55 55.82 15.48
N ASN B 231 -6.04 54.66 15.92
CA ASN B 231 -5.73 53.40 15.27
C ASN B 231 -6.82 53.13 14.22
N ALA B 232 -6.43 53.23 12.95
CA ALA B 232 -7.31 52.91 11.84
C ALA B 232 -7.15 51.43 11.52
N VAL B 233 -8.09 50.62 11.99
CA VAL B 233 -7.93 49.17 12.01
C VAL B 233 -8.75 48.49 10.93
N GLY B 234 -9.92 49.05 10.60
CA GLY B 234 -10.73 48.51 9.53
C GLY B 234 -9.97 48.40 8.22
N ALA B 235 -10.01 47.22 7.60
CA ALA B 235 -9.27 46.97 6.35
C ALA B 235 -9.70 45.65 5.74
N ASP B 236 -10.08 45.70 4.47
CA ASP B 236 -10.50 44.50 3.73
C ASP B 236 -10.34 44.73 2.23
N LEU B 237 -11.31 45.40 1.62
CA LEU B 237 -11.32 45.64 0.18
C LEU B 237 -10.59 46.92 -0.22
N VAL B 238 -10.01 46.91 -1.43
CA VAL B 238 -9.56 48.15 -2.05
C VAL B 238 -10.74 49.10 -2.12
N GLY B 239 -10.53 50.36 -1.73
CA GLY B 239 -11.59 51.35 -1.71
C GLY B 239 -12.27 51.54 -0.37
N LYS B 240 -12.01 50.68 0.62
CA LYS B 240 -12.60 50.82 1.94
C LYS B 240 -11.71 51.72 2.80
N THR B 241 -12.30 52.79 3.36
CA THR B 241 -11.62 53.70 4.27
C THR B 241 -12.58 54.09 5.38
N GLU B 242 -12.03 54.65 6.44
CA GLU B 242 -12.82 54.97 7.62
C GLU B 242 -12.66 56.39 8.10
N LEU B 243 -11.59 57.10 7.73
CA LEU B 243 -11.27 58.40 8.27
C LEU B 243 -11.54 59.50 7.24
N PRO B 244 -11.91 60.70 7.70
CA PRO B 244 -12.07 61.82 6.76
C PRO B 244 -10.72 62.24 6.21
N LEU B 245 -10.70 62.53 4.91
CA LEU B 245 -9.47 62.93 4.23
C LEU B 245 -8.84 64.15 4.89
N GLY B 246 -9.66 65.13 5.28
CA GLY B 246 -9.12 66.34 5.90
C GLY B 246 -8.37 66.04 7.19
N LEU B 247 -8.90 65.13 8.00
CA LEU B 247 -8.20 64.71 9.21
C LEU B 247 -6.89 64.02 8.87
N LEU B 248 -6.94 63.07 7.91
CA LEU B 248 -5.75 62.33 7.52
C LEU B 248 -4.63 63.25 7.08
N GLU B 249 -4.96 64.28 6.30
CA GLU B 249 -3.95 65.18 5.75
C GLU B 249 -3.29 66.07 6.80
N ARG B 250 -3.93 66.27 7.96
CA ARG B 250 -3.34 67.02 9.08
C ARG B 250 -2.51 66.14 10.00
N ALA B 251 -2.61 64.83 9.89
CA ALA B 251 -2.07 63.93 10.90
C ALA B 251 -0.65 63.48 10.55
N PHE B 252 0.10 63.12 11.59
CA PHE B 252 1.26 62.25 11.42
C PHE B 252 0.76 60.82 11.22
N VAL B 253 1.13 60.18 10.12
CA VAL B 253 0.58 58.87 9.75
C VAL B 253 1.72 57.87 9.67
N THR B 254 1.58 56.76 10.40
CA THR B 254 2.52 55.65 10.32
C THR B 254 1.75 54.37 9.97
N ALA B 255 2.21 53.67 8.95
CA ALA B 255 1.60 52.41 8.53
C ALA B 255 2.34 51.24 9.18
N ASP B 256 1.62 50.14 9.40
CA ASP B 256 2.33 48.93 9.78
C ASP B 256 3.08 48.32 8.59
N HIS B 257 2.52 48.44 7.40
CA HIS B 257 3.08 47.78 6.21
C HIS B 257 2.79 48.72 5.05
N PRO B 258 3.76 49.55 4.66
CA PRO B 258 3.47 50.65 3.72
C PRO B 258 2.81 50.26 2.41
N GLU B 259 3.29 49.23 1.72
CA GLU B 259 2.65 48.89 0.45
C GLU B 259 1.24 48.35 0.66
N GLN B 260 1.00 47.62 1.75
CA GLN B 260 -0.36 47.16 2.02
C GLN B 260 -1.26 48.33 2.39
N ALA B 261 -0.77 49.24 3.23
CA ALA B 261 -1.54 50.42 3.60
C ALA B 261 -1.85 51.29 2.39
N LEU B 262 -0.88 51.44 1.48
CA LEU B 262 -1.12 52.17 0.23
C LEU B 262 -2.27 51.59 -0.56
N ARG B 263 -2.44 50.26 -0.51
CA ARG B 263 -3.49 49.61 -1.29
C ARG B 263 -4.78 49.42 -0.51
N GLU B 264 -4.70 49.19 0.81
CA GLU B 264 -5.86 48.74 1.60
C GLU B 264 -6.14 49.54 2.85
N GLY B 265 -5.21 50.40 3.28
CA GLY B 265 -5.39 51.19 4.47
C GLY B 265 -5.91 52.59 4.17
N GLU B 266 -5.90 53.41 5.22
CA GLU B 266 -6.23 54.82 5.05
C GLU B 266 -5.30 55.50 4.07
N CYS B 267 -4.07 55.01 3.93
CA CYS B 267 -3.10 55.61 3.01
C CYS B 267 -3.53 55.50 1.55
N GLN B 268 -4.57 54.71 1.24
CA GLN B 268 -5.23 54.81 -0.06
C GLN B 268 -5.60 56.25 -0.40
N GLN B 269 -5.95 57.05 0.61
CA GLN B 269 -6.36 58.43 0.39
C GLN B 269 -5.20 59.39 0.26
N LEU B 270 -3.98 58.96 0.52
CA LEU B 270 -2.83 59.85 0.58
C LEU B 270 -1.89 59.58 -0.59
N SER B 271 -1.01 60.54 -0.83
CA SER B 271 0.09 60.30 -1.75
C SER B 271 1.14 59.42 -1.08
N ALA B 272 1.79 58.59 -1.89
CA ALA B 272 2.84 57.70 -1.36
C ALA B 272 3.94 58.48 -0.64
N ASP B 273 4.20 59.71 -1.06
CA ASP B 273 5.31 60.48 -0.52
C ASP B 273 5.02 61.10 0.84
N ARG B 274 3.82 60.91 1.39
CA ARG B 274 3.37 61.69 2.54
C ARG B 274 3.38 60.91 3.85
N LEU B 275 3.74 59.62 3.85
CA LEU B 275 3.73 58.81 5.05
C LEU B 275 4.99 59.07 5.90
N GLY B 276 4.89 58.73 7.18
CA GLY B 276 6.03 58.76 8.07
C GLY B 276 6.83 57.47 8.03
N PRO B 277 7.80 57.35 8.94
CA PRO B 277 8.40 56.04 9.21
C PRO B 277 7.31 55.04 9.57
N GLN B 278 7.49 53.80 9.14
CA GLN B 278 6.53 52.76 9.48
C GLN B 278 6.68 52.38 10.95
N LEU B 279 5.69 51.62 11.46
CA LEU B 279 5.63 51.32 12.88
C LEU B 279 6.91 50.64 13.36
N ALA B 280 7.45 49.71 12.56
CA ALA B 280 8.69 49.02 12.93
C ALA B 280 9.80 50.00 13.27
N HIS B 281 9.91 51.08 12.50
CA HIS B 281 10.94 52.08 12.79
C HIS B 281 10.67 52.81 14.10
N LEU B 282 9.39 53.10 14.40
CA LEU B 282 9.09 53.78 15.65
C LEU B 282 9.37 52.90 16.86
N CYS B 283 9.17 51.58 16.72
CA CYS B 283 9.54 50.66 17.80
C CYS B 283 11.05 50.64 18.03
N ALA B 284 11.83 50.68 16.95
CA ALA B 284 13.29 50.65 17.09
C ALA B 284 13.81 51.94 17.71
N ASP B 285 13.20 53.08 17.40
CA ASP B 285 13.59 54.36 17.99
C ASP B 285 12.35 55.15 18.36
N PRO B 286 11.88 55.00 19.61
CA PRO B 286 10.68 55.74 20.02
C PRO B 286 10.86 57.26 19.99
N ALA B 287 12.09 57.76 19.87
CA ALA B 287 12.30 59.21 19.78
C ALA B 287 11.43 59.81 18.69
N ALA B 288 11.40 59.17 17.51
CA ALA B 288 10.58 59.66 16.41
C ALA B 288 9.09 59.72 16.77
N ALA B 289 8.66 59.01 17.80
CA ALA B 289 7.25 58.92 18.16
C ALA B 289 6.87 59.77 19.35
N ALA B 290 7.80 59.93 20.31
CA ALA B 290 7.49 60.72 21.51
C ALA B 290 7.04 62.13 21.14
N GLY B 291 7.67 62.73 20.12
CA GLY B 291 7.33 64.06 19.68
C GLY B 291 6.03 64.17 18.94
N ARG B 292 5.34 63.07 18.70
CA ARG B 292 4.03 63.10 18.05
C ARG B 292 2.90 62.80 19.03
N GLN B 293 3.22 62.55 20.31
CA GLN B 293 2.21 62.20 21.28
C GLN B 293 1.20 63.32 21.48
N ASP B 294 1.67 64.57 21.48
CA ASP B 294 0.84 65.73 21.73
C ASP B 294 0.27 66.33 20.45
N THR B 295 0.28 65.59 19.36
CA THR B 295 -0.31 66.07 18.11
C THR B 295 -1.14 64.95 17.51
N LEU B 296 -1.86 65.28 16.43
CA LEU B 296 -2.78 64.32 15.81
C LEU B 296 -1.99 63.24 15.10
N SER B 297 -2.21 61.99 15.50
CA SER B 297 -1.49 60.85 14.92
C SER B 297 -2.47 59.78 14.48
N VAL B 298 -2.15 59.09 13.40
CA VAL B 298 -2.93 57.96 12.88
C VAL B 298 -2.00 56.78 12.67
N PHE B 299 -2.30 55.65 13.34
CA PHE B 299 -1.68 54.37 13.01
C PHE B 299 -2.57 53.69 11.98
N ASP B 300 -2.05 53.53 10.76
CA ASP B 300 -2.79 52.89 9.69
C ASP B 300 -2.48 51.39 9.74
N SER B 301 -3.43 50.61 10.24
CA SER B 301 -3.25 49.20 10.51
C SER B 301 -3.93 48.38 9.42
N THR B 302 -3.17 47.51 8.77
CA THR B 302 -3.74 46.55 7.84
C THR B 302 -3.55 45.12 8.30
N GLY B 303 -2.65 44.86 9.24
CA GLY B 303 -2.28 43.51 9.62
C GLY B 303 -1.32 42.89 8.63
N PHE B 304 -0.27 42.25 9.10
CA PHE B 304 0.61 41.57 8.16
C PHE B 304 1.15 40.30 8.82
N ALA B 305 1.66 39.40 7.98
CA ALA B 305 1.76 38.00 8.35
C ALA B 305 2.72 37.79 9.52
N PHE B 306 3.72 38.66 9.65
CA PHE B 306 4.67 38.56 10.76
C PHE B 306 3.96 38.57 12.11
N GLU B 307 2.94 39.43 12.27
CA GLU B 307 2.20 39.47 13.52
C GLU B 307 1.52 38.14 13.80
N ASP B 308 1.01 37.49 12.76
CA ASP B 308 0.38 36.18 12.94
C ASP B 308 1.41 35.14 13.33
N ALA B 309 2.61 35.18 12.72
CA ALA B 309 3.65 34.21 13.07
C ALA B 309 4.11 34.38 14.52
N LEU B 310 4.22 35.64 14.99
CA LEU B 310 4.64 35.88 16.36
C LEU B 310 3.59 35.39 17.36
N ALA B 311 2.32 35.73 17.12
CA ALA B 311 1.25 35.31 18.02
C ALA B 311 1.07 33.79 18.00
N MET B 312 1.26 33.16 16.83
CA MET B 312 1.24 31.70 16.76
C MET B 312 2.32 31.08 17.65
N GLU B 313 3.53 31.64 17.62
CA GLU B 313 4.60 31.16 18.49
C GLU B 313 4.16 31.19 19.95
N VAL B 314 3.52 32.29 20.37
CA VAL B 314 3.05 32.40 21.75
C VAL B 314 2.10 31.26 22.08
N PHE B 315 1.16 30.98 21.17
CA PHE B 315 0.18 29.92 21.41
C PHE B 315 0.84 28.55 21.44
N LEU B 316 1.86 28.33 20.58
CA LEU B 316 2.48 27.01 20.52
C LEU B 316 3.33 26.74 21.76
N GLU B 317 4.01 27.77 22.27
CA GLU B 317 4.78 27.62 23.50
C GLU B 317 3.87 27.24 24.67
N ALA B 318 2.71 27.91 24.77
CA ALA B 318 1.77 27.62 25.86
C ALA B 318 1.12 26.26 25.68
N ALA B 319 0.84 25.88 24.44
CA ALA B 319 0.19 24.60 24.16
C ALA B 319 1.15 23.45 24.41
N ALA B 320 2.43 23.62 24.05
CA ALA B 320 3.41 22.56 24.29
C ALA B 320 3.59 22.31 25.78
N GLU B 321 3.69 23.38 26.57
CA GLU B 321 3.88 23.24 28.01
C GLU B 321 2.72 22.47 28.64
N ARG B 322 1.52 22.59 28.08
CA ARG B 322 0.35 21.91 28.60
C ARG B 322 -0.01 20.67 27.78
N ASP B 323 0.89 20.21 26.92
CA ASP B 323 0.69 18.99 26.13
C ASP B 323 -0.64 18.99 25.39
N LEU B 324 -1.00 20.13 24.80
CA LEU B 324 -2.30 20.21 24.13
C LEU B 324 -2.17 19.90 22.64
N GLY B 325 -3.31 19.68 22.00
CA GLY B 325 -3.38 19.46 20.58
C GLY B 325 -3.27 18.00 20.19
N ILE B 326 -3.58 17.73 18.93
CA ILE B 326 -3.47 16.39 18.37
C ILE B 326 -2.35 16.38 17.31
N ARG B 327 -2.00 15.17 16.88
CA ARG B 327 -1.01 14.94 15.83
C ARG B 327 -1.69 14.17 14.72
N VAL B 328 -1.68 14.74 13.52
CA VAL B 328 -2.36 14.15 12.37
C VAL B 328 -1.35 13.96 11.24
N GLY B 329 -1.30 12.75 10.70
CA GLY B 329 -0.52 12.50 9.50
C GLY B 329 -1.28 12.93 8.28
N ILE B 330 -1.00 14.13 7.80
CA ILE B 330 -1.71 14.71 6.65
C ILE B 330 -0.89 14.57 5.38
N GLU B 331 0.36 15.03 5.43
CA GLU B 331 1.26 14.95 4.28
C GLU B 331 1.72 13.53 4.03
N HIS B 332 1.76 13.16 2.76
CA HIS B 332 2.24 11.85 2.35
C HIS B 332 3.77 11.90 2.23
N HIS B 333 4.45 11.11 3.06
CA HIS B 333 5.90 10.94 3.00
C HIS B 333 6.16 9.50 2.54
N PRO B 334 6.29 9.26 1.24
CA PRO B 334 6.47 7.88 0.76
C PRO B 334 7.74 7.25 1.33
N GLY B 335 7.68 5.94 1.54
CA GLY B 335 8.85 5.22 2.01
C GLY B 335 10.04 5.36 1.08
N ASP B 336 9.77 5.60 -0.20
CA ASP B 336 10.79 5.89 -1.20
C ASP B 336 10.51 7.30 -1.69
N ALA B 337 11.42 8.23 -1.38
CA ALA B 337 11.18 9.65 -1.68
C ALA B 337 10.96 9.91 -3.17
N LEU B 338 11.47 9.03 -4.05
CA LEU B 338 11.31 9.18 -5.48
C LEU B 338 10.10 8.45 -6.02
N ASP B 339 9.29 7.86 -5.16
CA ASP B 339 8.14 7.07 -5.58
C ASP B 339 6.87 7.62 -4.94
N PRO B 340 6.11 8.46 -5.64
CA PRO B 340 4.88 8.99 -5.04
C PRO B 340 3.84 7.92 -4.73
N TYR B 341 3.94 6.74 -5.32
CA TYR B 341 2.98 5.67 -5.06
C TYR B 341 3.37 4.79 -3.89
N ALA B 342 4.56 4.98 -3.31
CA ALA B 342 5.00 4.19 -2.16
C ALA B 342 4.27 4.69 -0.91
N LEU B 343 3.02 4.28 -0.77
CA LEU B 343 2.21 4.81 0.31
C LEU B 343 2.44 4.03 1.60
N GLN B 344 2.33 4.74 2.72
CA GLN B 344 2.67 4.19 4.02
C GLN B 344 2.16 5.09 5.14
N MET C 1 13.18 -23.86 -19.59
CA MET C 1 11.96 -23.75 -18.79
C MET C 1 12.28 -23.43 -17.32
N GLU C 2 11.67 -22.35 -16.82
CA GLU C 2 11.94 -21.86 -15.48
C GLU C 2 10.63 -21.55 -14.78
N THR C 3 10.63 -21.66 -13.46
CA THR C 3 9.43 -21.32 -12.69
C THR C 3 9.20 -19.82 -12.67
N TRP C 4 7.96 -19.42 -12.93
CA TRP C 4 7.54 -18.03 -12.82
C TRP C 4 7.14 -17.75 -11.37
N VAL C 5 7.92 -16.94 -10.67
CA VAL C 5 7.70 -16.65 -9.27
C VAL C 5 7.18 -15.22 -9.14
N LEU C 6 6.02 -15.05 -8.51
CA LEU C 6 5.49 -13.73 -8.20
C LEU C 6 5.81 -13.40 -6.75
N GLY C 7 6.72 -12.45 -6.54
CA GLY C 7 7.03 -12.01 -5.19
C GLY C 7 5.89 -11.22 -4.56
N ARG C 8 5.95 -11.09 -3.23
CA ARG C 8 5.02 -10.22 -2.50
C ARG C 8 4.97 -8.83 -3.13
N ARG C 9 6.10 -8.33 -3.62
CA ARG C 9 6.12 -7.03 -4.27
C ARG C 9 5.36 -7.06 -5.60
N ASP C 10 5.40 -8.18 -6.33
CA ASP C 10 4.64 -8.26 -7.58
C ASP C 10 3.15 -8.32 -7.29
N VAL C 11 2.76 -9.05 -6.24
CA VAL C 11 1.36 -9.11 -5.84
C VAL C 11 0.90 -7.72 -5.39
N ALA C 12 1.71 -7.03 -4.59
CA ALA C 12 1.37 -5.66 -4.18
C ALA C 12 1.14 -4.75 -5.39
N GLU C 13 1.99 -4.86 -6.41
CA GLU C 13 1.86 -3.99 -7.58
C GLU C 13 0.63 -4.33 -8.41
N VAL C 14 0.24 -5.61 -8.49
CA VAL C 14 -1.02 -5.94 -9.17
C VAL C 14 -2.19 -5.29 -8.45
N VAL C 15 -2.22 -5.42 -7.12
CA VAL C 15 -3.33 -4.86 -6.34
C VAL C 15 -3.40 -3.36 -6.54
N ALA C 16 -2.25 -2.70 -6.47
CA ALA C 16 -2.21 -1.25 -6.52
C ALA C 16 -2.64 -0.75 -7.89
N ALA C 17 -2.14 -1.37 -8.96
CA ALA C 17 -2.51 -0.95 -10.30
C ALA C 17 -3.99 -1.16 -10.54
N VAL C 18 -4.48 -2.36 -10.23
CA VAL C 18 -5.85 -2.75 -10.59
C VAL C 18 -6.84 -2.22 -9.56
N GLY C 19 -6.44 -2.13 -8.30
CA GLY C 19 -7.33 -1.68 -7.25
C GLY C 19 -7.99 -2.84 -6.53
N ARG C 20 -8.28 -2.62 -5.24
CA ARG C 20 -8.94 -3.66 -4.45
C ARG C 20 -10.34 -3.99 -5.00
N ASP C 21 -11.13 -2.98 -5.36
CA ASP C 21 -12.51 -3.25 -5.75
C ASP C 21 -12.57 -4.10 -7.02
N GLU C 22 -11.78 -3.73 -8.02
CA GLU C 22 -11.82 -4.44 -9.29
C GLU C 22 -11.24 -5.85 -9.16
N LEU C 23 -10.16 -5.98 -8.40
CA LEU C 23 -9.58 -7.30 -8.15
C LEU C 23 -10.57 -8.21 -7.43
N MET C 24 -11.24 -7.70 -6.39
CA MET C 24 -12.26 -8.50 -5.70
C MET C 24 -13.40 -8.85 -6.65
N ARG C 25 -13.84 -7.89 -7.49
CA ARG C 25 -14.90 -8.18 -8.45
C ARG C 25 -14.51 -9.29 -9.42
N ARG C 26 -13.31 -9.19 -10.00
CA ARG C 26 -12.85 -10.25 -10.90
C ARG C 26 -12.93 -11.62 -10.24
N ILE C 27 -12.49 -11.71 -8.98
CA ILE C 27 -12.45 -13.00 -8.31
C ILE C 27 -13.86 -13.48 -7.99
N ILE C 28 -14.75 -12.56 -7.62
CA ILE C 28 -16.17 -12.92 -7.46
C ILE C 28 -16.74 -13.48 -8.75
N ASP C 29 -16.50 -12.79 -9.88
CA ASP C 29 -17.04 -13.26 -11.17
C ASP C 29 -16.45 -14.60 -11.56
N ARG C 30 -15.13 -14.75 -11.46
CA ARG C 30 -14.49 -16.01 -11.79
C ARG C 30 -15.01 -17.15 -10.93
N LEU C 31 -15.15 -16.90 -9.62
CA LEU C 31 -15.64 -17.94 -8.72
C LEU C 31 -17.08 -18.33 -9.06
N THR C 32 -17.93 -17.34 -9.31
CA THR C 32 -19.32 -17.61 -9.69
C THR C 32 -19.38 -18.49 -10.93
N GLY C 33 -18.65 -18.11 -11.99
CA GLY C 33 -18.66 -18.89 -13.21
C GLY C 33 -18.08 -20.28 -13.03
N GLY C 34 -17.00 -20.40 -12.26
CA GLY C 34 -16.41 -21.69 -12.02
C GLY C 34 -17.30 -22.62 -11.22
N LEU C 35 -17.94 -22.08 -10.18
CA LEU C 35 -18.88 -22.87 -9.39
C LEU C 35 -20.08 -23.31 -10.21
N ALA C 36 -20.58 -22.44 -11.09
CA ALA C 36 -21.69 -22.87 -11.94
C ALA C 36 -21.24 -23.97 -12.88
N GLU C 37 -19.99 -23.91 -13.35
CA GLU C 37 -19.45 -24.98 -14.17
C GLU C 37 -19.43 -26.30 -13.41
N ILE C 38 -18.96 -26.28 -12.16
CA ILE C 38 -19.03 -27.48 -11.34
C ILE C 38 -20.48 -27.94 -11.22
N GLY C 39 -21.39 -27.00 -10.93
CA GLY C 39 -22.80 -27.33 -10.75
C GLY C 39 -23.45 -27.91 -11.98
N ARG C 40 -22.86 -27.71 -13.16
CA ARG C 40 -23.32 -28.32 -14.41
C ARG C 40 -22.54 -29.59 -14.77
N GLY C 41 -21.56 -29.98 -13.96
CA GLY C 41 -20.76 -31.14 -14.26
C GLY C 41 -19.67 -30.93 -15.30
N GLU C 42 -19.33 -29.67 -15.61
CA GLU C 42 -18.28 -29.38 -16.57
C GLU C 42 -16.89 -29.32 -15.93
N ARG C 43 -16.84 -29.15 -14.60
CA ARG C 43 -15.64 -29.22 -13.80
C ARG C 43 -16.01 -29.96 -12.52
N HIS C 44 -15.00 -30.29 -11.71
CA HIS C 44 -15.25 -31.13 -10.54
C HIS C 44 -14.65 -30.53 -9.28
N LEU C 45 -15.35 -30.76 -8.18
CA LEU C 45 -14.83 -30.42 -6.86
C LEU C 45 -13.41 -30.95 -6.67
N SER C 46 -12.58 -30.18 -5.99
CA SER C 46 -11.25 -30.61 -5.64
C SER C 46 -11.34 -31.80 -4.68
N PRO C 47 -10.31 -32.64 -4.64
CA PRO C 47 -10.28 -33.69 -3.61
C PRO C 47 -10.21 -33.08 -2.22
N LEU C 48 -10.51 -33.91 -1.24
CA LEU C 48 -10.34 -33.58 0.17
C LEU C 48 -8.93 -33.08 0.44
N ARG C 49 -8.82 -31.98 1.15
CA ARG C 49 -7.49 -31.55 1.54
C ARG C 49 -6.97 -32.42 2.69
N GLY C 50 -5.66 -32.33 2.94
CA GLY C 50 -5.05 -33.00 4.06
C GLY C 50 -4.21 -32.00 4.85
N GLY C 51 -3.74 -32.46 6.01
CA GLY C 51 -3.01 -31.55 6.87
C GLY C 51 -2.41 -32.27 8.06
N LEU C 52 -1.52 -31.55 8.74
CA LEU C 52 -0.82 -32.02 9.93
C LEU C 52 -1.17 -31.11 11.09
N GLU C 53 -1.69 -31.68 12.16
CA GLU C 53 -2.04 -30.91 13.34
C GLU C 53 -0.78 -30.53 14.11
N ARG C 54 -0.78 -29.32 14.66
CA ARG C 54 0.33 -28.81 15.46
C ARG C 54 -0.24 -28.28 16.77
N SER C 55 0.27 -28.78 17.88
CA SER C 55 -0.29 -28.45 19.19
C SER C 55 0.23 -27.15 19.77
N GLU C 56 1.42 -26.72 19.37
CA GLU C 56 2.05 -25.56 19.96
C GLU C 56 2.38 -24.51 18.90
N PRO C 57 2.43 -23.21 19.25
CA PRO C 57 2.21 -22.62 20.59
C PRO C 57 0.81 -22.91 21.12
N VAL C 58 -0.17 -22.84 20.22
CA VAL C 58 -1.54 -23.25 20.53
C VAL C 58 -1.98 -24.16 19.37
N PRO C 59 -3.06 -24.92 19.49
CA PRO C 59 -3.41 -25.85 18.42
C PRO C 59 -3.70 -25.15 17.10
N GLY C 60 -3.07 -25.66 16.04
CA GLY C 60 -3.28 -25.17 14.69
C GLY C 60 -3.05 -26.30 13.72
N ILE C 61 -3.00 -26.01 12.43
CA ILE C 61 -2.87 -27.07 11.44
C ILE C 61 -2.16 -26.50 10.23
N TRP C 62 -1.45 -27.36 9.51
CA TRP C 62 -0.81 -26.97 8.27
C TRP C 62 -1.30 -27.92 7.19
N GLU C 63 -1.74 -27.38 6.06
CA GLU C 63 -2.55 -28.14 5.13
C GLU C 63 -2.04 -28.01 3.71
N TRP C 64 -2.25 -29.06 2.93
CA TRP C 64 -2.00 -29.06 1.50
C TRP C 64 -3.33 -29.24 0.80
N MET C 65 -3.57 -28.44 -0.25
CA MET C 65 -4.86 -28.36 -0.92
C MET C 65 -4.64 -28.47 -2.42
N PRO C 66 -4.75 -29.69 -2.96
CA PRO C 66 -4.55 -29.88 -4.40
C PRO C 66 -5.82 -29.69 -5.21
N HIS C 67 -5.65 -29.23 -6.45
CA HIS C 67 -6.71 -29.27 -7.45
C HIS C 67 -6.10 -29.55 -8.82
N ARG C 68 -6.67 -30.49 -9.55
CA ARG C 68 -6.14 -30.89 -10.85
C ARG C 68 -7.13 -30.55 -11.96
N GLU C 69 -6.61 -29.95 -13.04
CA GLU C 69 -7.31 -29.80 -14.31
C GLU C 69 -6.65 -30.74 -15.31
N PRO C 70 -7.20 -31.93 -15.53
CA PRO C 70 -6.50 -32.96 -16.31
C PRO C 70 -6.00 -32.45 -17.66
N GLY C 71 -4.73 -32.72 -17.95
CA GLY C 71 -4.09 -32.26 -19.16
C GLY C 71 -3.60 -30.82 -19.12
N ASP C 72 -3.98 -30.03 -18.10
CA ASP C 72 -3.58 -28.64 -18.05
C ASP C 72 -2.57 -28.48 -16.88
N HIS C 73 -3.02 -28.25 -15.66
CA HIS C 73 -2.09 -28.02 -14.56
C HIS C 73 -2.69 -28.58 -13.27
N ILE C 74 -1.82 -28.75 -12.30
CA ILE C 74 -2.19 -29.05 -10.92
C ILE C 74 -1.89 -27.81 -10.10
N THR C 75 -2.85 -27.41 -9.27
CA THR C 75 -2.63 -26.33 -8.31
C THR C 75 -2.48 -26.92 -6.91
N LEU C 76 -1.45 -26.48 -6.18
CA LEU C 76 -1.29 -26.89 -4.79
C LEU C 76 -1.13 -25.65 -3.92
N LYS C 77 -2.08 -25.44 -2.99
CA LYS C 77 -1.90 -24.44 -1.96
C LYS C 77 -1.42 -25.11 -0.68
N THR C 78 -0.34 -24.60 -0.12
CA THR C 78 0.14 -25.02 1.19
C THR C 78 -0.12 -23.87 2.15
N VAL C 79 -0.81 -24.14 3.25
CA VAL C 79 -1.34 -23.07 4.08
C VAL C 79 -1.32 -23.49 5.53
N GLY C 80 -0.86 -22.59 6.39
CA GLY C 80 -0.87 -22.81 7.82
C GLY C 80 -1.95 -22.00 8.51
N TYR C 81 -2.47 -22.56 9.58
CA TYR C 81 -3.36 -21.87 10.52
C TYR C 81 -2.65 -21.91 11.86
N SER C 82 -2.22 -20.74 12.33
CA SER C 82 -1.42 -20.62 13.56
C SER C 82 -1.94 -19.42 14.31
N PRO C 83 -2.98 -19.61 15.12
CA PRO C 83 -3.71 -18.45 15.66
C PRO C 83 -2.90 -17.60 16.64
N ALA C 84 -1.73 -18.05 17.09
CA ALA C 84 -0.85 -17.24 17.92
C ALA C 84 0.07 -16.35 17.09
N ASN C 85 0.11 -16.55 15.77
CA ASN C 85 1.01 -15.76 14.92
C ASN C 85 0.87 -14.25 15.11
N PRO C 86 -0.34 -13.68 15.15
CA PRO C 86 -0.41 -12.19 15.25
C PRO C 86 0.19 -11.64 16.53
N ALA C 87 -0.26 -12.11 17.70
CA ALA C 87 0.26 -11.58 18.96
C ALA C 87 1.73 -11.91 19.15
N ARG C 88 2.13 -13.14 18.84
CA ARG C 88 3.46 -13.60 19.22
C ARG C 88 4.55 -13.23 18.22
N PHE C 89 4.23 -13.17 16.92
CA PHE C 89 5.22 -12.95 15.88
C PHE C 89 4.91 -11.78 14.96
N GLY C 90 3.76 -11.14 15.11
CA GLY C 90 3.37 -10.15 14.12
C GLY C 90 3.14 -10.75 12.75
N LEU C 91 2.81 -12.04 12.68
CA LEU C 91 2.55 -12.72 11.44
C LEU C 91 1.06 -13.03 11.31
N PRO C 92 0.51 -13.05 10.10
CA PRO C 92 -0.90 -13.42 9.97
C PRO C 92 -1.12 -14.84 10.44
N THR C 93 -2.31 -15.07 10.99
CA THR C 93 -2.72 -16.42 11.38
C THR C 93 -2.68 -17.39 10.20
N ILE C 94 -3.17 -16.94 9.04
CA ILE C 94 -3.22 -17.74 7.83
C ILE C 94 -2.01 -17.36 6.99
N LEU C 95 -1.12 -18.32 6.77
CA LEU C 95 0.15 -18.06 6.08
C LEU C 95 0.34 -19.16 5.04
N GLY C 96 0.47 -18.80 3.77
CA GLY C 96 0.62 -19.85 2.79
C GLY C 96 1.04 -19.34 1.43
N THR C 97 1.18 -20.29 0.50
CA THR C 97 1.62 -20.02 -0.86
C THR C 97 0.88 -20.96 -1.80
N VAL C 98 0.85 -20.60 -3.08
CA VAL C 98 0.14 -21.38 -4.10
C VAL C 98 1.12 -21.68 -5.24
N ALA C 99 1.26 -22.96 -5.58
CA ALA C 99 2.12 -23.41 -6.66
C ALA C 99 1.28 -24.00 -7.78
N ARG C 100 1.77 -23.87 -9.02
CA ARG C 100 1.11 -24.48 -10.16
C ARG C 100 2.12 -25.35 -10.90
N TYR C 101 1.70 -26.58 -11.24
CA TYR C 101 2.56 -27.58 -11.87
C TYR C 101 1.92 -27.99 -13.19
N ASP C 102 2.77 -28.23 -14.19
CA ASP C 102 2.26 -28.71 -15.47
C ASP C 102 1.75 -30.13 -15.32
N ASP C 103 0.48 -30.36 -15.70
CA ASP C 103 -0.12 -31.66 -15.46
C ASP C 103 0.56 -32.75 -16.29
N THR C 104 1.03 -32.42 -17.49
CA THR C 104 1.59 -33.45 -18.36
C THR C 104 2.94 -33.94 -17.84
N THR C 105 3.83 -33.03 -17.45
CA THR C 105 5.20 -33.37 -17.11
C THR C 105 5.48 -33.33 -15.60
N GLY C 106 4.67 -32.63 -14.82
CA GLY C 106 4.94 -32.42 -13.42
C GLY C 106 5.75 -31.18 -13.09
N ALA C 107 6.20 -30.43 -14.09
CA ALA C 107 7.13 -29.33 -13.84
C ALA C 107 6.44 -28.19 -13.10
N LEU C 108 7.13 -27.67 -12.09
CA LEU C 108 6.67 -26.48 -11.37
C LEU C 108 6.76 -25.25 -12.27
N THR C 109 5.63 -24.66 -12.63
CA THR C 109 5.62 -23.56 -13.58
C THR C 109 5.38 -22.19 -12.94
N ALA C 110 4.71 -22.11 -11.80
CA ALA C 110 4.44 -20.82 -11.21
C ALA C 110 4.31 -20.97 -9.69
N LEU C 111 4.63 -19.90 -8.97
CA LEU C 111 4.60 -19.90 -7.52
C LEU C 111 4.31 -18.49 -7.03
N MET C 112 3.41 -18.34 -6.06
CA MET C 112 3.05 -17.01 -5.59
C MET C 112 2.55 -17.07 -4.14
N ASP C 113 2.44 -15.87 -3.56
CA ASP C 113 1.84 -15.71 -2.24
C ASP C 113 0.44 -16.28 -2.17
N GLY C 114 0.15 -16.95 -1.05
CA GLY C 114 -1.21 -17.38 -0.77
C GLY C 114 -1.97 -16.52 0.22
N VAL C 115 -1.28 -15.62 0.95
CA VAL C 115 -1.94 -14.87 2.03
C VAL C 115 -3.05 -13.98 1.48
N LEU C 116 -2.69 -13.03 0.61
CA LEU C 116 -3.70 -12.12 0.08
C LEU C 116 -4.73 -12.87 -0.75
N LEU C 117 -4.26 -13.81 -1.58
CA LEU C 117 -5.14 -14.57 -2.44
C LEU C 117 -6.20 -15.31 -1.63
N THR C 118 -5.80 -15.93 -0.51
CA THR C 118 -6.74 -16.64 0.35
C THR C 118 -7.84 -15.71 0.86
N ALA C 119 -7.44 -14.56 1.39
CA ALA C 119 -8.41 -13.62 1.93
C ALA C 119 -9.37 -13.16 0.84
N LEU C 120 -8.86 -12.93 -0.37
CA LEU C 120 -9.73 -12.46 -1.45
C LEU C 120 -10.76 -13.50 -1.84
N ARG C 121 -10.32 -14.74 -2.14
CA ARG C 121 -11.28 -15.72 -2.61
C ARG C 121 -12.22 -16.16 -1.49
N THR C 122 -11.80 -16.04 -0.24
CA THR C 122 -12.69 -16.39 0.88
C THR C 122 -13.78 -15.34 1.05
N GLY C 123 -13.41 -14.05 0.96
CA GLY C 123 -14.43 -13.02 0.89
C GLY C 123 -15.34 -13.22 -0.30
N ALA C 124 -14.76 -13.57 -1.45
CA ALA C 124 -15.57 -13.69 -2.67
C ALA C 124 -16.56 -14.84 -2.56
N ALA C 125 -16.13 -15.98 -1.99
CA ALA C 125 -17.05 -17.11 -1.82
C ALA C 125 -18.26 -16.72 -0.98
N SER C 126 -18.06 -15.94 0.10
CA SER C 126 -19.21 -15.49 0.89
C SER C 126 -20.11 -14.56 0.09
N ALA C 127 -19.52 -13.69 -0.73
CA ALA C 127 -20.32 -12.84 -1.59
C ALA C 127 -21.16 -13.66 -2.56
N VAL C 128 -20.56 -14.71 -3.16
CA VAL C 128 -21.32 -15.57 -4.07
C VAL C 128 -22.50 -16.21 -3.35
N ALA C 129 -22.26 -16.79 -2.17
CA ALA C 129 -23.33 -17.46 -1.44
C ALA C 129 -24.38 -16.47 -0.96
N SER C 130 -23.95 -15.26 -0.57
CA SER C 130 -24.89 -14.30 0.01
C SER C 130 -25.75 -13.63 -1.05
N ARG C 131 -25.20 -13.39 -2.23
CA ARG C 131 -26.02 -12.99 -3.36
C ARG C 131 -27.16 -13.97 -3.60
N LEU C 132 -26.87 -15.27 -3.48
CA LEU C 132 -27.89 -16.29 -3.70
C LEU C 132 -28.86 -16.38 -2.52
N LEU C 133 -28.37 -16.25 -1.29
CA LEU C 133 -29.16 -16.63 -0.12
C LEU C 133 -29.51 -15.49 0.84
N ALA C 134 -28.86 -14.34 0.75
CA ALA C 134 -29.31 -13.21 1.56
C ALA C 134 -30.43 -12.46 0.83
N ARG C 135 -31.19 -11.70 1.60
CA ARG C 135 -32.17 -10.82 0.99
C ARG C 135 -31.42 -9.75 0.21
N PRO C 136 -31.85 -9.43 -1.02
CA PRO C 136 -31.09 -8.45 -1.81
C PRO C 136 -31.13 -7.03 -1.25
N ASP C 137 -32.05 -6.74 -0.33
CA ASP C 137 -32.04 -5.45 0.36
C ASP C 137 -31.41 -5.53 1.76
N SER C 138 -30.60 -6.56 2.01
CA SER C 138 -29.88 -6.66 3.28
C SER C 138 -29.08 -5.38 3.55
N HIS C 139 -29.27 -4.80 4.74
CA HIS C 139 -28.62 -3.54 5.09
C HIS C 139 -27.62 -3.65 6.22
N THR C 140 -27.77 -4.63 7.10
CA THR C 140 -26.93 -4.74 8.29
C THR C 140 -26.18 -6.06 8.23
N LEU C 141 -24.85 -5.97 8.21
CA LEU C 141 -23.98 -7.14 8.26
C LEU C 141 -23.42 -7.28 9.67
N GLY C 142 -23.48 -8.49 10.22
CA GLY C 142 -22.81 -8.80 11.47
C GLY C 142 -21.50 -9.53 11.19
N LEU C 143 -20.47 -9.19 11.97
CA LEU C 143 -19.20 -9.89 11.89
C LEU C 143 -18.82 -10.38 13.26
N ILE C 144 -18.67 -11.70 13.43
CA ILE C 144 -18.11 -12.29 14.65
C ILE C 144 -16.70 -12.75 14.32
N GLY C 145 -15.72 -12.20 15.03
CA GLY C 145 -14.34 -12.33 14.64
C GLY C 145 -14.00 -11.18 13.71
N THR C 146 -13.10 -10.30 14.14
CA THR C 146 -12.72 -9.14 13.33
C THR C 146 -11.21 -9.16 13.07
N GLY C 147 -10.69 -10.32 12.68
CA GLY C 147 -9.30 -10.45 12.28
C GLY C 147 -9.12 -10.22 10.78
N ALA C 148 -8.25 -11.00 10.14
CA ALA C 148 -7.92 -10.76 8.74
C ALA C 148 -9.09 -11.12 7.80
N GLN C 149 -9.73 -12.27 7.99
CA GLN C 149 -10.81 -12.65 7.08
C GLN C 149 -11.96 -11.65 7.13
N ALA C 150 -12.24 -11.09 8.32
CA ALA C 150 -13.35 -10.16 8.45
C ALA C 150 -13.21 -8.99 7.47
N VAL C 151 -11.98 -8.56 7.21
CA VAL C 151 -11.76 -7.42 6.31
C VAL C 151 -12.30 -7.73 4.91
N THR C 152 -11.93 -8.89 4.35
CA THR C 152 -12.42 -9.21 3.02
C THR C 152 -13.86 -9.73 3.01
N GLN C 153 -14.33 -10.33 4.10
CA GLN C 153 -15.77 -10.60 4.23
C GLN C 153 -16.57 -9.32 4.02
N LEU C 154 -16.23 -8.28 4.77
CA LEU C 154 -16.97 -7.03 4.64
C LEU C 154 -16.78 -6.44 3.25
N HIS C 155 -15.56 -6.47 2.73
CA HIS C 155 -15.30 -5.85 1.44
C HIS C 155 -16.11 -6.53 0.35
N ALA C 156 -16.02 -7.85 0.26
CA ALA C 156 -16.74 -8.55 -0.80
C ALA C 156 -18.25 -8.39 -0.62
N LEU C 157 -18.77 -8.53 0.60
CA LEU C 157 -20.21 -8.39 0.78
C LEU C 157 -20.68 -6.99 0.45
N SER C 158 -19.87 -5.96 0.74
CA SER C 158 -20.24 -4.60 0.40
C SER C 158 -20.36 -4.40 -1.11
N LEU C 159 -19.74 -5.27 -1.89
CA LEU C 159 -19.82 -5.14 -3.34
C LEU C 159 -21.06 -5.78 -3.93
N VAL C 160 -21.70 -6.73 -3.23
CA VAL C 160 -22.84 -7.44 -3.80
C VAL C 160 -24.15 -7.12 -3.08
N LEU C 161 -24.12 -6.44 -1.94
CA LEU C 161 -25.33 -6.12 -1.19
C LEU C 161 -25.29 -4.66 -0.78
N PRO C 162 -26.45 -4.02 -0.62
CA PRO C 162 -26.47 -2.58 -0.29
C PRO C 162 -26.28 -2.33 1.21
N LEU C 163 -25.16 -2.83 1.73
CA LEU C 163 -24.90 -2.75 3.17
C LEU C 163 -24.74 -1.30 3.59
N GLN C 164 -25.42 -0.93 4.69
CA GLN C 164 -25.31 0.39 5.28
C GLN C 164 -24.48 0.41 6.56
N ARG C 165 -24.40 -0.71 7.28
CA ARG C 165 -23.58 -0.71 8.49
C ARG C 165 -23.16 -2.14 8.80
N ALA C 166 -22.09 -2.25 9.58
CA ALA C 166 -21.57 -3.53 10.05
C ALA C 166 -21.50 -3.50 11.57
N LEU C 167 -22.17 -4.45 12.21
CA LEU C 167 -22.10 -4.65 13.65
C LEU C 167 -21.08 -5.76 13.90
N VAL C 168 -20.03 -5.46 14.64
CA VAL C 168 -18.88 -6.36 14.71
C VAL C 168 -18.54 -6.67 16.17
N TRP C 169 -18.03 -7.88 16.38
CA TRP C 169 -17.59 -8.31 17.70
C TRP C 169 -16.35 -9.20 17.58
N ASP C 170 -15.49 -9.09 18.58
CA ASP C 170 -14.33 -9.97 18.73
C ASP C 170 -14.14 -10.14 20.21
N THR C 171 -13.72 -11.34 20.62
CA THR C 171 -13.36 -11.56 22.02
C THR C 171 -12.10 -10.80 22.44
N ASP C 172 -11.24 -10.39 21.51
CA ASP C 172 -10.09 -9.56 21.84
C ASP C 172 -10.48 -8.10 21.68
N PRO C 173 -10.51 -7.30 22.77
CA PRO C 173 -10.98 -5.90 22.63
C PRO C 173 -10.17 -5.08 21.64
N ALA C 174 -8.85 -5.29 21.58
CA ALA C 174 -8.04 -4.53 20.63
C ALA C 174 -8.34 -4.92 19.19
N HIS C 175 -8.69 -6.19 18.94
CA HIS C 175 -9.00 -6.59 17.57
C HIS C 175 -10.35 -6.00 17.12
N ARG C 176 -11.36 -6.01 18.00
CA ARG C 176 -12.62 -5.37 17.62
C ARG C 176 -12.45 -3.85 17.50
N GLU C 177 -11.56 -3.25 18.31
CA GLU C 177 -11.44 -1.79 18.30
C GLU C 177 -10.65 -1.28 17.10
N SER C 178 -9.71 -2.08 16.58
CA SER C 178 -8.95 -1.70 15.41
C SER C 178 -9.66 -1.99 14.08
N PHE C 179 -10.85 -2.59 14.10
CA PHE C 179 -11.44 -3.05 12.84
C PHE C 179 -11.94 -1.89 11.99
N ALA C 180 -12.54 -0.87 12.62
CA ALA C 180 -13.09 0.25 11.83
C ALA C 180 -12.03 0.90 10.95
N ARG C 181 -10.80 1.00 11.44
CA ARG C 181 -9.74 1.60 10.63
C ARG C 181 -9.30 0.67 9.50
N ARG C 182 -9.19 -0.65 9.78
CA ARG C 182 -8.86 -1.61 8.73
C ARG C 182 -9.96 -1.67 7.68
N ALA C 183 -11.20 -1.38 8.07
CA ALA C 183 -12.36 -1.56 7.20
C ALA C 183 -12.85 -0.27 6.58
N ALA C 184 -12.25 0.87 6.95
CA ALA C 184 -12.82 2.17 6.60
C ALA C 184 -13.02 2.33 5.10
N PHE C 185 -12.12 1.75 4.29
CA PHE C 185 -12.16 1.99 2.85
C PHE C 185 -13.42 1.44 2.20
N THR C 186 -14.09 0.46 2.82
CA THR C 186 -15.29 -0.12 2.21
C THR C 186 -16.49 0.80 2.25
N GLY C 187 -16.46 1.83 3.09
CA GLY C 187 -17.57 2.75 3.18
C GLY C 187 -18.71 2.31 4.06
N VAL C 188 -18.67 1.08 4.59
CA VAL C 188 -19.74 0.58 5.45
C VAL C 188 -19.43 0.98 6.88
N SER C 189 -20.32 1.74 7.51
CA SER C 189 -20.06 2.19 8.88
C SER C 189 -19.95 1.00 9.82
N VAL C 190 -18.98 1.07 10.72
CA VAL C 190 -18.68 0.01 11.66
C VAL C 190 -19.12 0.44 13.06
N GLU C 191 -19.87 -0.43 13.75
CA GLU C 191 -20.13 -0.29 15.18
C GLU C 191 -19.80 -1.58 15.89
N ILE C 192 -19.05 -1.47 17.00
CA ILE C 192 -18.88 -2.60 17.88
C ILE C 192 -20.23 -2.94 18.53
N ALA C 193 -20.61 -4.22 18.45
CA ALA C 193 -21.88 -4.66 19.03
C ALA C 193 -21.73 -6.09 19.56
N GLU C 194 -22.23 -6.32 20.78
CA GLU C 194 -22.35 -7.63 21.42
C GLU C 194 -23.00 -8.66 20.50
N PRO C 195 -22.61 -9.93 20.57
CA PRO C 195 -23.27 -10.95 19.73
C PRO C 195 -24.79 -10.95 19.81
N ALA C 196 -25.39 -10.80 21.00
CA ALA C 196 -26.84 -10.79 21.10
C ALA C 196 -27.45 -9.63 20.30
N ARG C 197 -26.75 -8.49 20.25
CA ARG C 197 -27.21 -7.39 19.41
C ARG C 197 -27.11 -7.74 17.93
N ILE C 198 -26.03 -8.42 17.55
CA ILE C 198 -25.86 -8.84 16.16
C ILE C 198 -26.98 -9.81 15.76
N ALA C 199 -27.30 -10.77 16.63
CA ALA C 199 -28.39 -11.71 16.36
C ALA C 199 -29.70 -10.98 16.11
N ALA C 200 -29.96 -9.88 16.84
CA ALA C 200 -31.22 -9.17 16.71
C ALA C 200 -31.28 -8.35 15.43
N GLU C 201 -30.17 -7.73 15.04
CA GLU C 201 -30.20 -6.69 14.02
C GLU C 201 -29.64 -7.10 12.66
N ALA C 202 -28.85 -8.16 12.57
CA ALA C 202 -28.16 -8.46 11.32
C ALA C 202 -29.07 -9.14 10.30
N ASP C 203 -28.95 -8.70 9.04
CA ASP C 203 -29.57 -9.40 7.91
C ASP C 203 -28.66 -10.47 7.32
N VAL C 204 -27.34 -10.32 7.47
CA VAL C 204 -26.32 -11.27 7.08
C VAL C 204 -25.28 -11.27 8.19
N ILE C 205 -24.69 -12.43 8.46
CA ILE C 205 -23.59 -12.54 9.41
C ILE C 205 -22.49 -13.38 8.76
N SER C 206 -21.24 -12.97 8.93
CA SER C 206 -20.11 -13.83 8.72
C SER C 206 -19.45 -14.12 10.06
N THR C 207 -19.26 -15.39 10.37
CA THR C 207 -18.44 -15.77 11.52
C THR C 207 -17.09 -16.20 10.96
N ALA C 208 -16.02 -15.57 11.46
CA ALA C 208 -14.68 -15.87 10.99
C ALA C 208 -13.71 -15.72 12.17
N THR C 209 -13.76 -16.68 13.11
CA THR C 209 -12.96 -16.63 14.32
C THR C 209 -11.89 -17.70 14.35
N SER C 210 -10.84 -17.42 15.12
CA SER C 210 -9.90 -18.45 15.55
C SER C 210 -10.37 -19.17 16.83
N VAL C 211 -11.68 -19.31 17.06
CA VAL C 211 -12.15 -19.98 18.27
C VAL C 211 -11.50 -21.36 18.36
N ALA C 212 -11.14 -21.75 19.59
CA ALA C 212 -10.55 -23.06 19.83
C ALA C 212 -11.61 -24.17 19.77
N VAL C 213 -11.15 -25.38 19.44
CA VAL C 213 -11.97 -26.57 19.62
C VAL C 213 -12.40 -26.63 21.06
N GLY C 214 -13.70 -26.84 21.28
CA GLY C 214 -14.24 -26.93 22.63
C GLY C 214 -14.62 -25.61 23.26
N GLN C 215 -14.44 -24.49 22.56
CA GLN C 215 -14.95 -23.22 23.03
C GLN C 215 -16.06 -22.75 22.09
N GLY C 216 -16.45 -21.49 22.19
CA GLY C 216 -17.65 -21.04 21.54
C GLY C 216 -18.86 -21.77 22.09
N PRO C 217 -20.01 -21.71 21.38
CA PRO C 217 -20.30 -21.01 20.13
C PRO C 217 -20.02 -19.52 20.18
N VAL C 218 -19.86 -18.91 19.01
CA VAL C 218 -19.47 -17.50 18.95
C VAL C 218 -20.68 -16.59 18.87
N LEU C 219 -21.88 -17.14 18.67
CA LEU C 219 -23.18 -16.48 18.79
C LEU C 219 -23.95 -17.12 19.94
N PRO C 220 -24.72 -16.36 20.70
CA PRO C 220 -25.56 -16.97 21.75
C PRO C 220 -26.68 -17.81 21.14
N ASP C 221 -27.18 -18.73 21.95
CA ASP C 221 -28.22 -19.67 21.52
C ASP C 221 -29.55 -18.93 21.59
N THR C 222 -29.79 -18.06 20.60
CA THR C 222 -30.97 -17.22 20.66
C THR C 222 -31.70 -17.18 19.32
N GLY C 223 -32.74 -16.36 19.21
CA GLY C 223 -33.39 -16.17 17.94
C GLY C 223 -32.63 -15.22 17.04
N VAL C 224 -32.93 -15.32 15.74
CA VAL C 224 -32.34 -14.44 14.74
C VAL C 224 -33.45 -13.93 13.84
N ARG C 225 -33.09 -12.99 12.97
CA ARG C 225 -34.06 -12.54 11.98
C ARG C 225 -34.44 -13.68 11.04
N GLU C 226 -35.70 -13.67 10.62
CA GLU C 226 -36.24 -14.82 9.91
C GLU C 226 -35.47 -15.10 8.63
N HIS C 227 -34.99 -14.05 7.97
CA HIS C 227 -34.34 -14.13 6.66
C HIS C 227 -32.82 -14.21 6.77
N LEU C 228 -32.29 -14.30 7.99
CA LEU C 228 -30.85 -14.23 8.20
C LEU C 228 -30.11 -15.21 7.31
N HIS C 229 -29.05 -14.73 6.68
CA HIS C 229 -28.10 -15.63 6.04
C HIS C 229 -26.77 -15.53 6.77
N ILE C 230 -26.17 -16.68 7.06
CA ILE C 230 -24.89 -16.77 7.76
C ILE C 230 -23.86 -17.39 6.83
N ASN C 231 -22.70 -16.72 6.69
CA ASN C 231 -21.51 -17.34 6.13
C ASN C 231 -20.67 -17.86 7.30
N ALA C 232 -20.67 -19.17 7.50
CA ALA C 232 -19.89 -19.77 8.59
C ALA C 232 -18.50 -20.07 8.02
N VAL C 233 -17.55 -19.19 8.32
CA VAL C 233 -16.28 -19.18 7.60
C VAL C 233 -15.14 -19.79 8.41
N GLY C 234 -15.12 -19.61 9.74
CA GLY C 234 -14.10 -20.21 10.58
C GLY C 234 -14.00 -21.71 10.39
N ALA C 235 -12.77 -22.19 10.22
CA ALA C 235 -12.51 -23.55 9.77
C ALA C 235 -11.01 -23.83 9.84
N ASP C 236 -10.64 -24.85 10.60
CA ASP C 236 -9.25 -25.26 10.72
C ASP C 236 -9.17 -26.70 11.21
N LEU C 237 -9.48 -26.89 12.48
CA LEU C 237 -9.27 -28.18 13.15
C LEU C 237 -10.57 -28.98 13.14
N VAL C 238 -10.44 -30.29 12.97
CA VAL C 238 -11.56 -31.17 13.22
C VAL C 238 -12.00 -30.93 14.65
N GLY C 239 -13.30 -30.76 14.84
CA GLY C 239 -13.84 -30.45 16.14
C GLY C 239 -14.21 -29.00 16.31
N LYS C 240 -13.72 -28.10 15.46
CA LYS C 240 -13.96 -26.67 15.60
C LYS C 240 -15.26 -26.30 14.89
N THR C 241 -16.19 -25.70 15.63
CA THR C 241 -17.39 -25.15 15.03
C THR C 241 -17.67 -23.79 15.69
N GLU C 242 -18.56 -23.01 15.07
CA GLU C 242 -18.84 -21.67 15.54
C GLU C 242 -20.28 -21.41 15.91
N LEU C 243 -21.28 -22.18 15.32
CA LEU C 243 -22.69 -21.86 15.56
C LEU C 243 -23.28 -22.71 16.67
N PRO C 244 -24.27 -22.18 17.40
CA PRO C 244 -25.06 -23.03 18.29
C PRO C 244 -25.73 -24.13 17.50
N LEU C 245 -25.76 -25.33 18.08
CA LEU C 245 -26.31 -26.48 17.38
C LEU C 245 -27.76 -26.26 16.98
N GLY C 246 -28.56 -25.68 17.89
CA GLY C 246 -29.97 -25.50 17.58
C GLY C 246 -30.20 -24.57 16.40
N LEU C 247 -29.33 -23.56 16.26
CA LEU C 247 -29.41 -22.65 15.12
C LEU C 247 -29.13 -23.37 13.81
N LEU C 248 -28.05 -24.14 13.77
CA LEU C 248 -27.70 -24.88 12.56
C LEU C 248 -28.79 -25.87 12.19
N GLU C 249 -29.42 -26.49 13.18
CA GLU C 249 -30.43 -27.52 12.91
C GLU C 249 -31.73 -26.95 12.39
N ARG C 250 -32.03 -25.66 12.57
CA ARG C 250 -33.23 -25.11 11.97
C ARG C 250 -32.92 -24.28 10.73
N ALA C 251 -31.72 -24.43 10.16
CA ALA C 251 -31.28 -23.68 8.99
C ALA C 251 -31.36 -24.53 7.73
N PHE C 252 -31.57 -23.86 6.60
CA PHE C 252 -31.18 -24.41 5.31
C PHE C 252 -29.66 -24.27 5.17
N VAL C 253 -28.96 -25.38 4.97
CA VAL C 253 -27.50 -25.39 4.99
C VAL C 253 -26.97 -25.82 3.63
N THR C 254 -26.03 -25.02 3.09
CA THR C 254 -25.29 -25.37 1.88
C THR C 254 -23.79 -25.29 2.19
N ALA C 255 -23.03 -26.29 1.76
CA ALA C 255 -21.59 -26.31 1.92
C ALA C 255 -20.91 -25.97 0.60
N ASP C 256 -19.72 -25.35 0.68
CA ASP C 256 -18.94 -25.19 -0.54
C ASP C 256 -18.43 -26.53 -1.02
N HIS C 257 -18.13 -27.45 -0.10
CA HIS C 257 -17.49 -28.72 -0.40
C HIS C 257 -18.06 -29.69 0.63
N PRO C 258 -19.07 -30.48 0.23
CA PRO C 258 -19.81 -31.27 1.24
C PRO C 258 -18.95 -32.18 2.10
N GLU C 259 -18.07 -32.98 1.49
CA GLU C 259 -17.25 -33.89 2.30
C GLU C 259 -16.31 -33.13 3.22
N GLN C 260 -15.72 -32.02 2.74
CA GLN C 260 -14.89 -31.22 3.61
C GLN C 260 -15.70 -30.61 4.76
N ALA C 261 -16.90 -30.11 4.45
CA ALA C 261 -17.72 -29.48 5.49
C ALA C 261 -18.15 -30.49 6.55
N LEU C 262 -18.45 -31.72 6.14
CA LEU C 262 -18.84 -32.72 7.13
C LEU C 262 -17.67 -33.08 8.04
N ARG C 263 -16.44 -32.93 7.56
CA ARG C 263 -15.25 -33.22 8.33
C ARG C 263 -14.78 -32.03 9.16
N GLU C 264 -14.81 -30.80 8.61
CA GLU C 264 -14.19 -29.64 9.25
C GLU C 264 -15.08 -28.40 9.30
N GLY C 265 -16.30 -28.44 8.75
CA GLY C 265 -17.17 -27.29 8.76
C GLY C 265 -18.13 -27.32 9.92
N GLU C 266 -19.05 -26.33 9.94
CA GLU C 266 -20.21 -26.43 10.81
C GLU C 266 -20.90 -27.77 10.68
N CYS C 267 -20.90 -28.36 9.48
CA CYS C 267 -21.64 -29.58 9.22
C CYS C 267 -21.10 -30.78 9.98
N GLN C 268 -19.90 -30.68 10.57
CA GLN C 268 -19.47 -31.69 11.55
C GLN C 268 -20.56 -31.92 12.61
N GLN C 269 -21.32 -30.88 12.96
CA GLN C 269 -22.40 -31.01 13.93
C GLN C 269 -23.60 -31.78 13.40
N LEU C 270 -23.66 -32.02 12.09
CA LEU C 270 -24.82 -32.62 11.45
C LEU C 270 -24.46 -33.97 10.84
N SER C 271 -25.49 -34.79 10.61
CA SER C 271 -25.33 -36.01 9.84
C SER C 271 -25.32 -35.67 8.35
N ALA C 272 -24.57 -36.48 7.59
CA ALA C 272 -24.28 -36.14 6.20
C ALA C 272 -25.53 -35.87 5.37
N ASP C 273 -26.65 -36.54 5.69
CA ASP C 273 -27.86 -36.36 4.91
C ASP C 273 -28.40 -34.93 5.01
N ARG C 274 -28.55 -34.42 6.22
CA ARG C 274 -29.22 -33.16 6.46
C ARG C 274 -28.69 -31.93 5.71
N LEU C 275 -27.59 -32.06 4.96
CA LEU C 275 -27.14 -30.93 4.15
C LEU C 275 -28.10 -30.69 2.99
N GLY C 276 -28.19 -29.42 2.59
CA GLY C 276 -28.92 -29.07 1.39
C GLY C 276 -28.03 -29.25 0.17
N PRO C 277 -28.48 -28.79 -0.99
CA PRO C 277 -27.62 -28.85 -2.18
C PRO C 277 -26.39 -27.97 -1.97
N GLN C 278 -25.28 -28.40 -2.55
CA GLN C 278 -24.02 -27.69 -2.39
C GLN C 278 -24.03 -26.37 -3.17
N LEU C 279 -23.07 -25.50 -2.83
CA LEU C 279 -23.05 -24.15 -3.38
C LEU C 279 -22.99 -24.18 -4.90
N ALA C 280 -22.20 -25.09 -5.48
CA ALA C 280 -22.08 -25.16 -6.93
C ALA C 280 -23.44 -25.42 -7.59
N HIS C 281 -24.27 -26.27 -6.98
CA HIS C 281 -25.61 -26.51 -7.49
C HIS C 281 -26.44 -25.23 -7.47
N LEU C 282 -26.33 -24.44 -6.39
CA LEU C 282 -27.09 -23.20 -6.33
C LEU C 282 -26.59 -22.19 -7.36
N CYS C 283 -25.28 -22.17 -7.65
CA CYS C 283 -24.76 -21.29 -8.68
C CYS C 283 -25.25 -21.69 -10.07
N ALA C 284 -25.37 -23.00 -10.34
CA ALA C 284 -25.84 -23.44 -11.66
C ALA C 284 -27.33 -23.23 -11.80
N ASP C 285 -28.08 -23.24 -10.70
CA ASP C 285 -29.54 -23.11 -10.72
C ASP C 285 -29.95 -22.17 -9.60
N PRO C 286 -29.80 -20.85 -9.80
CA PRO C 286 -30.05 -19.91 -8.70
C PRO C 286 -31.46 -19.95 -8.16
N ALA C 287 -32.43 -20.41 -8.96
CA ALA C 287 -33.80 -20.52 -8.46
C ALA C 287 -33.93 -21.56 -7.36
N ALA C 288 -33.00 -22.52 -7.26
CA ALA C 288 -33.04 -23.41 -6.10
C ALA C 288 -32.69 -22.68 -4.81
N ALA C 289 -32.03 -21.53 -4.90
CA ALA C 289 -31.68 -20.73 -3.74
C ALA C 289 -32.68 -19.62 -3.44
N ALA C 290 -33.31 -19.06 -4.48
CA ALA C 290 -34.11 -17.85 -4.29
C ALA C 290 -35.19 -18.04 -3.22
N GLY C 291 -35.85 -19.20 -3.20
CA GLY C 291 -36.83 -19.45 -2.16
C GLY C 291 -36.26 -19.47 -0.75
N ARG C 292 -34.94 -19.53 -0.59
CA ARG C 292 -34.31 -19.61 0.73
C ARG C 292 -33.84 -18.26 1.25
N GLN C 293 -34.05 -17.18 0.52
CA GLN C 293 -33.62 -15.87 0.97
C GLN C 293 -34.42 -15.39 2.17
N ASP C 294 -35.67 -15.81 2.29
CA ASP C 294 -36.55 -15.30 3.34
C ASP C 294 -36.55 -16.15 4.61
N THR C 295 -35.89 -17.29 4.61
CA THR C 295 -35.78 -18.12 5.81
C THR C 295 -34.31 -18.24 6.21
N LEU C 296 -34.07 -18.97 7.29
CA LEU C 296 -32.72 -19.05 7.84
C LEU C 296 -31.84 -19.90 6.93
N SER C 297 -30.70 -19.36 6.53
CA SER C 297 -29.76 -20.11 5.70
C SER C 297 -28.36 -19.99 6.26
N VAL C 298 -27.57 -21.06 6.06
CA VAL C 298 -26.15 -21.08 6.46
C VAL C 298 -25.32 -21.55 5.27
N PHE C 299 -24.35 -20.74 4.87
CA PHE C 299 -23.29 -21.17 3.95
C PHE C 299 -22.13 -21.68 4.79
N ASP C 300 -21.89 -22.99 4.73
CA ASP C 300 -20.81 -23.63 5.48
C ASP C 300 -19.57 -23.59 4.58
N SER C 301 -18.66 -22.66 4.87
CA SER C 301 -17.49 -22.40 4.03
C SER C 301 -16.27 -23.02 4.70
N THR C 302 -15.59 -23.92 3.97
CA THR C 302 -14.31 -24.47 4.38
C THR C 302 -13.16 -24.00 3.50
N GLY C 303 -13.45 -23.56 2.27
CA GLY C 303 -12.43 -23.25 1.29
C GLY C 303 -11.94 -24.50 0.60
N PHE C 304 -11.77 -24.45 -0.73
CA PHE C 304 -11.22 -25.60 -1.42
C PHE C 304 -10.37 -25.13 -2.60
N ALA C 305 -9.48 -26.02 -3.04
CA ALA C 305 -8.32 -25.61 -3.82
C ALA C 305 -8.69 -24.99 -5.16
N PHE C 306 -9.81 -25.42 -5.76
CA PHE C 306 -10.28 -24.82 -7.00
C PHE C 306 -10.45 -23.31 -6.86
N GLU C 307 -10.92 -22.84 -5.69
CA GLU C 307 -11.02 -21.40 -5.44
C GLU C 307 -9.64 -20.75 -5.51
N ASP C 308 -8.63 -21.43 -4.97
CA ASP C 308 -7.28 -20.89 -5.02
C ASP C 308 -6.73 -20.87 -6.44
N ALA C 309 -7.01 -21.91 -7.22
CA ALA C 309 -6.59 -21.93 -8.62
C ALA C 309 -7.23 -20.79 -9.41
N LEU C 310 -8.53 -20.54 -9.18
CA LEU C 310 -9.21 -19.48 -9.91
C LEU C 310 -8.68 -18.11 -9.53
N ALA C 311 -8.47 -17.88 -8.23
CA ALA C 311 -7.89 -16.61 -7.80
C ALA C 311 -6.47 -16.44 -8.34
N MET C 312 -5.67 -17.52 -8.31
CA MET C 312 -4.30 -17.42 -8.81
C MET C 312 -4.29 -17.05 -10.28
N GLU C 313 -5.20 -17.63 -11.06
CA GLU C 313 -5.31 -17.30 -12.48
C GLU C 313 -5.57 -15.81 -12.68
N VAL C 314 -6.42 -15.22 -11.83
CA VAL C 314 -6.69 -13.79 -11.93
C VAL C 314 -5.40 -13.00 -11.74
N PHE C 315 -4.59 -13.39 -10.75
CA PHE C 315 -3.32 -12.71 -10.53
C PHE C 315 -2.35 -12.95 -11.68
N LEU C 316 -2.30 -14.18 -12.20
CA LEU C 316 -1.35 -14.49 -13.25
C LEU C 316 -1.67 -13.72 -14.54
N GLU C 317 -2.96 -13.53 -14.84
CA GLU C 317 -3.33 -12.75 -16.01
C GLU C 317 -2.88 -11.30 -15.87
N ALA C 318 -3.10 -10.71 -14.69
CA ALA C 318 -2.69 -9.32 -14.48
C ALA C 318 -1.18 -9.20 -14.49
N ALA C 319 -0.48 -10.15 -13.86
CA ALA C 319 0.98 -10.09 -13.80
C ALA C 319 1.62 -10.31 -15.17
N ALA C 320 1.04 -11.21 -15.98
CA ALA C 320 1.61 -11.40 -17.31
C ALA C 320 1.40 -10.17 -18.19
N GLU C 321 0.22 -9.55 -18.06
CA GLU C 321 -0.09 -8.34 -18.83
C GLU C 321 0.93 -7.24 -18.59
N ARG C 322 1.55 -7.22 -17.41
CA ARG C 322 2.50 -6.19 -17.00
C ARG C 322 3.92 -6.71 -16.86
N ASP C 323 4.17 -7.94 -17.32
CA ASP C 323 5.50 -8.55 -17.28
C ASP C 323 6.11 -8.51 -15.89
N LEU C 324 5.30 -8.79 -14.87
CA LEU C 324 5.76 -8.80 -13.49
C LEU C 324 6.28 -10.18 -13.10
N GLY C 325 7.02 -10.21 -12.01
CA GLY C 325 7.58 -11.45 -11.49
C GLY C 325 8.99 -11.71 -12.00
N ILE C 326 9.55 -12.85 -11.57
CA ILE C 326 10.87 -13.29 -12.00
C ILE C 326 10.81 -14.75 -12.43
N ARG C 327 11.84 -15.17 -13.16
CA ARG C 327 12.03 -16.55 -13.58
C ARG C 327 13.20 -17.15 -12.80
N VAL C 328 12.98 -18.31 -12.20
CA VAL C 328 14.02 -18.98 -11.42
C VAL C 328 14.07 -20.43 -11.84
N GLY C 329 15.25 -20.88 -12.28
CA GLY C 329 15.45 -22.29 -12.53
C GLY C 329 15.60 -23.04 -11.22
N ILE C 330 14.49 -23.55 -10.68
CA ILE C 330 14.54 -24.24 -9.39
C ILE C 330 14.77 -25.73 -9.63
N GLU C 331 13.87 -26.34 -10.41
CA GLU C 331 14.02 -27.75 -10.75
C GLU C 331 15.29 -27.99 -11.56
N HIS C 332 15.95 -29.10 -11.27
CA HIS C 332 17.10 -29.56 -12.03
C HIS C 332 16.60 -30.35 -13.24
N HIS C 333 16.84 -29.83 -14.45
CA HIS C 333 16.51 -30.51 -15.70
C HIS C 333 17.81 -30.95 -16.38
N PRO C 334 18.35 -32.13 -16.04
CA PRO C 334 19.67 -32.50 -16.57
C PRO C 334 19.67 -32.59 -18.09
N GLY C 335 20.80 -32.22 -18.70
CA GLY C 335 20.90 -32.30 -20.15
C GLY C 335 20.58 -33.69 -20.67
N ASP C 336 20.88 -34.72 -19.88
CA ASP C 336 20.45 -36.08 -20.12
C ASP C 336 19.39 -36.42 -19.08
N ALA C 337 18.15 -36.65 -19.53
CA ALA C 337 17.03 -36.90 -18.62
C ALA C 337 17.29 -38.09 -17.72
N LEU C 338 18.18 -39.00 -18.10
CA LEU C 338 18.45 -40.22 -17.36
C LEU C 338 19.69 -40.11 -16.51
N ASP C 339 20.20 -38.91 -16.30
CA ASP C 339 21.45 -38.71 -15.56
C ASP C 339 21.24 -37.62 -14.52
N PRO C 340 20.89 -37.99 -13.29
CA PRO C 340 20.71 -36.97 -12.24
C PRO C 340 21.95 -36.11 -11.99
N TYR C 341 23.14 -36.58 -12.34
CA TYR C 341 24.34 -35.80 -12.11
C TYR C 341 24.70 -34.87 -13.26
N ALA C 342 24.00 -34.93 -14.39
CA ALA C 342 24.28 -34.06 -15.53
C ALA C 342 23.86 -32.63 -15.20
N LEU C 343 24.68 -31.98 -14.37
CA LEU C 343 24.43 -30.60 -13.95
C LEU C 343 25.15 -29.61 -14.88
N GLN C 344 24.89 -28.32 -14.65
CA GLN C 344 25.36 -27.11 -15.40
C GLN C 344 24.14 -26.41 -16.01
N MET D 1 11.66 -11.48 6.81
CA MET D 1 11.87 -12.89 6.50
C MET D 1 11.58 -13.17 5.03
N GLU D 2 12.49 -13.87 4.37
CA GLU D 2 12.34 -14.24 2.97
C GLU D 2 12.64 -15.72 2.80
N THR D 3 12.11 -16.31 1.73
CA THR D 3 12.36 -17.71 1.46
C THR D 3 13.73 -17.90 0.81
N TRP D 4 14.49 -18.85 1.34
CA TRP D 4 15.79 -19.20 0.81
C TRP D 4 15.61 -20.23 -0.31
N VAL D 5 15.93 -19.83 -1.55
CA VAL D 5 15.71 -20.66 -2.73
C VAL D 5 17.05 -21.13 -3.26
N LEU D 6 17.21 -22.44 -3.40
CA LEU D 6 18.39 -23.04 -4.02
C LEU D 6 18.03 -23.44 -5.45
N GLY D 7 18.59 -22.71 -6.43
CA GLY D 7 18.36 -23.03 -7.82
C GLY D 7 19.22 -24.19 -8.33
N ARG D 8 18.85 -24.65 -9.53
CA ARG D 8 19.60 -25.73 -10.19
C ARG D 8 21.10 -25.43 -10.20
N ARG D 9 21.47 -24.19 -10.50
CA ARG D 9 22.89 -23.82 -10.48
C ARG D 9 23.48 -23.92 -9.08
N ASP D 10 22.69 -23.61 -8.03
CA ASP D 10 23.24 -23.73 -6.69
C ASP D 10 23.42 -25.19 -6.29
N VAL D 11 22.49 -26.04 -6.71
CA VAL D 11 22.62 -27.47 -6.44
C VAL D 11 23.86 -28.01 -7.12
N ALA D 12 24.12 -27.55 -8.36
CA ALA D 12 25.32 -27.93 -9.09
C ALA D 12 26.59 -27.48 -8.37
N GLU D 13 26.60 -26.26 -7.85
CA GLU D 13 27.74 -25.78 -7.08
C GLU D 13 28.01 -26.67 -5.87
N VAL D 14 26.95 -27.05 -5.14
CA VAL D 14 27.12 -27.95 -3.99
C VAL D 14 27.81 -29.24 -4.41
N VAL D 15 27.38 -29.84 -5.51
CA VAL D 15 27.99 -31.09 -5.96
C VAL D 15 29.46 -30.86 -6.33
N ALA D 16 29.72 -29.80 -7.09
CA ALA D 16 31.08 -29.50 -7.51
C ALA D 16 31.99 -29.20 -6.33
N ALA D 17 31.47 -28.50 -5.30
CA ALA D 17 32.31 -28.14 -4.17
C ALA D 17 32.47 -29.30 -3.18
N VAL D 18 31.41 -30.06 -2.95
CA VAL D 18 31.50 -31.13 -1.96
C VAL D 18 32.09 -32.40 -2.57
N GLY D 19 31.82 -32.66 -3.85
CA GLY D 19 32.18 -33.92 -4.46
C GLY D 19 31.04 -34.91 -4.45
N ARG D 20 30.90 -35.70 -5.52
CA ARG D 20 29.80 -36.66 -5.60
C ARG D 20 29.90 -37.72 -4.51
N ASP D 21 31.10 -38.27 -4.30
CA ASP D 21 31.26 -39.33 -3.32
C ASP D 21 30.95 -38.82 -1.91
N GLU D 22 31.53 -37.67 -1.56
CA GLU D 22 31.35 -37.13 -0.21
C GLU D 22 29.89 -36.80 0.06
N LEU D 23 29.21 -36.18 -0.91
CA LEU D 23 27.79 -35.86 -0.77
C LEU D 23 26.97 -37.11 -0.49
N MET D 24 27.17 -38.15 -1.32
CA MET D 24 26.43 -39.39 -1.12
C MET D 24 26.75 -40.03 0.23
N ARG D 25 28.01 -40.00 0.67
CA ARG D 25 28.33 -40.56 1.98
C ARG D 25 27.64 -39.79 3.10
N ARG D 26 27.56 -38.46 2.98
CA ARG D 26 26.87 -37.66 3.99
C ARG D 26 25.42 -38.06 4.09
N ILE D 27 24.77 -38.30 2.95
CA ILE D 27 23.37 -38.69 2.95
C ILE D 27 23.23 -40.11 3.49
N ILE D 28 24.12 -41.02 3.09
CA ILE D 28 24.09 -42.37 3.65
C ILE D 28 24.19 -42.33 5.17
N ASP D 29 25.12 -41.52 5.70
CA ASP D 29 25.32 -41.48 7.14
C ASP D 29 24.12 -40.86 7.87
N ARG D 30 23.57 -39.76 7.34
CA ARG D 30 22.41 -39.15 8.00
C ARG D 30 21.21 -40.08 7.95
N LEU D 31 21.02 -40.76 6.81
CA LEU D 31 19.92 -41.70 6.69
C LEU D 31 20.05 -42.83 7.70
N THR D 32 21.27 -43.38 7.84
CA THR D 32 21.48 -44.44 8.82
C THR D 32 21.15 -43.96 10.23
N GLY D 33 21.67 -42.80 10.61
CA GLY D 33 21.34 -42.24 11.91
C GLY D 33 19.86 -42.01 12.09
N GLY D 34 19.22 -41.35 11.12
CA GLY D 34 17.79 -41.09 11.22
C GLY D 34 16.98 -42.37 11.35
N LEU D 35 17.29 -43.38 10.55
CA LEU D 35 16.54 -44.63 10.61
C LEU D 35 16.70 -45.30 11.97
N ALA D 36 17.92 -45.30 12.52
CA ALA D 36 18.13 -45.87 13.84
C ALA D 36 17.29 -45.15 14.88
N GLU D 37 17.22 -43.82 14.80
CA GLU D 37 16.35 -43.05 15.69
C GLU D 37 14.91 -43.50 15.57
N ILE D 38 14.44 -43.75 14.35
CA ILE D 38 13.09 -44.29 14.18
C ILE D 38 13.00 -45.68 14.79
N GLY D 39 14.00 -46.53 14.53
CA GLY D 39 13.96 -47.87 15.08
C GLY D 39 13.91 -47.89 16.60
N ARG D 40 14.50 -46.88 17.23
CA ARG D 40 14.46 -46.72 18.68
C ARG D 40 13.22 -45.99 19.17
N GLY D 41 12.31 -45.60 18.28
CA GLY D 41 11.13 -44.88 18.70
C GLY D 41 11.36 -43.43 19.07
N GLU D 42 12.54 -42.88 18.77
CA GLU D 42 12.81 -41.47 19.03
C GLU D 42 12.25 -40.57 17.95
N ARG D 43 11.92 -41.13 16.78
CA ARG D 43 11.27 -40.44 15.68
C ARG D 43 10.28 -41.39 15.03
N HIS D 44 9.48 -40.88 14.11
CA HIS D 44 8.40 -41.67 13.52
C HIS D 44 8.43 -41.63 12.00
N LEU D 45 7.92 -42.68 11.39
CA LEU D 45 7.76 -42.69 9.95
C LEU D 45 6.86 -41.53 9.53
N SER D 46 7.12 -41.01 8.33
CA SER D 46 6.26 -39.97 7.76
C SER D 46 4.87 -40.53 7.50
N PRO D 47 3.84 -39.69 7.50
CA PRO D 47 2.51 -40.17 7.11
C PRO D 47 2.54 -40.75 5.70
N LEU D 48 1.51 -41.53 5.39
CA LEU D 48 1.37 -41.99 4.01
C LEU D 48 1.31 -40.79 3.09
N ARG D 49 2.01 -40.87 1.96
CA ARG D 49 1.87 -39.84 0.97
C ARG D 49 0.53 -39.97 0.23
N GLY D 50 0.16 -38.92 -0.50
CA GLY D 50 -0.98 -38.97 -1.38
C GLY D 50 -0.61 -38.46 -2.76
N GLY D 51 -1.52 -38.63 -3.72
CA GLY D 51 -1.20 -38.29 -5.09
C GLY D 51 -2.42 -38.24 -5.97
N LEU D 52 -2.21 -37.68 -7.16
CA LEU D 52 -3.23 -37.54 -8.19
C LEU D 52 -2.78 -38.34 -9.41
N GLU D 53 -3.49 -39.43 -9.72
CA GLU D 53 -3.16 -40.24 -10.88
C GLU D 53 -3.41 -39.48 -12.18
N ARG D 54 -2.55 -39.72 -13.17
CA ARG D 54 -2.72 -39.13 -14.49
C ARG D 54 -2.53 -40.24 -15.52
N SER D 55 -3.31 -40.20 -16.62
CA SER D 55 -3.32 -41.30 -17.57
C SER D 55 -2.60 -41.00 -18.89
N GLU D 56 -2.43 -39.71 -19.26
CA GLU D 56 -1.79 -39.32 -20.52
C GLU D 56 -0.46 -38.63 -20.26
N PRO D 57 0.57 -38.86 -21.10
CA PRO D 57 0.55 -39.75 -22.28
C PRO D 57 0.64 -41.23 -21.91
N VAL D 58 1.22 -41.52 -20.74
CA VAL D 58 1.19 -42.87 -20.15
C VAL D 58 0.85 -42.68 -18.67
N PRO D 59 0.32 -43.73 -18.03
CA PRO D 59 -0.12 -43.54 -16.63
C PRO D 59 1.03 -43.15 -15.70
N GLY D 60 0.81 -42.09 -14.95
CA GLY D 60 1.78 -41.63 -13.98
C GLY D 60 1.06 -41.11 -12.75
N ILE D 61 1.76 -40.41 -11.87
CA ILE D 61 1.11 -39.90 -10.66
C ILE D 61 1.93 -38.71 -10.16
N TRP D 62 1.24 -37.72 -9.62
CA TRP D 62 1.88 -36.57 -9.01
C TRP D 62 1.54 -36.57 -7.52
N GLU D 63 2.57 -36.51 -6.67
CA GLU D 63 2.43 -36.85 -5.26
C GLU D 63 2.94 -35.72 -4.36
N TRP D 64 2.36 -35.68 -3.16
CA TRP D 64 2.81 -34.80 -2.10
C TRP D 64 3.30 -35.69 -0.96
N MET D 65 4.42 -35.31 -0.35
CA MET D 65 5.07 -36.12 0.67
C MET D 65 5.49 -35.24 1.81
N PRO D 66 4.65 -35.11 2.85
CA PRO D 66 5.01 -34.30 4.01
C PRO D 66 5.73 -35.12 5.07
N HIS D 67 6.54 -34.40 5.85
CA HIS D 67 7.15 -34.92 7.06
C HIS D 67 7.30 -33.76 8.04
N ARG D 68 6.89 -33.98 9.29
CA ARG D 68 6.93 -32.96 10.32
C ARG D 68 7.93 -33.32 11.41
N GLU D 69 8.81 -32.36 11.73
CA GLU D 69 9.63 -32.42 12.94
C GLU D 69 9.02 -31.45 13.95
N PRO D 70 8.22 -31.93 14.90
CA PRO D 70 7.42 -31.03 15.75
C PRO D 70 8.26 -29.97 16.44
N GLY D 71 7.81 -28.73 16.35
CA GLY D 71 8.54 -27.59 16.90
C GLY D 71 9.66 -27.09 16.03
N ASP D 72 10.09 -27.85 15.02
CA ASP D 72 11.18 -27.42 14.14
C ASP D 72 10.66 -27.00 12.77
N HIS D 73 10.36 -27.95 11.90
CA HIS D 73 9.90 -27.59 10.57
C HIS D 73 9.11 -28.73 9.94
N ILE D 74 8.42 -28.39 8.86
CA ILE D 74 7.66 -29.32 8.03
C ILE D 74 8.35 -29.38 6.67
N THR D 75 8.63 -30.59 6.22
CA THR D 75 9.15 -30.79 4.88
C THR D 75 8.01 -31.28 3.97
N LEU D 76 7.93 -30.71 2.77
CA LEU D 76 6.99 -31.20 1.76
C LEU D 76 7.73 -31.38 0.44
N LYS D 77 7.81 -32.62 -0.03
CA LYS D 77 8.26 -32.83 -1.40
C LYS D 77 7.04 -32.96 -2.30
N THR D 78 7.04 -32.22 -3.40
CA THR D 78 6.05 -32.37 -4.45
C THR D 78 6.79 -32.95 -5.65
N VAL D 79 6.33 -34.11 -6.14
CA VAL D 79 7.13 -34.88 -7.09
C VAL D 79 6.20 -35.61 -8.07
N GLY D 80 6.47 -35.46 -9.36
CA GLY D 80 5.78 -36.22 -10.39
C GLY D 80 6.54 -37.46 -10.81
N TYR D 81 5.78 -38.52 -11.11
CA TYR D 81 6.28 -39.70 -11.83
C TYR D 81 5.55 -39.69 -13.17
N SER D 82 6.31 -39.48 -14.24
CA SER D 82 5.72 -39.27 -15.56
C SER D 82 6.63 -39.97 -16.56
N PRO D 83 6.46 -41.29 -16.75
CA PRO D 83 7.52 -42.10 -17.36
C PRO D 83 7.72 -41.87 -18.85
N ALA D 84 6.85 -41.12 -19.51
CA ALA D 84 7.12 -40.71 -20.89
C ALA D 84 7.93 -39.43 -20.97
N ASN D 85 8.20 -38.77 -19.84
CA ASN D 85 8.96 -37.52 -19.84
C ASN D 85 10.27 -37.61 -20.62
N PRO D 86 11.13 -38.62 -20.41
CA PRO D 86 12.40 -38.61 -21.16
C PRO D 86 12.21 -38.64 -22.66
N ALA D 87 11.47 -39.61 -23.19
CA ALA D 87 11.39 -39.77 -24.64
C ALA D 87 10.57 -38.67 -25.30
N ARG D 88 9.51 -38.19 -24.64
CA ARG D 88 8.65 -37.18 -25.25
C ARG D 88 9.12 -35.76 -25.03
N PHE D 89 9.69 -35.44 -23.87
CA PHE D 89 9.98 -34.05 -23.57
C PHE D 89 11.42 -33.81 -23.16
N GLY D 90 12.26 -34.84 -23.11
CA GLY D 90 13.62 -34.64 -22.63
C GLY D 90 13.68 -34.22 -21.17
N LEU D 91 12.67 -34.57 -20.39
CA LEU D 91 12.67 -34.25 -18.97
C LEU D 91 12.79 -35.52 -18.15
N PRO D 92 13.26 -35.43 -16.91
CA PRO D 92 13.33 -36.65 -16.10
C PRO D 92 11.93 -37.15 -15.76
N THR D 93 11.83 -38.48 -15.67
CA THR D 93 10.61 -39.12 -15.21
C THR D 93 10.21 -38.62 -13.83
N ILE D 94 11.18 -38.52 -12.92
CA ILE D 94 10.93 -38.03 -11.57
C ILE D 94 11.29 -36.55 -11.56
N LEU D 95 10.29 -35.71 -11.34
CA LEU D 95 10.45 -34.26 -11.41
C LEU D 95 9.76 -33.64 -10.21
N GLY D 96 10.53 -32.99 -9.34
CA GLY D 96 9.92 -32.39 -8.18
C GLY D 96 10.79 -31.35 -7.51
N THR D 97 10.26 -30.86 -6.38
CA THR D 97 10.87 -29.83 -5.55
C THR D 97 10.59 -30.18 -4.10
N VAL D 98 11.46 -29.70 -3.20
CA VAL D 98 11.32 -29.93 -1.76
C VAL D 98 11.26 -28.57 -1.08
N ALA D 99 10.22 -28.36 -0.26
CA ALA D 99 10.04 -27.11 0.46
C ALA D 99 10.10 -27.36 1.96
N ARG D 100 10.50 -26.32 2.68
CA ARG D 100 10.57 -26.38 4.13
C ARG D 100 9.79 -25.22 4.72
N TYR D 101 8.95 -25.52 5.69
CA TYR D 101 8.07 -24.58 6.36
C TYR D 101 8.41 -24.58 7.85
N ASP D 102 8.48 -23.40 8.45
CA ASP D 102 8.62 -23.31 9.89
C ASP D 102 7.41 -23.95 10.59
N ASP D 103 7.67 -24.92 11.48
CA ASP D 103 6.57 -25.60 12.15
C ASP D 103 5.81 -24.68 13.09
N THR D 104 6.49 -23.68 13.66
CA THR D 104 5.82 -22.80 14.63
C THR D 104 4.87 -21.83 13.96
N THR D 105 5.30 -21.18 12.86
CA THR D 105 4.50 -20.15 12.20
C THR D 105 3.87 -20.57 10.89
N GLY D 106 4.32 -21.66 10.28
CA GLY D 106 3.87 -22.04 8.96
C GLY D 106 4.62 -21.42 7.81
N ALA D 107 5.55 -20.50 8.07
CA ALA D 107 6.20 -19.73 7.02
C ALA D 107 7.05 -20.62 6.11
N LEU D 108 7.05 -20.32 4.81
CA LEU D 108 7.92 -21.01 3.86
C LEU D 108 9.34 -20.48 4.00
N THR D 109 10.26 -21.31 4.50
CA THR D 109 11.62 -20.85 4.77
C THR D 109 12.66 -21.29 3.72
N ALA D 110 12.47 -22.43 3.05
CA ALA D 110 13.46 -22.90 2.07
C ALA D 110 12.77 -23.67 0.95
N LEU D 111 13.32 -23.58 -0.26
CA LEU D 111 12.80 -24.32 -1.40
C LEU D 111 13.93 -24.69 -2.34
N MET D 112 13.96 -25.94 -2.81
CA MET D 112 15.05 -26.39 -3.66
C MET D 112 14.58 -27.51 -4.59
N ASP D 113 15.40 -27.77 -5.61
CA ASP D 113 15.20 -28.89 -6.51
C ASP D 113 15.04 -30.20 -5.75
N GLY D 114 14.16 -31.07 -6.24
CA GLY D 114 14.06 -32.42 -5.70
C GLY D 114 14.57 -33.54 -6.59
N VAL D 115 14.93 -33.21 -7.85
CA VAL D 115 15.39 -34.24 -8.80
C VAL D 115 16.67 -34.92 -8.28
N LEU D 116 17.74 -34.14 -8.11
CA LEU D 116 18.99 -34.75 -7.67
C LEU D 116 18.85 -35.33 -6.27
N LEU D 117 18.27 -34.54 -5.36
CA LEU D 117 18.08 -34.97 -3.98
C LEU D 117 17.36 -36.31 -3.90
N THR D 118 16.31 -36.48 -4.72
CA THR D 118 15.58 -37.75 -4.69
C THR D 118 16.49 -38.90 -5.09
N ALA D 119 17.21 -38.74 -6.19
CA ALA D 119 18.09 -39.81 -6.65
C ALA D 119 19.16 -40.15 -5.62
N LEU D 120 19.73 -39.12 -4.96
CA LEU D 120 20.75 -39.37 -3.95
C LEU D 120 20.21 -40.15 -2.76
N ARG D 121 19.06 -39.74 -2.21
CA ARG D 121 18.60 -40.43 -1.01
C ARG D 121 18.04 -41.80 -1.35
N THR D 122 17.61 -41.99 -2.60
CA THR D 122 17.13 -43.31 -3.00
C THR D 122 18.29 -44.29 -3.16
N GLY D 123 19.39 -43.85 -3.77
CA GLY D 123 20.61 -44.66 -3.72
C GLY D 123 21.08 -44.88 -2.29
N ALA D 124 21.06 -43.82 -1.48
CA ALA D 124 21.54 -43.93 -0.10
C ALA D 124 20.75 -44.98 0.67
N ALA D 125 19.42 -45.01 0.47
CA ALA D 125 18.62 -45.95 1.24
C ALA D 125 18.94 -47.40 0.86
N SER D 126 19.15 -47.65 -0.44
CA SER D 126 19.60 -48.98 -0.87
C SER D 126 20.96 -49.33 -0.26
N ALA D 127 21.87 -48.36 -0.18
CA ALA D 127 23.18 -48.64 0.43
C ALA D 127 23.05 -48.97 1.91
N VAL D 128 22.18 -48.25 2.62
CA VAL D 128 21.91 -48.58 4.03
C VAL D 128 21.40 -50.01 4.15
N ALA D 129 20.45 -50.39 3.29
CA ALA D 129 19.87 -51.72 3.39
C ALA D 129 20.87 -52.79 2.96
N SER D 130 21.63 -52.52 1.90
CA SER D 130 22.51 -53.55 1.36
C SER D 130 23.72 -53.78 2.25
N ARG D 131 24.19 -52.73 2.93
CA ARG D 131 25.23 -52.90 3.92
C ARG D 131 24.80 -53.92 4.99
N LEU D 132 23.52 -53.91 5.38
CA LEU D 132 23.03 -54.85 6.37
C LEU D 132 22.73 -56.23 5.80
N LEU D 133 22.33 -56.32 4.53
CA LEU D 133 21.74 -57.55 4.02
C LEU D 133 22.49 -58.18 2.86
N ALA D 134 23.41 -57.46 2.23
CA ALA D 134 24.26 -58.04 1.19
C ALA D 134 25.55 -58.58 1.79
N ARG D 135 26.12 -59.60 1.16
CA ARG D 135 27.42 -60.09 1.60
C ARG D 135 28.43 -58.95 1.48
N PRO D 136 29.24 -58.70 2.51
CA PRO D 136 30.22 -57.60 2.41
C PRO D 136 31.25 -57.78 1.32
N ASP D 137 31.43 -58.99 0.79
CA ASP D 137 32.31 -59.21 -0.34
C ASP D 137 31.57 -59.28 -1.67
N SER D 138 30.31 -58.80 -1.70
CA SER D 138 29.57 -58.70 -2.97
C SER D 138 30.39 -57.98 -4.03
N HIS D 139 30.54 -58.60 -5.19
CA HIS D 139 31.32 -58.07 -6.29
C HIS D 139 30.50 -57.71 -7.52
N THR D 140 29.39 -58.39 -7.76
CA THR D 140 28.57 -58.19 -8.95
C THR D 140 27.24 -57.58 -8.55
N LEU D 141 26.97 -56.37 -9.05
CA LEU D 141 25.67 -55.73 -8.92
C LEU D 141 24.85 -55.98 -10.18
N GLY D 142 23.58 -56.34 -10.01
CA GLY D 142 22.64 -56.39 -11.12
C GLY D 142 21.73 -55.16 -11.08
N LEU D 143 21.40 -54.62 -12.26
CA LEU D 143 20.45 -53.53 -12.36
C LEU D 143 19.43 -53.85 -13.45
N ILE D 144 18.15 -53.84 -13.08
CA ILE D 144 17.04 -53.90 -14.04
C ILE D 144 16.41 -52.52 -14.07
N GLY D 145 16.36 -51.93 -15.25
CA GLY D 145 16.03 -50.52 -15.37
C GLY D 145 17.32 -49.73 -15.25
N THR D 146 17.74 -49.09 -16.34
CA THR D 146 18.98 -48.30 -16.32
C THR D 146 18.65 -46.86 -16.65
N GLY D 147 17.68 -46.29 -15.94
CA GLY D 147 17.31 -44.90 -16.08
C GLY D 147 18.02 -44.03 -15.06
N ALA D 148 17.29 -43.04 -14.54
CA ALA D 148 17.89 -42.08 -13.60
C ALA D 148 18.25 -42.74 -12.27
N GLN D 149 17.33 -43.50 -11.67
CA GLN D 149 17.62 -44.05 -10.35
C GLN D 149 18.81 -45.02 -10.40
N ALA D 150 18.96 -45.74 -11.50
CA ALA D 150 20.02 -46.73 -11.60
C ALA D 150 21.39 -46.10 -11.41
N VAL D 151 21.56 -44.85 -11.85
CA VAL D 151 22.84 -44.16 -11.71
C VAL D 151 23.25 -44.06 -10.25
N THR D 152 22.31 -43.64 -9.38
CA THR D 152 22.64 -43.50 -7.97
C THR D 152 22.54 -44.82 -7.20
N GLN D 153 21.75 -45.78 -7.68
CA GLN D 153 21.84 -47.11 -7.10
C GLN D 153 23.27 -47.63 -7.19
N LEU D 154 23.85 -47.56 -8.41
CA LEU D 154 25.22 -48.05 -8.60
C LEU D 154 26.20 -47.22 -7.79
N HIS D 155 26.06 -45.89 -7.82
CA HIS D 155 26.99 -45.03 -7.12
C HIS D 155 27.00 -45.34 -5.62
N ALA D 156 25.82 -45.31 -4.99
CA ALA D 156 25.76 -45.53 -3.55
C ALA D 156 26.22 -46.93 -3.17
N LEU D 157 25.82 -47.95 -3.94
CA LEU D 157 26.22 -49.30 -3.62
C LEU D 157 27.72 -49.53 -3.84
N SER D 158 28.32 -48.84 -4.81
CA SER D 158 29.78 -48.95 -5.00
C SER D 158 30.54 -48.33 -3.84
N LEU D 159 29.90 -47.50 -3.03
CA LEU D 159 30.55 -46.88 -1.90
C LEU D 159 30.51 -47.73 -0.64
N VAL D 160 29.63 -48.72 -0.58
CA VAL D 160 29.55 -49.58 0.60
C VAL D 160 29.91 -51.02 0.30
N LEU D 161 30.07 -51.38 -0.97
CA LEU D 161 30.42 -52.73 -1.36
C LEU D 161 31.54 -52.69 -2.37
N PRO D 162 32.43 -53.69 -2.35
CA PRO D 162 33.56 -53.71 -3.29
C PRO D 162 33.15 -54.20 -4.67
N LEU D 163 32.27 -53.42 -5.32
CA LEU D 163 31.72 -53.83 -6.60
C LEU D 163 32.79 -53.81 -7.68
N GLN D 164 32.87 -54.90 -8.46
CA GLN D 164 33.76 -54.97 -9.62
C GLN D 164 33.04 -54.80 -10.94
N ARG D 165 31.74 -55.09 -10.97
CA ARG D 165 31.04 -55.32 -12.22
C ARG D 165 29.55 -55.05 -11.98
N ALA D 166 28.89 -54.50 -12.99
CA ALA D 166 27.45 -54.27 -12.96
C ALA D 166 26.85 -54.86 -14.23
N LEU D 167 25.98 -55.86 -14.07
CA LEU D 167 25.24 -56.44 -15.20
C LEU D 167 23.88 -55.75 -15.26
N VAL D 168 23.58 -55.13 -16.39
CA VAL D 168 22.46 -54.20 -16.44
C VAL D 168 21.53 -54.55 -17.60
N TRP D 169 20.24 -54.31 -17.39
CA TRP D 169 19.24 -54.50 -18.44
C TRP D 169 18.22 -53.38 -18.39
N ASP D 170 17.72 -53.03 -19.58
CA ASP D 170 16.64 -52.07 -19.77
C ASP D 170 15.89 -52.52 -21.02
N THR D 171 14.57 -52.34 -21.01
CA THR D 171 13.80 -52.70 -22.19
C THR D 171 14.01 -51.73 -23.34
N ASP D 172 14.51 -50.53 -23.06
CA ASP D 172 14.78 -49.57 -24.12
C ASP D 172 16.25 -49.69 -24.51
N PRO D 173 16.56 -50.10 -25.75
CA PRO D 173 17.98 -50.26 -26.14
C PRO D 173 18.82 -49.01 -25.99
N ALA D 174 18.29 -47.84 -26.37
CA ALA D 174 19.06 -46.63 -26.18
C ALA D 174 19.41 -46.42 -24.70
N HIS D 175 18.48 -46.75 -23.78
CA HIS D 175 18.73 -46.49 -22.37
C HIS D 175 19.77 -47.43 -21.80
N ARG D 176 19.80 -48.68 -22.24
CA ARG D 176 20.85 -49.55 -21.71
C ARG D 176 22.20 -49.25 -22.37
N GLU D 177 22.22 -48.77 -23.61
CA GLU D 177 23.50 -48.46 -24.25
C GLU D 177 24.18 -47.28 -23.60
N SER D 178 23.40 -46.29 -23.13
CA SER D 178 23.97 -45.07 -22.57
C SER D 178 24.36 -45.21 -21.10
N PHE D 179 23.99 -46.31 -20.44
CA PHE D 179 24.21 -46.38 -19.00
C PHE D 179 25.69 -46.34 -18.65
N ALA D 180 26.53 -47.06 -19.41
CA ALA D 180 27.95 -47.11 -19.10
C ALA D 180 28.55 -45.70 -19.07
N ARG D 181 28.16 -44.84 -20.01
CA ARG D 181 28.62 -43.46 -20.00
C ARG D 181 28.19 -42.73 -18.73
N ARG D 182 26.91 -42.88 -18.35
CA ARG D 182 26.41 -42.22 -17.15
C ARG D 182 26.98 -42.83 -15.87
N ALA D 183 27.48 -44.07 -15.93
CA ALA D 183 28.06 -44.75 -14.78
C ALA D 183 29.57 -44.57 -14.67
N ALA D 184 30.21 -43.97 -15.69
CA ALA D 184 31.66 -44.01 -15.81
C ALA D 184 32.37 -43.49 -14.56
N PHE D 185 31.84 -42.42 -13.95
CA PHE D 185 32.53 -41.77 -12.84
C PHE D 185 32.73 -42.71 -11.65
N THR D 186 31.96 -43.80 -11.57
CA THR D 186 32.11 -44.72 -10.44
C THR D 186 33.24 -45.72 -10.63
N GLY D 187 33.76 -45.87 -11.85
CA GLY D 187 34.78 -46.86 -12.10
C GLY D 187 34.32 -48.30 -12.16
N VAL D 188 33.04 -48.58 -11.92
CA VAL D 188 32.55 -49.95 -11.97
C VAL D 188 32.25 -50.31 -13.42
N SER D 189 32.85 -51.41 -13.89
CA SER D 189 32.62 -51.84 -15.27
C SER D 189 31.18 -52.29 -15.46
N VAL D 190 30.58 -51.86 -16.57
CA VAL D 190 29.18 -52.14 -16.88
C VAL D 190 29.13 -53.10 -18.05
N GLU D 191 28.32 -54.17 -17.92
CA GLU D 191 27.97 -55.05 -19.03
C GLU D 191 26.46 -55.14 -19.18
N ILE D 192 25.99 -55.02 -20.43
CA ILE D 192 24.59 -55.33 -20.72
C ILE D 192 24.38 -56.83 -20.64
N ALA D 193 23.34 -57.24 -19.91
CA ALA D 193 23.02 -58.64 -19.67
C ALA D 193 21.52 -58.75 -19.51
N GLU D 194 20.96 -59.86 -19.98
CA GLU D 194 19.53 -60.10 -19.91
C GLU D 194 19.13 -60.51 -18.50
N PRO D 195 17.86 -60.31 -18.13
CA PRO D 195 17.45 -60.53 -16.74
C PRO D 195 17.77 -61.90 -16.18
N ALA D 196 17.60 -62.98 -16.98
CA ALA D 196 17.96 -64.31 -16.48
C ALA D 196 19.43 -64.38 -16.08
N ARG D 197 20.32 -63.80 -16.89
CA ARG D 197 21.75 -63.82 -16.54
C ARG D 197 22.03 -62.97 -15.30
N ILE D 198 21.36 -61.82 -15.20
CA ILE D 198 21.51 -60.99 -14.00
C ILE D 198 21.08 -61.75 -12.78
N ALA D 199 19.93 -62.44 -12.87
CA ALA D 199 19.43 -63.21 -11.74
C ALA D 199 20.42 -64.30 -11.33
N ALA D 200 21.06 -64.94 -12.29
CA ALA D 200 21.94 -66.06 -11.98
C ALA D 200 23.29 -65.61 -11.41
N GLU D 201 23.75 -64.42 -11.77
CA GLU D 201 25.14 -64.06 -11.48
C GLU D 201 25.32 -62.98 -10.42
N ALA D 202 24.27 -62.23 -10.08
CA ALA D 202 24.47 -61.06 -9.24
C ALA D 202 24.54 -61.43 -7.77
N ASP D 203 25.36 -60.69 -7.02
CA ASP D 203 25.35 -60.78 -5.56
C ASP D 203 24.31 -59.86 -4.96
N VAL D 204 24.03 -58.75 -5.65
CA VAL D 204 23.06 -57.74 -5.22
C VAL D 204 22.40 -57.20 -6.48
N ILE D 205 21.10 -56.94 -6.41
CA ILE D 205 20.34 -56.40 -7.53
C ILE D 205 19.53 -55.22 -7.03
N SER D 206 19.44 -54.17 -7.85
CA SER D 206 18.44 -53.14 -7.69
C SER D 206 17.54 -53.16 -8.92
N THR D 207 16.23 -53.26 -8.70
CA THR D 207 15.24 -53.03 -9.75
C THR D 207 14.71 -51.62 -9.57
N ALA D 208 14.74 -50.84 -10.66
CA ALA D 208 14.28 -49.46 -10.65
C ALA D 208 13.75 -49.14 -12.05
N THR D 209 12.58 -49.68 -12.38
CA THR D 209 12.00 -49.53 -13.71
C THR D 209 10.75 -48.67 -13.66
N SER D 210 10.38 -48.17 -14.86
CA SER D 210 9.07 -47.59 -15.08
C SER D 210 8.07 -48.60 -15.62
N VAL D 211 8.17 -49.87 -15.22
CA VAL D 211 7.26 -50.89 -15.73
C VAL D 211 5.83 -50.50 -15.36
N ALA D 212 4.90 -50.75 -16.29
CA ALA D 212 3.50 -50.42 -16.10
C ALA D 212 2.87 -51.31 -15.02
N VAL D 213 1.75 -50.82 -14.47
CA VAL D 213 0.95 -51.62 -13.55
C VAL D 213 0.64 -52.97 -14.20
N GLY D 214 0.87 -54.04 -13.45
CA GLY D 214 0.48 -55.37 -13.86
C GLY D 214 1.40 -56.04 -14.87
N GLN D 215 2.49 -55.40 -15.28
CA GLN D 215 3.35 -55.95 -16.31
C GLN D 215 4.65 -56.52 -15.77
N GLY D 216 4.76 -56.68 -14.45
CA GLY D 216 5.89 -57.39 -13.90
C GLY D 216 5.72 -58.89 -14.08
N PRO D 217 6.74 -59.66 -13.66
CA PRO D 217 7.98 -59.19 -13.04
C PRO D 217 9.01 -58.73 -14.06
N VAL D 218 9.99 -57.95 -13.62
CA VAL D 218 11.08 -57.50 -14.50
C VAL D 218 12.31 -58.38 -14.36
N LEU D 219 12.32 -59.27 -13.39
CA LEU D 219 13.40 -60.22 -13.13
C LEU D 219 12.72 -61.59 -13.03
N PRO D 220 13.16 -62.58 -13.79
CA PRO D 220 12.48 -63.88 -13.75
C PRO D 220 12.83 -64.67 -12.49
N ASP D 221 11.90 -65.53 -12.08
CA ASP D 221 12.12 -66.42 -10.95
C ASP D 221 12.83 -67.65 -11.47
N THR D 222 14.15 -67.55 -11.55
CA THR D 222 14.97 -68.65 -12.01
C THR D 222 16.06 -68.85 -10.95
N GLY D 223 17.18 -69.44 -11.34
CA GLY D 223 18.23 -69.75 -10.39
C GLY D 223 18.92 -68.49 -9.92
N VAL D 224 18.90 -68.23 -8.62
CA VAL D 224 19.62 -67.10 -8.04
C VAL D 224 20.62 -67.61 -7.03
N ARG D 225 21.63 -66.80 -6.76
CA ARG D 225 22.62 -67.15 -5.76
C ARG D 225 22.02 -67.11 -4.35
N GLU D 226 22.53 -67.97 -3.47
CA GLU D 226 21.91 -68.18 -2.17
C GLU D 226 21.88 -66.90 -1.33
N HIS D 227 22.92 -66.06 -1.45
CA HIS D 227 23.10 -64.88 -0.64
C HIS D 227 22.47 -63.62 -1.25
N LEU D 228 21.75 -63.76 -2.37
CA LEU D 228 21.26 -62.62 -3.13
C LEU D 228 20.48 -61.64 -2.26
N HIS D 229 20.85 -60.36 -2.36
CA HIS D 229 20.05 -59.28 -1.81
C HIS D 229 19.49 -58.43 -2.93
N ILE D 230 18.20 -58.10 -2.85
CA ILE D 230 17.52 -57.28 -3.85
C ILE D 230 16.99 -56.01 -3.21
N ASN D 231 17.36 -54.85 -3.76
CA ASN D 231 16.68 -53.60 -3.47
C ASN D 231 15.60 -53.42 -4.52
N ALA D 232 14.34 -53.54 -4.12
CA ALA D 232 13.24 -53.31 -5.04
C ALA D 232 12.84 -51.85 -4.91
N VAL D 233 13.19 -51.06 -5.92
CA VAL D 233 13.11 -49.61 -5.84
C VAL D 233 11.97 -49.03 -6.66
N GLY D 234 11.62 -49.66 -7.79
CA GLY D 234 10.51 -49.17 -8.59
C GLY D 234 9.26 -49.07 -7.76
N ALA D 235 8.52 -47.96 -7.88
CA ALA D 235 7.33 -47.71 -7.06
C ALA D 235 6.63 -46.46 -7.57
N ASP D 236 5.36 -46.59 -7.88
CA ASP D 236 4.59 -45.43 -8.29
C ASP D 236 3.11 -45.68 -8.08
N LEU D 237 2.51 -46.49 -8.94
CA LEU D 237 1.08 -46.73 -8.96
C LEU D 237 0.74 -48.01 -8.19
N VAL D 238 -0.45 -48.02 -7.62
CA VAL D 238 -0.98 -49.23 -6.99
C VAL D 238 -1.05 -50.32 -8.06
N GLY D 239 -0.57 -51.51 -7.71
CA GLY D 239 -0.55 -52.61 -8.64
C GLY D 239 0.72 -52.73 -9.44
N LYS D 240 1.66 -51.79 -9.29
CA LYS D 240 2.95 -51.87 -9.96
C LYS D 240 3.93 -52.65 -9.09
N THR D 241 4.46 -53.75 -9.62
CA THR D 241 5.45 -54.57 -8.93
C THR D 241 6.52 -55.02 -9.91
N GLU D 242 7.66 -55.44 -9.36
CA GLU D 242 8.82 -55.77 -10.16
C GLU D 242 9.35 -57.18 -9.95
N LEU D 243 9.06 -57.81 -8.81
CA LEU D 243 9.67 -59.10 -8.49
C LEU D 243 8.68 -60.24 -8.65
N PRO D 244 9.16 -61.46 -8.89
CA PRO D 244 8.25 -62.61 -8.92
C PRO D 244 7.79 -62.99 -7.52
N LEU D 245 6.51 -63.31 -7.40
CA LEU D 245 5.94 -63.73 -6.12
C LEU D 245 6.73 -64.89 -5.52
N GLY D 246 7.04 -65.90 -6.34
CA GLY D 246 7.74 -67.08 -5.83
C GLY D 246 9.06 -66.72 -5.17
N LEU D 247 9.80 -65.79 -5.77
CA LEU D 247 11.02 -65.30 -5.14
C LEU D 247 10.71 -64.57 -3.83
N LEU D 248 9.70 -63.68 -3.88
CA LEU D 248 9.37 -62.86 -2.71
C LEU D 248 8.98 -63.72 -1.52
N GLU D 249 8.20 -64.78 -1.76
CA GLU D 249 7.69 -65.62 -0.68
C GLU D 249 8.78 -66.38 0.06
N ARG D 250 9.94 -66.62 -0.57
CA ARG D 250 11.03 -67.30 0.10
C ARG D 250 12.16 -66.35 0.50
N ALA D 251 11.88 -65.06 0.60
CA ALA D 251 12.91 -64.09 0.96
C ALA D 251 12.64 -63.54 2.34
N PHE D 252 13.70 -63.09 2.99
CA PHE D 252 13.57 -62.19 4.12
C PHE D 252 13.28 -60.80 3.56
N VAL D 253 12.13 -60.21 3.92
CA VAL D 253 11.71 -58.96 3.31
C VAL D 253 11.67 -57.86 4.37
N THR D 254 12.43 -56.79 4.15
CA THR D 254 12.37 -55.61 5.00
C THR D 254 11.88 -54.42 4.18
N ALA D 255 10.88 -53.72 4.70
CA ALA D 255 10.32 -52.56 4.04
C ALA D 255 10.84 -51.30 4.72
N ASP D 256 11.02 -50.23 3.93
CA ASP D 256 11.40 -48.96 4.53
C ASP D 256 10.24 -48.37 5.30
N HIS D 257 9.02 -48.64 4.86
CA HIS D 257 7.82 -48.01 5.41
C HIS D 257 6.71 -49.00 5.18
N PRO D 258 6.45 -49.89 6.15
CA PRO D 258 5.61 -51.07 5.87
C PRO D 258 4.22 -50.74 5.37
N GLU D 259 3.55 -49.78 6.00
CA GLU D 259 2.21 -49.40 5.55
C GLU D 259 2.26 -48.89 4.12
N GLN D 260 3.23 -48.02 3.83
CA GLN D 260 3.36 -47.54 2.46
C GLN D 260 3.72 -48.67 1.50
N ALA D 261 4.61 -49.56 1.94
CA ALA D 261 5.07 -50.67 1.10
C ALA D 261 3.95 -51.66 0.82
N LEU D 262 3.06 -51.88 1.79
CA LEU D 262 1.95 -52.79 1.55
C LEU D 262 1.01 -52.25 0.49
N ARG D 263 0.96 -50.92 0.32
CA ARG D 263 0.09 -50.32 -0.69
C ARG D 263 0.79 -50.12 -2.04
N GLU D 264 2.10 -49.78 -2.04
CA GLU D 264 2.77 -49.38 -3.28
C GLU D 264 4.07 -50.12 -3.58
N GLY D 265 4.57 -50.96 -2.66
CA GLY D 265 5.80 -51.67 -2.86
C GLY D 265 5.57 -53.11 -3.28
N GLU D 266 6.65 -53.90 -3.24
CA GLU D 266 6.52 -55.33 -3.46
C GLU D 266 5.64 -55.96 -2.39
N CYS D 267 5.58 -55.37 -1.20
CA CYS D 267 4.76 -55.93 -0.14
C CYS D 267 3.28 -55.91 -0.47
N GLN D 268 2.90 -55.28 -1.59
CA GLN D 268 1.57 -55.50 -2.14
C GLN D 268 1.28 -56.98 -2.35
N GLN D 269 2.30 -57.76 -2.66
CA GLN D 269 2.09 -59.17 -2.94
C GLN D 269 2.08 -60.03 -1.68
N LEU D 270 2.23 -59.44 -0.49
CA LEU D 270 2.42 -60.21 0.73
C LEU D 270 1.43 -59.78 1.80
N SER D 271 1.38 -60.60 2.85
CA SER D 271 0.63 -60.29 4.06
C SER D 271 1.54 -59.58 5.04
N ALA D 272 0.96 -58.66 5.82
CA ALA D 272 1.77 -57.84 6.72
C ALA D 272 2.54 -58.69 7.70
N ASP D 273 2.07 -59.91 8.00
CA ASP D 273 2.78 -60.76 8.97
C ASP D 273 3.94 -61.52 8.34
N ARG D 274 3.97 -61.64 7.01
CA ARG D 274 5.10 -62.30 6.38
C ARG D 274 6.36 -61.44 6.39
N LEU D 275 6.27 -60.16 6.74
CA LEU D 275 7.40 -59.26 6.60
C LEU D 275 8.34 -59.37 7.81
N GLY D 276 9.63 -59.23 7.53
CA GLY D 276 10.58 -59.09 8.61
C GLY D 276 10.52 -57.71 9.21
N PRO D 277 11.40 -57.47 10.19
CA PRO D 277 11.46 -56.13 10.80
C PRO D 277 11.76 -55.07 9.75
N GLN D 278 11.14 -53.91 9.92
CA GLN D 278 11.33 -52.83 8.96
C GLN D 278 12.77 -52.32 9.00
N LEU D 279 13.15 -51.58 7.95
CA LEU D 279 14.53 -51.11 7.84
C LEU D 279 14.97 -50.33 9.08
N ALA D 280 14.06 -49.54 9.67
CA ALA D 280 14.44 -48.75 10.85
C ALA D 280 14.84 -49.64 12.02
N HIS D 281 14.14 -50.76 12.19
CA HIS D 281 14.46 -51.68 13.28
C HIS D 281 15.82 -52.33 13.07
N LEU D 282 16.11 -52.74 11.84
CA LEU D 282 17.42 -53.31 11.54
C LEU D 282 18.54 -52.30 11.77
N CYS D 283 18.28 -51.02 11.46
CA CYS D 283 19.33 -50.02 11.68
C CYS D 283 19.58 -49.79 13.16
N ALA D 284 18.53 -49.85 13.98
CA ALA D 284 18.72 -49.68 15.41
C ALA D 284 19.34 -50.91 16.04
N ASP D 285 19.13 -52.07 15.44
CA ASP D 285 19.58 -53.35 16.00
C ASP D 285 20.08 -54.23 14.86
N PRO D 286 21.26 -53.93 14.31
CA PRO D 286 21.76 -54.73 13.18
C PRO D 286 21.84 -56.22 13.46
N ALA D 287 21.88 -56.61 14.74
CA ALA D 287 21.84 -58.03 15.09
C ALA D 287 20.57 -58.70 14.60
N ALA D 288 19.46 -57.96 14.54
CA ALA D 288 18.22 -58.51 14.01
C ALA D 288 18.34 -58.96 12.55
N ALA D 289 19.41 -58.57 11.86
CA ALA D 289 19.66 -59.00 10.50
C ALA D 289 20.75 -60.07 10.41
N ALA D 290 21.18 -60.61 11.56
CA ALA D 290 22.26 -61.59 11.57
C ALA D 290 21.87 -62.84 10.79
N GLY D 291 22.78 -63.33 9.96
CA GLY D 291 22.53 -64.49 9.13
C GLY D 291 21.78 -64.21 7.84
N ARG D 292 21.20 -63.01 7.70
CA ARG D 292 20.42 -62.68 6.51
C ARG D 292 21.28 -62.36 5.30
N GLN D 293 22.55 -62.00 5.49
CA GLN D 293 23.40 -61.72 4.34
C GLN D 293 23.59 -62.97 3.48
N ASP D 294 23.61 -64.15 4.10
CA ASP D 294 23.92 -65.39 3.40
C ASP D 294 22.70 -66.05 2.78
N THR D 295 21.51 -65.51 2.99
CA THR D 295 20.30 -66.06 2.38
C THR D 295 19.58 -64.95 1.62
N LEU D 296 18.49 -65.33 0.96
CA LEU D 296 17.75 -64.42 0.11
C LEU D 296 17.11 -63.32 0.93
N SER D 297 17.37 -62.08 0.56
CA SER D 297 16.80 -60.92 1.25
C SER D 297 16.28 -59.93 0.21
N VAL D 298 15.25 -59.20 0.59
CA VAL D 298 14.66 -58.17 -0.27
C VAL D 298 14.41 -56.92 0.55
N PHE D 299 14.95 -55.80 0.10
CA PHE D 299 14.64 -54.48 0.65
C PHE D 299 13.53 -53.89 -0.23
N ASP D 300 12.35 -53.71 0.34
CA ASP D 300 11.23 -53.11 -0.38
C ASP D 300 11.26 -51.61 -0.13
N SER D 301 11.64 -50.85 -1.15
CA SER D 301 11.84 -49.41 -1.04
C SER D 301 10.72 -48.67 -1.77
N THR D 302 10.04 -47.76 -1.04
CA THR D 302 9.09 -46.84 -1.64
C THR D 302 9.48 -45.37 -1.51
N GLY D 303 10.44 -45.05 -0.64
CA GLY D 303 10.78 -43.67 -0.36
C GLY D 303 9.79 -43.03 0.60
N PHE D 304 10.27 -42.18 1.50
CA PHE D 304 9.34 -41.45 2.34
C PHE D 304 9.99 -40.15 2.75
N ALA D 305 9.15 -39.19 3.14
CA ALA D 305 9.56 -37.79 3.14
C ALA D 305 10.64 -37.48 4.16
N PHE D 306 10.74 -38.27 5.24
CA PHE D 306 11.86 -38.09 6.18
C PHE D 306 13.20 -38.22 5.47
N GLU D 307 13.31 -39.17 4.52
CA GLU D 307 14.52 -39.29 3.74
C GLU D 307 14.83 -38.01 2.99
N ASP D 308 13.81 -37.38 2.40
CA ASP D 308 14.02 -36.11 1.69
C ASP D 308 14.38 -34.99 2.65
N ALA D 309 13.83 -34.99 3.87
CA ALA D 309 14.18 -33.98 4.85
C ALA D 309 15.65 -34.08 5.24
N LEU D 310 16.12 -35.31 5.49
CA LEU D 310 17.52 -35.52 5.83
C LEU D 310 18.43 -35.10 4.68
N ALA D 311 18.07 -35.49 3.45
CA ALA D 311 18.87 -35.10 2.30
C ALA D 311 18.85 -33.59 2.09
N MET D 312 17.69 -32.95 2.33
CA MET D 312 17.64 -31.50 2.17
C MET D 312 18.55 -30.81 3.19
N GLU D 313 18.56 -31.31 4.43
CA GLU D 313 19.44 -30.73 5.44
C GLU D 313 20.89 -30.77 4.98
N VAL D 314 21.33 -31.88 4.36
CA VAL D 314 22.71 -31.97 3.89
C VAL D 314 23.01 -30.88 2.87
N PHE D 315 22.08 -30.64 1.94
CA PHE D 315 22.29 -29.57 0.95
C PHE D 315 22.25 -28.19 1.62
N LEU D 316 21.37 -28.00 2.59
CA LEU D 316 21.25 -26.67 3.19
C LEU D 316 22.51 -26.32 3.98
N GLU D 317 23.06 -27.27 4.73
CA GLU D 317 24.32 -27.03 5.42
C GLU D 317 25.42 -26.64 4.44
N ALA D 318 25.59 -27.41 3.37
CA ALA D 318 26.67 -27.13 2.44
C ALA D 318 26.45 -25.80 1.71
N ALA D 319 25.21 -25.51 1.31
CA ALA D 319 24.95 -24.26 0.62
C ALA D 319 25.16 -23.05 1.52
N ALA D 320 24.79 -23.20 2.80
CA ALA D 320 24.95 -22.11 3.75
C ALA D 320 26.42 -21.79 3.97
N GLU D 321 27.23 -22.82 4.22
CA GLU D 321 28.68 -22.63 4.41
C GLU D 321 29.31 -21.90 3.23
N ARG D 322 28.76 -22.06 2.03
CA ARG D 322 29.28 -21.40 0.84
C ARG D 322 28.44 -20.22 0.41
N ASP D 323 27.47 -19.80 1.22
CA ASP D 323 26.67 -18.61 0.93
C ASP D 323 25.96 -18.70 -0.43
N LEU D 324 25.45 -19.89 -0.75
CA LEU D 324 24.76 -20.10 -2.02
C LEU D 324 23.26 -19.85 -1.89
N GLY D 325 22.62 -19.63 -3.03
CA GLY D 325 21.19 -19.48 -3.12
C GLY D 325 20.76 -18.04 -3.16
N ILE D 326 19.46 -17.83 -3.36
CA ILE D 326 18.88 -16.50 -3.30
C ILE D 326 17.81 -16.46 -2.22
N ARG D 327 17.45 -15.23 -1.85
CA ARG D 327 16.36 -14.96 -0.93
C ARG D 327 15.28 -14.23 -1.70
N VAL D 328 14.05 -14.72 -1.63
CA VAL D 328 12.91 -14.14 -2.33
C VAL D 328 11.78 -13.97 -1.33
N GLY D 329 11.19 -12.77 -1.29
CA GLY D 329 10.01 -12.52 -0.50
C GLY D 329 8.78 -12.96 -1.26
N ILE D 330 8.29 -14.17 -0.94
CA ILE D 330 7.17 -14.74 -1.69
C ILE D 330 5.88 -14.54 -0.91
N GLU D 331 5.87 -15.03 0.34
CA GLU D 331 4.73 -14.82 1.22
C GLU D 331 4.54 -13.35 1.53
N HIS D 332 3.28 -12.93 1.54
CA HIS D 332 2.93 -11.59 1.96
C HIS D 332 2.79 -11.59 3.48
N HIS D 333 3.67 -10.85 4.16
CA HIS D 333 3.60 -10.64 5.60
C HIS D 333 3.12 -9.20 5.83
N PRO D 334 1.82 -8.96 5.95
CA PRO D 334 1.33 -7.58 6.03
C PRO D 334 1.86 -6.88 7.27
N GLY D 335 2.02 -5.55 7.17
CA GLY D 335 2.53 -4.77 8.28
C GLY D 335 1.61 -4.77 9.48
N ASP D 336 0.33 -5.02 9.24
CA ASP D 336 -0.67 -5.26 10.27
C ASP D 336 -1.17 -6.67 10.03
N ALA D 337 -0.88 -7.58 10.97
CA ALA D 337 -1.18 -9.01 10.80
C ALA D 337 -2.66 -9.30 10.61
N LEU D 338 -3.55 -8.39 11.00
CA LEU D 338 -4.99 -8.58 10.88
C LEU D 338 -5.56 -7.90 9.65
N ASP D 339 -4.70 -7.41 8.76
CA ASP D 339 -5.12 -6.61 7.60
C ASP D 339 -4.48 -7.23 6.36
N PRO D 340 -5.20 -8.08 5.63
CA PRO D 340 -4.61 -8.66 4.41
C PRO D 340 -4.25 -7.64 3.36
N TYR D 341 -4.85 -6.44 3.37
CA TYR D 341 -4.55 -5.42 2.37
C TYR D 341 -3.36 -4.54 2.74
N ALA D 342 -2.73 -4.74 3.90
CA ALA D 342 -1.58 -3.95 4.35
C ALA D 342 -0.31 -4.50 3.69
N LEU D 343 -0.17 -4.22 2.40
CA LEU D 343 1.05 -4.59 1.69
C LEU D 343 2.14 -3.57 1.97
N GLN D 344 3.36 -4.05 2.21
CA GLN D 344 4.47 -3.17 2.58
C GLN D 344 5.35 -2.77 1.39
NA NA E . 8.03 24.08 -17.73
PA NAD F . 12.68 14.79 -7.72
O1A NAD F . 13.75 15.39 -6.86
O2A NAD F . 11.84 13.64 -7.25
O5B NAD F . 13.36 14.34 -9.11
C5B NAD F . 14.20 15.23 -9.83
C4B NAD F . 15.27 14.38 -10.50
O4B NAD F . 15.94 15.14 -11.52
C3B NAD F . 16.33 13.91 -9.50
O3B NAD F . 16.44 12.48 -9.60
C2B NAD F . 17.62 14.58 -9.98
O2B NAD F . 18.77 13.74 -9.83
C1B NAD F . 17.32 14.79 -11.46
N9A NAD F . 18.13 15.82 -12.12
C8A NAD F . 18.62 16.97 -11.61
N7A NAD F . 19.31 17.65 -12.58
C5A NAD F . 19.27 16.91 -13.70
C6A NAD F . 19.78 17.02 -15.07
N6A NAD F . 20.51 18.08 -15.46
N1A NAD F . 19.50 16.03 -15.93
C2A NAD F . 18.78 14.94 -15.58
N3A NAD F . 18.28 14.77 -14.35
C4A NAD F . 18.49 15.71 -13.39
O3 NAD F . 11.75 16.03 -8.14
PN NAD F . 10.31 15.88 -8.83
O1N NAD F . 10.37 14.78 -9.88
O2N NAD F . 9.27 15.84 -7.75
O5D NAD F . 10.17 17.29 -9.59
C5D NAD F . 10.86 17.55 -10.82
C4D NAD F . 10.54 18.97 -11.31
O4D NAD F . 9.16 19.05 -11.67
C3D NAD F . 10.73 20.03 -10.24
O3D NAD F . 11.22 21.19 -10.92
C2D NAD F . 9.33 20.33 -9.76
O2D NAD F . 9.25 21.62 -9.17
C1D NAD F . 8.57 20.19 -11.07
N1N NAD F . 7.13 19.99 -10.94
C2N NAD F . 6.34 20.50 -11.90
C3N NAD F . 4.96 20.34 -11.86
C7N NAD F . 4.11 20.91 -12.96
O7N NAD F . 2.90 20.94 -12.83
N7N NAD F . 4.72 21.32 -14.10
C4N NAD F . 4.37 19.66 -10.78
C5N NAD F . 5.21 19.13 -9.79
C6N NAD F . 6.60 19.30 -9.90
N DAB G . 5.13 23.76 -10.13
CA DAB G . 4.64 22.84 -9.15
C DAB G . 3.12 22.79 -9.10
O DAB G . 2.58 22.23 -8.09
CB DAB G . 5.18 23.19 -7.78
CG DAB G . 6.68 22.98 -7.74
ND DAB G . 7.38 24.19 -8.06
OXT DAB G . 2.42 23.30 -10.03
NA NA H . -6.43 50.69 7.95
PA NAD I . -17.32 42.56 12.90
O1A NAD I . -18.33 42.34 11.81
O2A NAD I . -17.25 41.74 14.15
O5B NAD I . -17.49 44.08 13.40
C5B NAD I . -17.67 45.15 12.49
C4B NAD I . -18.70 46.10 13.09
O4B NAD I . -18.68 47.34 12.40
C3B NAD I . -20.13 45.58 13.03
O3B NAD I . -20.65 45.57 14.36
C2B NAD I . -20.86 46.60 12.19
O2B NAD I . -22.17 46.82 12.68
C1B NAD I . -20.00 47.84 12.38
N9A NAD I . -20.11 48.86 11.33
C8A NAD I . -20.28 48.69 9.99
N7A NAD I . -20.33 49.89 9.38
C5A NAD I . -20.19 50.85 10.32
C6A NAD I . -20.14 52.33 10.38
N6A NAD I . -20.28 53.05 9.25
N1A NAD I . -19.97 52.95 11.57
C2A NAD I . -19.86 52.22 12.71
N3A NAD I . -19.90 50.88 12.74
C4A NAD I . -20.06 50.16 11.61
O3 NAD I . -15.87 42.63 12.16
PN NAD I . -14.44 42.76 12.88
O1N NAD I . -14.55 43.64 14.11
O2N NAD I . -13.85 41.37 13.01
O5D NAD I . -13.62 43.52 11.72
C5D NAD I . -13.66 44.95 11.58
C4D NAD I . -12.71 45.37 10.45
O4D NAD I . -11.36 45.18 10.86
C3D NAD I . -12.90 44.56 9.19
O3D NAD I . -12.79 45.48 8.11
C2D NAD I . -11.71 43.62 9.18
O2D NAD I . -11.37 43.22 7.84
C1D NAD I . -10.65 44.49 9.83
N1N NAD I . -9.53 43.77 10.45
C2N NAD I . -8.33 44.37 10.42
C3N NAD I . -7.23 43.77 11.00
C7N NAD I . -5.91 44.49 10.97
O7N NAD I . -4.89 43.90 11.36
N7N NAD I . -5.89 45.77 10.60
C4N NAD I . -7.38 42.54 11.64
C5N NAD I . -8.65 41.95 11.68
C6N NAD I . -9.73 42.60 11.07
N DAB J . -6.71 42.60 7.70
CA DAB J . -7.05 41.35 8.31
C DAB J . -5.80 40.62 8.78
O DAB J . -5.94 39.43 9.23
CB DAB J . -7.81 40.47 7.33
CG DAB J . -9.01 41.18 6.75
ND DAB J . -8.63 41.82 5.52
OXT DAB J . -4.67 41.21 8.73
NA NA K . -17.19 -23.51 8.30
PA NAD L . -7.25 -14.05 12.57
O1A NAD L . -6.42 -14.64 13.68
O2A NAD L . -6.76 -12.91 11.72
O5B NAD L . -8.66 -13.63 13.18
C5B NAD L . -9.41 -14.49 14.02
C4B NAD L . -10.08 -13.60 15.06
O4B NAD L . -11.09 -14.33 15.75
C3B NAD L . -9.12 -13.05 16.11
O3B NAD L . -9.26 -11.63 16.06
C2B NAD L . -9.63 -13.63 17.43
O2B NAD L . -9.55 -12.73 18.52
C1B NAD L . -11.10 -13.84 17.08
N9A NAD L . -11.81 -14.80 17.94
C8A NAD L . -11.31 -15.94 18.47
N7A NAD L . -12.28 -16.57 19.18
C5A NAD L . -13.41 -15.81 19.11
C6A NAD L . -14.78 -15.89 19.64
N6A NAD L . -15.18 -16.93 20.42
N1A NAD L . -15.65 -14.90 19.30
C2A NAD L . -15.27 -13.84 18.52
N3A NAD L . -14.04 -13.70 18.02
C4A NAD L . -13.09 -14.65 18.27
O3 NAD L . -7.62 -15.30 11.61
PN NAD L . -8.35 -15.21 10.18
O1N NAD L . -9.41 -14.15 10.16
O2N NAD L . -7.28 -15.20 9.09
O5D NAD L . -9.04 -16.66 10.20
C5D NAD L . -10.34 -16.84 10.78
C4D NAD L . -10.81 -18.27 10.53
O4D NAD L . -11.22 -18.45 9.16
C3D NAD L . -9.72 -19.30 10.80
O3D NAD L . -10.34 -20.41 11.45
C2D NAD L . -9.24 -19.71 9.43
O2D NAD L . -8.72 -21.04 9.46
C1D NAD L . -10.53 -19.60 8.64
N1N NAD L . -10.38 -19.48 7.18
C2N NAD L . -11.33 -20.05 6.42
C3N NAD L . -11.26 -19.95 5.04
C7N NAD L . -12.36 -20.55 4.21
O7N NAD L . -12.17 -20.68 3.02
N7N NAD L . -13.53 -20.86 4.78
C4N NAD L . -10.21 -19.27 4.42
C5N NAD L . -9.24 -18.67 5.24
C6N NAD L . -9.36 -18.79 6.63
N DAB M . -9.39 -23.19 5.44
CA DAB M . -8.32 -22.39 4.90
C DAB M . -8.30 -22.31 3.38
O DAB M . -7.29 -21.75 2.82
CB DAB M . -7.00 -22.93 5.41
CG DAB M . -6.90 -22.77 6.91
ND DAB M . -7.33 -23.94 7.60
OXT DAB M . -9.29 -22.78 2.70
NA NA N . 9.05 -51.11 -4.04
PA NAD O . 13.50 -43.46 -15.54
O1A NAD O . 12.30 -43.29 -16.46
O2A NAD O . 14.63 -42.46 -15.55
O5B NAD O . 14.06 -44.96 -15.61
C5B NAD O . 13.14 -46.04 -15.71
C4B NAD O . 13.72 -47.06 -16.68
O4B NAD O . 13.02 -48.29 -16.57
C3B NAD O . 13.57 -46.60 -18.13
O3B NAD O . 14.87 -46.59 -18.71
C2B NAD O . 12.67 -47.65 -18.77
O2B NAD O . 12.97 -47.90 -20.16
C1B NAD O . 12.97 -48.84 -17.89
N9A NAD O . 12.00 -49.95 -17.90
C8A NAD O . 10.65 -49.88 -18.00
N7A NAD O . 10.11 -51.13 -17.93
C5A NAD O . 11.13 -52.00 -17.79
C6A NAD O . 11.25 -53.47 -17.64
N6A NAD O . 10.13 -54.23 -17.67
N1A NAD O . 12.48 -54.00 -17.51
C2A NAD O . 13.58 -53.22 -17.50
N3A NAD O . 13.54 -51.88 -17.62
C4A NAD O . 12.36 -51.23 -17.76
O3 NAD O . 12.80 -43.47 -14.09
PN NAD O . 13.58 -43.51 -12.69
O1N NAD O . 14.83 -44.37 -12.73
O2N NAD O . 13.71 -42.07 -12.22
O5D NAD O . 12.47 -44.26 -11.79
C5D NAD O . 12.34 -45.68 -11.80
C4D NAD O . 11.30 -46.12 -10.75
O4D NAD O . 11.79 -45.85 -9.44
C3D NAD O . 9.98 -45.38 -10.86
O3D NAD O . 8.94 -46.33 -10.57
C2D NAD O . 10.04 -44.35 -9.74
O2D NAD O . 8.75 -43.89 -9.32
C1D NAD O . 10.78 -45.15 -8.69
N1N NAD O . 11.39 -44.33 -7.63
C2N NAD O . 11.45 -44.86 -6.39
C3N NAD O . 12.01 -44.16 -5.34
C7N NAD O . 12.08 -44.81 -4.00
O7N NAD O . 12.42 -44.18 -3.02
N7N NAD O . 11.83 -46.12 -3.94
C4N NAD O . 12.54 -42.89 -5.55
C5N NAD O . 12.48 -42.38 -6.86
C6N NAD O . 11.91 -43.14 -7.89
N DAB P . 8.51 -43.04 -4.73
CA DAB P . 9.19 -41.85 -5.17
C DAB P . 9.74 -41.04 -4.01
O DAB P . 9.76 -41.56 -2.83
CB DAB P . 8.24 -40.99 -6.01
CG DAB P . 7.71 -41.84 -7.15
ND DAB P . 6.29 -42.01 -7.09
OXT DAB P . 10.20 -39.86 -4.23
#